data_3ABS
#
_entry.id   3ABS
#
_cell.length_a   242.730
_cell.length_b   242.730
_cell.length_c   76.660
_cell.angle_alpha   90.00
_cell.angle_beta   90.00
_cell.angle_gamma   120.00
#
_symmetry.space_group_name_H-M   'P 63'
#
loop_
_entity.id
_entity.type
_entity.pdbx_description
1 polymer 'Ethanolamine ammonia-lyase heavy chain'
2 polymer 'Ethanolamine ammonia-lyase light chain'
3 non-polymer CO-(ADENIN-9-YL-PENTYL)-COBALAMIN
4 non-polymer ETHANOLAMINE
5 non-polymer GLYCEROL
6 non-polymer 'SULFATE ION'
7 water water
#
loop_
_entity_poly.entity_id
_entity_poly.type
_entity_poly.pdbx_seq_one_letter_code
_entity_poly.pdbx_strand_id
1 'polypeptide(L)'
;MKLKTTLFGNVYQFKDVKEVLAKANELRSGDVLAGVAAASSQERVAAKQVLSEMTVADIRNNPVIAYEDDCVTRLIQDDV
NETAYNQIKNWSISELREYVLSDETSVDDIAFTRKGLTSEVVAAVAKICSNADLIYGAKKMPVIKKANTTIGIPGTFSAR
LQPNDTRDDVQSIAAQIYEGLSFGVGDAVIGVNPVTDDVENLSRVLDTIYGVIDKFNIPTQGCVLAHVTTQIEAIRRGAP
GGLIFQSICGSEKGLKEFGVELAMLDEARAVGAEFNRIAGENCLYFETGQGSALSAGANFGADQVTMEARNYGLARHYDP
FIVNTVVGFIGPEYLYNDRQIIRAGLEDHFMGKLSGISMGCDCCYTNHADADQNLNENLMILLATAGCNYIMGMPLGDDI
MLNYQTTAFHDTATVRQLLNLRPSPEFERWLESMGIMANGRLTKRAGDPSLFF
;
A,C
2 'polypeptide(L)'
;MDQSSHHHHHHMDQKQIEEIVRSVMASMGQAAPAPSEAKCATTNCAAPVTSESCALDLGSAEAKAWIGVENPHRADVLTE
LRRSTVARVCTGRAGPRPRTQALLRFLADHSRSKDTVLKEVPEEWVKAQGLLEVRSEISDKNLYLTRPDMGRRLCAEAVE
ALKAQCVANPDVQVVISDGLSTDAITVNYEEILPPLMAGLKQAGLKVGTPFFVRYGRVKIEDQIGEILGAKVVILLVGER
PGLGQSESLSCYAVYSPRMATTVEADRTCISNIHQGGTPPVEAAAVIVDLAKRMLEQKASGINMTR
;
B,D
#
# COMPACT_ATOMS: atom_id res chain seq x y z
N MET A 1 -30.74 -8.67 19.98
CA MET A 1 -29.31 -8.46 19.63
C MET A 1 -28.59 -7.56 20.63
N LYS A 2 -27.32 -7.87 20.86
CA LYS A 2 -26.48 -7.09 21.75
C LYS A 2 -25.84 -5.94 20.98
N LEU A 3 -25.98 -4.73 21.51
CA LEU A 3 -25.45 -3.54 20.86
C LEU A 3 -24.26 -2.95 21.62
N LYS A 4 -23.71 -3.72 22.55
CA LYS A 4 -22.55 -3.27 23.32
C LYS A 4 -21.57 -4.40 23.66
N THR A 5 -20.34 -3.99 23.99
CA THR A 5 -19.32 -4.90 24.50
C THR A 5 -18.41 -4.17 25.49
N THR A 6 -17.65 -4.93 26.26
CA THR A 6 -16.63 -4.36 27.12
C THR A 6 -15.25 -4.65 26.54
N LEU A 7 -14.42 -3.61 26.42
CA LEU A 7 -13.07 -3.75 25.92
C LEU A 7 -12.08 -3.02 26.84
N PHE A 8 -11.14 -3.78 27.39
CA PHE A 8 -10.17 -3.30 28.40
C PHE A 8 -10.83 -2.61 29.59
N GLY A 9 -11.97 -3.13 30.03
CA GLY A 9 -12.69 -2.59 31.18
C GLY A 9 -13.70 -1.51 30.86
N ASN A 10 -13.61 -0.93 29.65
CA ASN A 10 -14.49 0.14 29.22
C ASN A 10 -15.66 -0.39 28.39
N VAL A 11 -16.85 0.11 28.66
CA VAL A 11 -18.05 -0.32 27.94
C VAL A 11 -18.23 0.52 26.66
N TYR A 12 -18.46 -0.17 25.54
CA TYR A 12 -18.66 0.49 24.24
C TYR A 12 -20.08 0.29 23.72
N GLN A 13 -20.92 1.29 23.93
CA GLN A 13 -22.33 1.21 23.58
C GLN A 13 -22.58 1.75 22.17
N PHE A 14 -23.46 1.11 21.43
CA PHE A 14 -23.85 1.55 20.10
C PHE A 14 -25.37 1.64 19.99
N LYS A 15 -25.86 2.63 19.23
CA LYS A 15 -27.28 2.94 19.22
C LYS A 15 -28.12 2.04 18.29
N ASP A 16 -27.55 1.69 17.14
CA ASP A 16 -28.23 0.83 16.18
C ASP A 16 -27.26 0.05 15.29
N VAL A 17 -27.81 -0.82 14.44
CA VAL A 17 -27.02 -1.61 13.51
C VAL A 17 -26.22 -0.72 12.56
N LYS A 18 -26.90 0.26 11.97
CA LYS A 18 -26.29 1.21 11.04
C LYS A 18 -25.01 1.85 11.60
N GLU A 19 -25.02 2.20 12.89
CA GLU A 19 -23.85 2.75 13.56
C GLU A 19 -22.70 1.75 13.71
N VAL A 20 -23.04 0.52 14.14
CA VAL A 20 -22.05 -0.56 14.29
C VAL A 20 -21.36 -0.87 12.96
N LEU A 21 -22.17 -0.99 11.90
CA LEU A 21 -21.67 -1.22 10.54
C LEU A 21 -20.72 -0.11 10.10
N ALA A 22 -21.03 1.12 10.49
CA ALA A 22 -20.25 2.28 10.10
C ALA A 22 -18.90 2.34 10.83
N LYS A 23 -18.92 2.13 12.14
CA LYS A 23 -17.73 2.31 12.97
C LYS A 23 -16.76 1.14 12.90
N ALA A 24 -17.24 0.00 12.40
CA ALA A 24 -16.41 -1.20 12.23
C ALA A 24 -15.49 -1.09 11.01
N ASN A 25 -15.82 -0.17 10.10
CA ASN A 25 -14.98 0.12 8.94
C ASN A 25 -13.59 0.56 9.37
N GLU A 26 -12.58 0.15 8.61
CA GLU A 26 -11.25 0.75 8.70
C GLU A 26 -11.36 2.23 8.36
N LEU A 27 -10.50 3.03 8.97
CA LEU A 27 -10.49 4.49 8.78
C LEU A 27 -10.46 4.93 7.32
N ARG A 28 -11.42 5.78 6.96
CA ARG A 28 -11.41 6.45 5.66
C ARG A 28 -11.96 7.86 5.78
N SER A 29 -11.50 8.75 4.90
CA SER A 29 -11.88 10.16 4.94
C SER A 29 -13.38 10.38 4.66
N GLY A 30 -13.98 9.47 3.91
CA GLY A 30 -15.40 9.57 3.57
C GLY A 30 -16.33 9.32 4.75
N ASP A 31 -15.97 8.37 5.58
CA ASP A 31 -16.75 8.06 6.79
C ASP A 31 -16.67 9.17 7.85
N VAL A 32 -15.51 9.84 7.91
CA VAL A 32 -15.32 10.99 8.80
C VAL A 32 -16.15 12.17 8.30
N LEU A 33 -16.16 12.36 6.98
CA LEU A 33 -16.98 13.38 6.33
C LEU A 33 -18.49 13.15 6.55
N ALA A 34 -18.90 11.90 6.56
CA ALA A 34 -20.29 11.54 6.82
C ALA A 34 -20.65 11.60 8.31
N GLY A 35 -19.63 11.76 9.16
CA GLY A 35 -19.80 11.83 10.60
C GLY A 35 -20.17 10.50 11.25
N VAL A 36 -19.85 9.41 10.58
CA VAL A 36 -20.25 8.07 11.01
C VAL A 36 -19.08 7.18 11.45
N ALA A 37 -17.86 7.69 11.29
CA ALA A 37 -16.64 6.94 11.62
C ALA A 37 -16.44 6.76 13.12
N ALA A 38 -15.58 5.82 13.49
CA ALA A 38 -15.23 5.59 14.89
C ALA A 38 -14.36 6.72 15.41
N ALA A 39 -14.43 6.97 16.72
CA ALA A 39 -13.65 8.04 17.33
C ALA A 39 -12.18 7.63 17.53
N SER A 40 -11.96 6.33 17.67
CA SER A 40 -10.62 5.79 17.89
C SER A 40 -10.51 4.36 17.38
N SER A 41 -9.30 3.81 17.47
CA SER A 41 -9.03 2.42 17.11
C SER A 41 -9.72 1.44 18.06
N GLN A 42 -9.86 1.84 19.33
CA GLN A 42 -10.55 1.04 20.33
C GLN A 42 -12.04 0.90 20.03
N GLU A 43 -12.68 2.03 19.67
CA GLU A 43 -14.11 2.01 19.33
C GLU A 43 -14.34 1.22 18.04
N ARG A 44 -13.40 1.34 17.10
CA ARG A 44 -13.42 0.58 15.84
C ARG A 44 -13.45 -0.93 16.09
N VAL A 45 -12.54 -1.40 16.96
CA VAL A 45 -12.45 -2.82 17.30
C VAL A 45 -13.70 -3.32 18.03
N ALA A 46 -14.15 -2.53 19.01
CA ALA A 46 -15.38 -2.84 19.74
C ALA A 46 -16.58 -2.97 18.80
N ALA A 47 -16.68 -2.08 17.82
CA ALA A 47 -17.69 -2.17 16.76
C ALA A 47 -17.55 -3.42 15.92
N LYS A 48 -16.30 -3.83 15.63
CA LYS A 48 -16.06 -5.06 14.90
C LYS A 48 -16.54 -6.28 15.68
N GLN A 49 -16.32 -6.27 16.99
CA GLN A 49 -16.72 -7.37 17.88
C GLN A 49 -18.24 -7.46 18.02
N VAL A 50 -18.89 -6.32 18.20
CA VAL A 50 -20.36 -6.25 18.25
C VAL A 50 -20.94 -6.77 16.94
N LEU A 51 -20.37 -6.32 15.82
CA LEU A 51 -20.78 -6.77 14.49
C LEU A 51 -20.59 -8.27 14.29
N SER A 52 -19.44 -8.78 14.74
CA SER A 52 -19.12 -10.20 14.59
C SER A 52 -20.05 -11.10 15.40
N GLU A 53 -20.57 -10.58 16.50
CA GLU A 53 -21.45 -11.34 17.39
C GLU A 53 -22.92 -11.27 16.99
N MET A 54 -23.26 -10.30 16.14
CA MET A 54 -24.61 -10.18 15.61
C MET A 54 -24.90 -11.28 14.59
N THR A 55 -26.17 -11.65 14.47
CA THR A 55 -26.57 -12.70 13.53
C THR A 55 -26.86 -12.13 12.15
N VAL A 56 -26.93 -13.02 11.16
CA VAL A 56 -27.36 -12.69 9.80
C VAL A 56 -28.76 -12.06 9.83
N ALA A 57 -29.64 -12.63 10.66
CA ALA A 57 -31.00 -12.12 10.87
C ALA A 57 -31.03 -10.68 11.37
N ASP A 58 -30.15 -10.35 12.32
CA ASP A 58 -30.04 -8.99 12.87
C ASP A 58 -29.75 -7.95 11.79
N ILE A 59 -28.98 -8.36 10.78
CA ILE A 59 -28.52 -7.45 9.75
C ILE A 59 -29.43 -7.44 8.52
N ARG A 60 -30.01 -8.60 8.22
CA ARG A 60 -31.00 -8.74 7.15
C ARG A 60 -32.27 -7.93 7.46
N ASN A 61 -32.68 -7.96 8.72
CA ASN A 61 -33.91 -7.28 9.16
C ASN A 61 -33.70 -5.81 9.53
N ASN A 62 -32.46 -5.35 9.38
CA ASN A 62 -32.17 -3.94 9.63
C ASN A 62 -31.39 -3.29 8.49
N PRO A 63 -31.98 -3.20 7.28
CA PRO A 63 -31.28 -2.54 6.18
C PRO A 63 -31.19 -1.04 6.44
N VAL A 64 -30.16 -0.41 5.87
CA VAL A 64 -29.84 0.98 6.21
C VAL A 64 -30.92 1.98 5.77
N ILE A 65 -31.67 1.63 4.72
CA ILE A 65 -32.84 2.39 4.32
C ILE A 65 -34.02 1.44 4.29
N ALA A 66 -35.11 1.81 4.95
CA ALA A 66 -36.27 0.94 5.14
C ALA A 66 -36.90 0.44 3.85
N TYR A 67 -37.46 -0.77 3.92
CA TYR A 67 -38.10 -1.44 2.80
C TYR A 67 -39.12 -0.54 2.06
N GLU A 68 -40.01 0.08 2.80
CA GLU A 68 -41.08 0.90 2.21
C GLU A 68 -40.61 2.23 1.60
N ASP A 69 -39.41 2.67 1.96
CA ASP A 69 -38.90 3.98 1.53
C ASP A 69 -37.89 3.90 0.38
N ASP A 70 -37.49 2.68 0.03
CA ASP A 70 -36.41 2.52 -0.94
C ASP A 70 -36.67 1.33 -1.87
N CYS A 71 -36.70 1.62 -3.17
CA CYS A 71 -36.90 0.58 -4.18
C CYS A 71 -35.71 -0.36 -4.32
N VAL A 72 -34.51 0.13 -4.00
CA VAL A 72 -33.30 -0.71 -4.04
C VAL A 72 -33.33 -1.72 -2.89
N THR A 73 -33.78 -1.27 -1.72
CA THR A 73 -33.96 -2.17 -0.58
C THR A 73 -34.97 -3.27 -0.91
N ARG A 74 -36.07 -2.89 -1.54
CA ARG A 74 -37.10 -3.83 -1.96
C ARG A 74 -36.54 -4.84 -2.95
N LEU A 75 -35.76 -4.34 -3.90
CA LEU A 75 -35.10 -5.16 -4.92
C LEU A 75 -34.18 -6.19 -4.27
N ILE A 76 -33.38 -5.74 -3.31
CA ILE A 76 -32.43 -6.60 -2.61
C ILE A 76 -33.12 -7.66 -1.74
N GLN A 77 -34.11 -7.23 -0.97
CA GLN A 77 -34.82 -8.10 -0.03
C GLN A 77 -35.68 -9.16 -0.72
N ASP A 78 -36.31 -8.78 -1.83
CA ASP A 78 -37.22 -9.66 -2.53
C ASP A 78 -36.51 -10.71 -3.41
N ASP A 79 -35.21 -10.51 -3.63
CA ASP A 79 -34.41 -11.47 -4.38
C ASP A 79 -33.84 -12.59 -3.52
N VAL A 80 -34.03 -12.48 -2.20
CA VAL A 80 -33.53 -13.47 -1.26
C VAL A 80 -34.20 -14.84 -1.41
N ASN A 81 -33.38 -15.87 -1.59
CA ASN A 81 -33.84 -17.24 -1.45
C ASN A 81 -34.04 -17.50 0.04
N GLU A 82 -35.31 -17.58 0.46
CA GLU A 82 -35.66 -17.66 1.89
C GLU A 82 -35.30 -19.01 2.55
N THR A 83 -35.20 -20.06 1.75
CA THR A 83 -34.74 -21.36 2.26
C THR A 83 -33.25 -21.29 2.60
N ALA A 84 -32.49 -20.64 1.73
CA ALA A 84 -31.07 -20.41 1.96
C ALA A 84 -30.87 -19.49 3.16
N TYR A 85 -31.74 -18.49 3.28
CA TYR A 85 -31.71 -17.56 4.40
C TYR A 85 -31.98 -18.25 5.74
N ASN A 86 -32.97 -19.14 5.76
CA ASN A 86 -33.36 -19.81 6.99
C ASN A 86 -32.28 -20.73 7.56
N GLN A 87 -31.47 -21.28 6.66
CA GLN A 87 -30.31 -22.10 7.04
C GLN A 87 -29.24 -21.31 7.78
N ILE A 88 -29.08 -20.04 7.44
CA ILE A 88 -27.96 -19.24 7.96
C ILE A 88 -28.35 -18.07 8.86
N LYS A 89 -29.65 -17.85 9.05
CA LYS A 89 -30.15 -16.68 9.78
C LYS A 89 -29.64 -16.58 11.23
N ASN A 90 -29.33 -17.71 11.86
CA ASN A 90 -28.84 -17.71 13.23
C ASN A 90 -27.32 -17.76 13.37
N TRP A 91 -26.64 -17.71 12.23
CA TRP A 91 -25.18 -17.66 12.20
C TRP A 91 -24.75 -16.25 12.59
N SER A 92 -23.72 -16.17 13.43
CA SER A 92 -23.06 -14.90 13.67
C SER A 92 -22.24 -14.52 12.43
N ILE A 93 -21.97 -13.23 12.27
CA ILE A 93 -21.16 -12.71 11.16
C ILE A 93 -19.72 -13.27 11.26
N SER A 94 -19.27 -13.50 12.49
CA SER A 94 -18.02 -14.20 12.76
C SER A 94 -18.03 -15.59 12.11
N GLU A 95 -19.12 -16.32 12.32
CA GLU A 95 -19.28 -17.66 11.72
C GLU A 95 -19.39 -17.63 10.20
N LEU A 96 -20.02 -16.58 9.68
CA LEU A 96 -20.14 -16.42 8.24
C LEU A 96 -18.78 -16.11 7.59
N ARG A 97 -18.00 -15.24 8.23
CA ARG A 97 -16.64 -14.97 7.79
C ARG A 97 -15.82 -16.26 7.68
N GLU A 98 -15.82 -17.04 8.76
CA GLU A 98 -15.04 -18.28 8.82
C GLU A 98 -15.52 -19.34 7.83
N TYR A 99 -16.81 -19.33 7.53
CA TYR A 99 -17.41 -20.20 6.52
C TYR A 99 -16.92 -19.85 5.12
N VAL A 100 -16.90 -18.55 4.79
CA VAL A 100 -16.44 -18.06 3.48
C VAL A 100 -14.96 -18.39 3.26
N LEU A 101 -14.16 -18.23 4.31
CA LEU A 101 -12.70 -18.41 4.22
C LEU A 101 -12.25 -19.88 4.28
N SER A 102 -13.14 -20.75 4.76
CA SER A 102 -12.82 -22.16 4.97
C SER A 102 -12.50 -22.89 3.67
N ASP A 103 -11.45 -23.71 3.70
CA ASP A 103 -11.07 -24.53 2.55
C ASP A 103 -12.01 -25.71 2.34
N GLU A 104 -12.88 -25.96 3.32
CA GLU A 104 -13.90 -27.00 3.22
C GLU A 104 -15.20 -26.46 2.63
N THR A 105 -15.25 -25.15 2.43
CA THR A 105 -16.37 -24.52 1.76
C THR A 105 -16.04 -24.37 0.29
N SER A 106 -16.75 -25.11 -0.55
CA SER A 106 -16.52 -25.11 -1.99
C SER A 106 -17.23 -23.95 -2.68
N VAL A 107 -16.93 -23.77 -3.96
CA VAL A 107 -17.58 -22.77 -4.82
C VAL A 107 -19.11 -23.01 -4.89
N ASP A 108 -19.52 -24.27 -4.92
CA ASP A 108 -20.94 -24.64 -4.98
C ASP A 108 -21.70 -24.41 -3.66
N ASP A 109 -21.03 -24.62 -2.53
CA ASP A 109 -21.60 -24.30 -1.22
C ASP A 109 -21.93 -22.81 -1.10
N ILE A 110 -20.99 -21.96 -1.54
CA ILE A 110 -21.16 -20.51 -1.51
C ILE A 110 -22.24 -20.03 -2.49
N ALA A 111 -22.37 -20.73 -3.61
CA ALA A 111 -23.39 -20.42 -4.61
C ALA A 111 -24.80 -20.42 -4.03
N PHE A 112 -25.08 -21.36 -3.13
CA PHE A 112 -26.39 -21.42 -2.49
C PHE A 112 -26.49 -20.50 -1.27
N THR A 113 -25.43 -20.45 -0.46
CA THR A 113 -25.40 -19.62 0.74
C THR A 113 -25.54 -18.13 0.44
N ARG A 114 -24.89 -17.66 -0.63
CA ARG A 114 -24.97 -16.23 -0.96
C ARG A 114 -26.38 -15.77 -1.33
N LYS A 115 -27.24 -16.72 -1.70
CA LYS A 115 -28.63 -16.41 -2.07
C LYS A 115 -29.49 -16.07 -0.87
N GLY A 116 -29.03 -16.45 0.32
CA GLY A 116 -29.69 -16.11 1.56
C GLY A 116 -29.16 -14.84 2.21
N LEU A 117 -28.26 -14.16 1.50
CA LEU A 117 -27.66 -12.93 2.01
C LEU A 117 -28.36 -11.69 1.47
N THR A 118 -28.24 -10.58 2.19
CA THR A 118 -28.54 -9.26 1.65
C THR A 118 -27.24 -8.48 1.61
N SER A 119 -27.25 -7.34 0.93
CA SER A 119 -26.06 -6.51 0.78
C SER A 119 -25.44 -6.06 2.10
N GLU A 120 -26.28 -5.71 3.06
CA GLU A 120 -25.82 -5.33 4.40
C GLU A 120 -25.04 -6.43 5.10
N VAL A 121 -25.45 -7.68 4.91
CA VAL A 121 -24.74 -8.84 5.47
C VAL A 121 -23.40 -9.06 4.74
N VAL A 122 -23.41 -8.84 3.44
CA VAL A 122 -22.21 -8.90 2.61
C VAL A 122 -21.17 -7.90 3.13
N ALA A 123 -21.62 -6.66 3.35
CA ALA A 123 -20.76 -5.60 3.90
C ALA A 123 -20.24 -5.93 5.30
N ALA A 124 -21.09 -6.52 6.12
CA ALA A 124 -20.74 -6.92 7.49
C ALA A 124 -19.57 -7.91 7.55
N VAL A 125 -19.54 -8.86 6.62
CA VAL A 125 -18.44 -9.81 6.51
C VAL A 125 -17.14 -9.08 6.13
N ALA A 126 -17.24 -8.20 5.13
CA ALA A 126 -16.09 -7.43 4.65
C ALA A 126 -15.44 -6.59 5.77
N LYS A 127 -16.27 -6.09 6.68
CA LYS A 127 -15.80 -5.21 7.74
C LYS A 127 -14.94 -5.90 8.80
N ILE A 128 -15.13 -7.20 8.97
CA ILE A 128 -14.36 -7.97 9.95
C ILE A 128 -13.30 -8.84 9.27
N CYS A 129 -12.92 -8.45 8.06
CA CYS A 129 -11.89 -9.12 7.28
C CYS A 129 -10.65 -8.28 7.16
N SER A 130 -9.49 -8.92 7.28
CA SER A 130 -8.21 -8.26 7.04
C SER A 130 -7.97 -8.19 5.53
N ASN A 131 -6.88 -7.54 5.12
CA ASN A 131 -6.59 -7.41 3.70
C ASN A 131 -6.41 -8.76 2.99
N ALA A 132 -5.67 -9.66 3.62
CA ALA A 132 -5.49 -11.00 3.08
C ALA A 132 -6.76 -11.86 3.13
N ASP A 133 -7.63 -11.60 4.10
CA ASP A 133 -8.95 -12.26 4.17
C ASP A 133 -9.77 -11.89 2.95
N LEU A 134 -9.76 -10.60 2.60
CA LEU A 134 -10.52 -10.08 1.46
C LEU A 134 -9.98 -10.62 0.14
N ILE A 135 -8.66 -10.75 0.06
CA ILE A 135 -8.01 -11.28 -1.13
C ILE A 135 -8.26 -12.78 -1.31
N TYR A 136 -7.99 -13.56 -0.27
CA TYR A 136 -8.17 -15.01 -0.33
C TYR A 136 -9.64 -15.42 -0.46
N GLY A 137 -10.51 -14.74 0.28
CA GLY A 137 -11.95 -14.99 0.21
C GLY A 137 -12.55 -14.74 -1.15
N ALA A 138 -12.12 -13.66 -1.80
CA ALA A 138 -12.57 -13.33 -3.16
C ALA A 138 -12.08 -14.35 -4.18
N LYS A 139 -10.85 -14.81 -4.00
CA LYS A 139 -10.23 -15.76 -4.91
C LYS A 139 -10.99 -17.08 -4.98
N LYS A 140 -11.49 -17.54 -3.84
CA LYS A 140 -12.23 -18.80 -3.79
C LYS A 140 -13.72 -18.62 -4.12
N MET A 141 -14.09 -17.40 -4.53
CA MET A 141 -15.44 -17.13 -5.01
C MET A 141 -15.47 -16.60 -6.47
N PRO A 142 -15.10 -17.44 -7.45
CA PRO A 142 -15.11 -16.93 -8.82
C PRO A 142 -16.51 -16.72 -9.37
N VAL A 143 -16.64 -15.74 -10.26
CA VAL A 143 -17.91 -15.49 -10.95
C VAL A 143 -17.63 -15.39 -12.44
N ILE A 144 -18.25 -16.30 -13.19
CA ILE A 144 -18.00 -16.44 -14.61
C ILE A 144 -19.21 -15.97 -15.41
N LYS A 145 -18.99 -15.05 -16.33
CA LYS A 145 -20.03 -14.57 -17.24
C LYS A 145 -19.55 -14.64 -18.68
N LYS A 146 -20.47 -14.50 -19.64
CA LYS A 146 -20.14 -14.67 -21.03
C LYS A 146 -20.90 -13.71 -21.96
N ALA A 147 -20.15 -12.92 -22.72
CA ALA A 147 -20.70 -12.11 -23.80
C ALA A 147 -20.23 -12.71 -25.12
N ASN A 148 -19.34 -12.04 -25.82
CA ASN A 148 -18.62 -12.66 -26.93
C ASN A 148 -17.30 -13.24 -26.44
N THR A 149 -16.92 -12.84 -25.23
CA THR A 149 -15.82 -13.47 -24.51
C THR A 149 -16.32 -13.99 -23.17
N THR A 150 -15.60 -14.98 -22.62
CA THR A 150 -15.89 -15.49 -21.29
C THR A 150 -14.95 -14.82 -20.28
N ILE A 151 -15.51 -14.27 -19.22
CA ILE A 151 -14.73 -13.58 -18.21
C ILE A 151 -14.93 -14.26 -16.86
N GLY A 152 -13.90 -14.27 -16.03
CA GLY A 152 -14.02 -14.76 -14.65
C GLY A 152 -13.47 -16.14 -14.36
N ILE A 153 -13.04 -16.85 -15.40
CA ILE A 153 -12.44 -18.18 -15.24
C ILE A 153 -11.11 -18.06 -14.49
N PRO A 154 -10.95 -18.82 -13.38
CA PRO A 154 -9.70 -18.84 -12.63
C PRO A 154 -8.54 -19.20 -13.55
N GLY A 155 -7.48 -18.40 -13.50
CA GLY A 155 -6.36 -18.56 -14.41
C GLY A 155 -6.41 -17.55 -15.54
N THR A 156 -7.49 -16.77 -15.60
CA THR A 156 -7.63 -15.72 -16.60
C THR A 156 -7.65 -14.32 -15.99
N PHE A 157 -7.38 -13.32 -16.83
CA PHE A 157 -7.37 -11.92 -16.41
C PHE A 157 -7.71 -11.08 -17.63
N SER A 158 -8.78 -10.31 -17.54
CA SER A 158 -9.26 -9.52 -18.66
C SER A 158 -8.99 -8.04 -18.46
N ALA A 159 -9.32 -7.24 -19.48
CA ALA A 159 -9.08 -5.80 -19.43
C ALA A 159 -10.03 -5.04 -20.32
N ARG A 160 -10.60 -3.96 -19.78
CA ARG A 160 -11.37 -3.00 -20.57
C ARG A 160 -10.43 -2.07 -21.31
N LEU A 161 -10.57 -2.01 -22.63
CA LEU A 161 -9.89 -0.98 -23.42
C LEU A 161 -10.76 0.27 -23.32
N GLN A 162 -10.16 1.34 -22.80
CA GLN A 162 -10.86 2.59 -22.57
C GLN A 162 -10.24 3.69 -23.43
N PRO A 163 -10.68 3.79 -24.70
CA PRO A 163 -10.07 4.72 -25.63
C PRO A 163 -10.79 6.07 -25.65
N ASN A 164 -10.51 6.88 -24.63
CA ASN A 164 -11.20 8.16 -24.47
C ASN A 164 -10.48 9.34 -25.12
N ASP A 165 -11.27 10.29 -25.62
CA ASP A 165 -10.72 11.47 -26.26
C ASP A 165 -11.51 12.71 -25.90
N THR A 166 -10.79 13.83 -25.77
CA THR A 166 -11.35 15.12 -25.38
C THR A 166 -12.46 15.65 -26.29
N ARG A 167 -12.49 15.20 -27.54
CA ARG A 167 -13.44 15.69 -28.53
C ARG A 167 -14.24 14.57 -29.19
N ASP A 168 -14.06 13.34 -28.69
CA ASP A 168 -14.60 12.12 -29.32
C ASP A 168 -14.13 11.97 -30.76
N ASP A 169 -12.90 12.42 -31.02
CA ASP A 169 -12.31 12.32 -32.36
C ASP A 169 -12.05 10.85 -32.70
N VAL A 170 -12.55 10.44 -33.86
CA VAL A 170 -12.52 9.03 -34.26
C VAL A 170 -11.13 8.50 -34.62
N GLN A 171 -10.23 9.40 -34.97
CA GLN A 171 -8.84 9.03 -35.28
C GLN A 171 -8.08 8.76 -33.98
N SER A 172 -8.32 9.59 -32.98
CA SER A 172 -7.72 9.45 -31.65
C SER A 172 -8.26 8.22 -30.91
N ILE A 173 -9.53 7.92 -31.13
CA ILE A 173 -10.17 6.75 -30.54
C ILE A 173 -9.60 5.46 -31.15
N ALA A 174 -9.48 5.44 -32.47
CA ALA A 174 -8.93 4.29 -33.19
C ALA A 174 -7.49 4.01 -32.79
N ALA A 175 -6.67 5.06 -32.73
CA ALA A 175 -5.25 4.93 -32.39
C ALA A 175 -5.03 4.29 -31.01
N GLN A 176 -5.87 4.66 -30.04
CA GLN A 176 -5.81 4.07 -28.70
C GLN A 176 -6.30 2.63 -28.69
N ILE A 177 -7.27 2.33 -29.56
CA ILE A 177 -7.77 0.96 -29.73
C ILE A 177 -6.65 0.04 -30.26
N TYR A 178 -6.01 0.46 -31.35
CA TYR A 178 -4.91 -0.30 -31.95
C TYR A 178 -3.73 -0.51 -30.99
N GLU A 179 -3.45 0.52 -30.18
CA GLU A 179 -2.40 0.45 -29.18
C GLU A 179 -2.78 -0.55 -28.09
N GLY A 180 -4.02 -0.48 -27.63
CA GLY A 180 -4.54 -1.40 -26.62
C GLY A 180 -4.56 -2.86 -27.03
N LEU A 181 -5.12 -3.12 -28.22
CA LEU A 181 -5.17 -4.46 -28.77
C LEU A 181 -3.77 -5.07 -28.93
N SER A 182 -2.78 -4.22 -29.22
CA SER A 182 -1.39 -4.67 -29.36
C SER A 182 -0.76 -5.16 -28.06
N PHE A 183 -1.35 -4.80 -26.92
CA PHE A 183 -0.90 -5.29 -25.62
C PHE A 183 -1.81 -6.42 -25.12
N GLY A 184 -2.84 -6.74 -25.89
CA GLY A 184 -3.79 -7.78 -25.53
C GLY A 184 -4.89 -7.30 -24.60
N VAL A 185 -5.15 -6.00 -24.63
CA VAL A 185 -6.22 -5.40 -23.84
C VAL A 185 -7.48 -5.31 -24.70
N GLY A 186 -8.64 -5.58 -24.09
CA GLY A 186 -9.92 -5.42 -24.78
C GLY A 186 -10.88 -6.60 -24.72
N ASP A 187 -10.49 -7.66 -24.02
CA ASP A 187 -11.35 -8.84 -23.86
C ASP A 187 -12.58 -8.62 -22.98
N ALA A 188 -12.50 -7.66 -22.04
CA ALA A 188 -13.67 -7.31 -21.23
C ALA A 188 -14.66 -6.51 -22.07
N VAL A 189 -14.18 -5.40 -22.63
CA VAL A 189 -14.97 -4.53 -23.50
C VAL A 189 -14.08 -3.45 -24.08
N ILE A 190 -14.46 -2.92 -25.24
CA ILE A 190 -13.90 -1.67 -25.74
C ILE A 190 -14.92 -0.57 -25.45
N GLY A 191 -14.73 0.13 -24.33
CA GLY A 191 -15.71 1.07 -23.81
C GLY A 191 -15.26 2.52 -23.76
N VAL A 192 -16.01 3.38 -24.42
CA VAL A 192 -15.71 4.81 -24.49
C VAL A 192 -16.71 5.62 -23.68
N ASN A 193 -16.21 6.49 -22.81
CA ASN A 193 -17.05 7.51 -22.19
C ASN A 193 -17.13 8.70 -23.16
N PRO A 194 -18.32 8.97 -23.71
CA PRO A 194 -18.42 10.03 -24.72
C PRO A 194 -18.49 11.43 -24.12
N VAL A 195 -17.98 12.41 -24.86
CA VAL A 195 -18.02 13.82 -24.46
C VAL A 195 -19.43 14.39 -24.55
N THR A 196 -20.09 14.18 -25.69
CA THR A 196 -21.47 14.62 -25.85
C THR A 196 -22.42 13.44 -25.78
N ASP A 197 -23.40 13.54 -24.88
CA ASP A 197 -24.41 12.51 -24.68
C ASP A 197 -25.49 12.64 -25.76
N ASP A 198 -25.10 12.38 -27.01
CA ASP A 198 -25.93 12.64 -28.18
C ASP A 198 -26.01 11.40 -29.07
N VAL A 199 -27.22 11.13 -29.58
CA VAL A 199 -27.50 9.91 -30.36
C VAL A 199 -26.63 9.78 -31.62
N GLU A 200 -26.48 10.87 -32.36
CA GLU A 200 -25.65 10.88 -33.57
C GLU A 200 -24.17 10.65 -33.23
N ASN A 201 -23.74 11.21 -32.11
CA ASN A 201 -22.36 11.07 -31.66
C ASN A 201 -22.05 9.64 -31.20
N LEU A 202 -22.99 9.03 -30.48
CA LEU A 202 -22.84 7.65 -30.01
C LEU A 202 -22.68 6.68 -31.16
N SER A 203 -23.50 6.86 -32.20
CA SER A 203 -23.45 6.03 -33.39
C SER A 203 -22.09 6.09 -34.09
N ARG A 204 -21.52 7.29 -34.18
CA ARG A 204 -20.22 7.51 -34.80
C ARG A 204 -19.09 6.86 -33.98
N VAL A 205 -19.18 6.97 -32.66
CA VAL A 205 -18.19 6.36 -31.77
C VAL A 205 -18.28 4.83 -31.86
N LEU A 206 -19.51 4.31 -31.82
CA LEU A 206 -19.74 2.87 -31.94
C LEU A 206 -19.30 2.29 -33.28
N ASP A 207 -19.58 3.00 -34.37
CA ASP A 207 -19.15 2.58 -35.71
C ASP A 207 -17.63 2.55 -35.86
N THR A 208 -16.95 3.44 -35.15
CA THR A 208 -15.48 3.44 -35.12
C THR A 208 -14.97 2.21 -34.38
N ILE A 209 -15.54 1.93 -33.22
CA ILE A 209 -15.20 0.74 -32.43
C ILE A 209 -15.47 -0.54 -33.22
N TYR A 210 -16.68 -0.65 -33.76
CA TYR A 210 -17.07 -1.82 -34.53
C TYR A 210 -16.45 -1.89 -35.93
N GLY A 211 -15.91 -0.78 -36.41
CA GLY A 211 -15.13 -0.78 -37.64
C GLY A 211 -13.85 -1.59 -37.45
N VAL A 212 -13.26 -1.49 -36.27
CA VAL A 212 -12.06 -2.24 -35.92
C VAL A 212 -12.40 -3.70 -35.58
N ILE A 213 -13.47 -3.89 -34.80
CA ILE A 213 -13.94 -5.23 -34.43
C ILE A 213 -14.27 -6.10 -35.65
N ASP A 214 -14.98 -5.52 -36.61
CA ASP A 214 -15.35 -6.24 -37.83
C ASP A 214 -14.19 -6.49 -38.79
N LYS A 215 -13.28 -5.52 -38.91
CA LYS A 215 -12.13 -5.64 -39.81
C LYS A 215 -11.23 -6.82 -39.47
N PHE A 216 -11.02 -7.04 -38.17
CA PHE A 216 -10.10 -8.08 -37.72
C PHE A 216 -10.80 -9.26 -37.02
N ASN A 217 -12.12 -9.33 -37.13
CA ASN A 217 -12.93 -10.41 -36.54
C ASN A 217 -12.66 -10.64 -35.06
N ILE A 218 -12.60 -9.55 -34.31
CA ILE A 218 -12.23 -9.60 -32.90
C ILE A 218 -13.39 -10.09 -32.03
N PRO A 219 -13.17 -11.18 -31.28
CA PRO A 219 -14.14 -11.63 -30.29
C PRO A 219 -14.08 -10.68 -29.12
N THR A 220 -15.01 -9.73 -29.08
CA THR A 220 -15.17 -8.76 -28.00
C THR A 220 -16.49 -8.02 -28.21
N GLN A 221 -16.68 -6.94 -27.46
CA GLN A 221 -17.91 -6.15 -27.54
C GLN A 221 -17.57 -4.68 -27.34
N GLY A 222 -18.31 -3.81 -28.03
CA GLY A 222 -18.13 -2.37 -27.87
C GLY A 222 -19.16 -1.81 -26.91
N CYS A 223 -18.87 -0.62 -26.37
CA CYS A 223 -19.77 0.05 -25.46
C CYS A 223 -19.49 1.55 -25.45
N VAL A 224 -20.56 2.33 -25.40
CA VAL A 224 -20.41 3.77 -25.21
C VAL A 224 -21.13 4.18 -23.90
N LEU A 225 -20.35 4.74 -22.97
CA LEU A 225 -20.79 4.91 -21.59
C LEU A 225 -21.53 6.23 -21.34
N ALA A 226 -22.47 6.54 -22.21
CA ALA A 226 -23.39 7.64 -22.00
C ALA A 226 -24.47 7.19 -21.03
N HIS A 227 -25.49 8.03 -20.84
CA HIS A 227 -26.63 7.65 -20.02
C HIS A 227 -27.34 6.49 -20.72
N VAL A 228 -27.86 5.56 -19.92
CA VAL A 228 -28.52 4.37 -20.44
C VAL A 228 -29.66 4.67 -21.42
N THR A 229 -30.33 5.80 -21.24
CA THR A 229 -31.45 6.20 -22.10
C THR A 229 -31.00 6.48 -23.54
N THR A 230 -29.88 7.16 -23.69
CA THR A 230 -29.37 7.51 -25.02
C THR A 230 -28.68 6.34 -25.71
N GLN A 231 -28.15 5.40 -24.92
CA GLN A 231 -27.62 4.14 -25.46
C GLN A 231 -28.76 3.33 -26.07
N ILE A 232 -29.82 3.14 -25.30
CA ILE A 232 -31.03 2.45 -25.74
C ILE A 232 -31.57 3.07 -27.03
N GLU A 233 -31.71 4.40 -27.04
CA GLU A 233 -32.23 5.12 -28.19
C GLU A 233 -31.38 4.95 -29.44
N ALA A 234 -30.05 5.06 -29.30
CA ALA A 234 -29.13 4.89 -30.43
C ALA A 234 -29.17 3.47 -31.00
N ILE A 235 -29.19 2.48 -30.11
CA ILE A 235 -29.29 1.08 -30.51
C ILE A 235 -30.61 0.80 -31.23
N ARG A 236 -31.71 1.35 -30.71
CA ARG A 236 -33.02 1.27 -31.37
C ARG A 236 -33.00 1.89 -32.77
N ARG A 237 -32.17 2.91 -32.96
CA ARG A 237 -32.06 3.60 -34.25
C ARG A 237 -31.14 2.86 -35.22
N GLY A 238 -30.44 1.83 -34.72
CA GLY A 238 -29.66 0.96 -35.58
C GLY A 238 -28.16 0.99 -35.35
N ALA A 239 -27.73 1.70 -34.31
CA ALA A 239 -26.32 1.68 -33.91
C ALA A 239 -25.99 0.30 -33.33
N PRO A 240 -24.75 -0.18 -33.55
CA PRO A 240 -24.36 -1.51 -33.05
C PRO A 240 -24.39 -1.63 -31.53
N GLY A 241 -25.08 -2.66 -31.05
CA GLY A 241 -25.22 -2.89 -29.62
C GLY A 241 -24.30 -3.99 -29.13
N GLY A 242 -23.43 -3.63 -28.19
CA GLY A 242 -22.59 -4.60 -27.51
C GLY A 242 -22.99 -4.68 -26.04
N LEU A 243 -22.25 -3.99 -25.18
CA LEU A 243 -22.67 -3.86 -23.78
C LEU A 243 -23.46 -2.58 -23.59
N ILE A 244 -24.47 -2.63 -22.72
CA ILE A 244 -25.22 -1.44 -22.33
C ILE A 244 -24.83 -1.06 -20.90
N PHE A 245 -24.38 0.18 -20.73
CA PHE A 245 -23.80 0.63 -19.48
C PHE A 245 -24.75 1.55 -18.70
N GLN A 246 -24.64 1.49 -17.37
CA GLN A 246 -25.22 2.53 -16.51
C GLN A 246 -24.46 2.60 -15.18
N SER A 247 -24.21 3.83 -14.72
CA SER A 247 -23.72 4.05 -13.37
C SER A 247 -24.88 3.85 -12.41
N ILE A 248 -24.64 3.06 -11.36
CA ILE A 248 -25.70 2.74 -10.41
C ILE A 248 -25.35 3.29 -9.02
N CYS A 249 -26.37 3.43 -8.18
CA CYS A 249 -26.19 3.84 -6.80
C CYS A 249 -27.02 2.94 -5.88
N GLY A 250 -26.65 2.90 -4.61
CA GLY A 250 -27.25 1.94 -3.67
C GLY A 250 -28.54 2.38 -3.00
N SER A 251 -29.11 3.49 -3.43
CA SER A 251 -30.39 3.97 -2.92
C SER A 251 -31.25 4.55 -4.03
N GLU A 252 -32.56 4.64 -3.78
CA GLU A 252 -33.49 5.25 -4.72
C GLU A 252 -33.14 6.71 -5.02
N LYS A 253 -32.82 7.47 -3.97
CA LYS A 253 -32.43 8.87 -4.13
C LYS A 253 -31.13 8.99 -4.92
N GLY A 254 -30.20 8.07 -4.68
CA GLY A 254 -28.96 8.01 -5.44
C GLY A 254 -29.17 7.73 -6.92
N LEU A 255 -30.11 6.84 -7.23
CA LEU A 255 -30.48 6.56 -8.62
C LEU A 255 -31.20 7.74 -9.28
N LYS A 256 -31.96 8.49 -8.49
CA LYS A 256 -32.64 9.70 -8.98
C LYS A 256 -31.66 10.82 -9.29
N GLU A 257 -30.54 10.83 -8.57
CA GLU A 257 -29.42 11.74 -8.83
C GLU A 257 -28.83 11.44 -10.22
N PHE A 258 -28.70 10.17 -10.54
CA PHE A 258 -28.17 9.74 -11.83
C PHE A 258 -29.23 9.76 -12.94
N GLY A 259 -30.48 10.02 -12.56
CA GLY A 259 -31.61 10.05 -13.50
C GLY A 259 -31.99 8.66 -13.96
N VAL A 260 -31.92 7.70 -13.04
CA VAL A 260 -32.17 6.29 -13.34
C VAL A 260 -33.42 5.79 -12.63
N GLU A 261 -34.28 5.11 -13.38
CA GLU A 261 -35.37 4.33 -12.82
C GLU A 261 -35.06 2.86 -13.08
N LEU A 262 -35.54 1.99 -12.20
CA LEU A 262 -35.37 0.54 -12.35
C LEU A 262 -35.95 0.00 -13.66
N ALA A 263 -36.95 0.70 -14.20
CA ALA A 263 -37.58 0.33 -15.45
C ALA A 263 -36.64 0.48 -16.65
N MET A 264 -35.70 1.42 -16.55
CA MET A 264 -34.72 1.66 -17.61
C MET A 264 -33.74 0.50 -17.75
N LEU A 265 -33.39 -0.09 -16.61
CA LEU A 265 -32.46 -1.22 -16.58
C LEU A 265 -33.14 -2.48 -17.12
N ASP A 266 -34.43 -2.64 -16.80
CA ASP A 266 -35.24 -3.71 -17.36
C ASP A 266 -35.37 -3.53 -18.87
N GLU A 267 -35.53 -2.27 -19.29
CA GLU A 267 -35.63 -1.93 -20.71
C GLU A 267 -34.30 -2.19 -21.43
N ALA A 268 -33.20 -1.93 -20.74
CA ALA A 268 -31.87 -2.22 -21.26
C ALA A 268 -31.68 -3.71 -21.57
N ARG A 269 -32.16 -4.56 -20.67
CA ARG A 269 -32.14 -6.02 -20.89
C ARG A 269 -32.92 -6.42 -22.13
N ALA A 270 -34.12 -5.83 -22.29
CA ALA A 270 -35.01 -6.18 -23.39
C ALA A 270 -34.49 -5.67 -24.73
N VAL A 271 -33.90 -4.48 -24.72
CA VAL A 271 -33.27 -3.92 -25.91
C VAL A 271 -32.05 -4.74 -26.31
N GLY A 272 -31.27 -5.17 -25.31
CA GLY A 272 -30.13 -6.04 -25.52
C GLY A 272 -30.47 -7.38 -26.15
N ALA A 273 -31.56 -7.98 -25.71
CA ALA A 273 -32.03 -9.26 -26.23
C ALA A 273 -32.53 -9.14 -27.67
N GLU A 274 -33.12 -8.00 -27.98
CA GLU A 274 -33.68 -7.76 -29.31
C GLU A 274 -32.63 -7.32 -30.32
N PHE A 275 -31.63 -6.55 -29.86
CA PHE A 275 -30.74 -5.84 -30.77
C PHE A 275 -29.24 -6.15 -30.68
N ASN A 276 -28.75 -6.59 -29.52
CA ASN A 276 -27.30 -6.62 -29.29
C ASN A 276 -26.55 -7.81 -29.89
N ARG A 277 -25.36 -7.51 -30.41
CA ARG A 277 -24.51 -8.51 -31.04
C ARG A 277 -23.68 -9.27 -29.99
N ILE A 278 -24.37 -10.03 -29.17
CA ILE A 278 -23.76 -10.75 -28.06
C ILE A 278 -24.13 -12.23 -28.18
N ALA A 279 -23.12 -13.08 -28.26
CA ALA A 279 -23.36 -14.51 -28.39
C ALA A 279 -23.84 -15.12 -27.08
N GLY A 280 -23.26 -14.67 -25.97
CA GLY A 280 -23.61 -15.19 -24.65
C GLY A 280 -24.87 -14.58 -24.08
N GLU A 281 -25.10 -14.77 -22.78
CA GLU A 281 -26.35 -14.39 -22.15
C GLU A 281 -26.24 -13.11 -21.31
N ASN A 282 -25.05 -12.54 -21.25
CA ASN A 282 -24.80 -11.33 -20.45
C ASN A 282 -24.36 -10.15 -21.31
N CYS A 283 -25.03 -9.02 -21.17
CA CYS A 283 -24.74 -7.84 -21.98
C CYS A 283 -24.75 -6.51 -21.24
N LEU A 284 -25.06 -6.53 -19.95
CA LEU A 284 -25.09 -5.30 -19.16
C LEU A 284 -23.77 -5.02 -18.47
N TYR A 285 -23.52 -3.75 -18.18
CA TYR A 285 -22.27 -3.29 -17.60
C TYR A 285 -22.60 -2.18 -16.61
N PHE A 286 -22.18 -2.34 -15.36
CA PHE A 286 -22.36 -1.29 -14.36
C PHE A 286 -21.02 -0.84 -13.78
N GLU A 287 -20.95 0.44 -13.40
CA GLU A 287 -19.82 0.91 -12.61
C GLU A 287 -20.26 1.49 -11.29
N THR A 288 -19.41 1.36 -10.28
CA THR A 288 -19.73 1.67 -8.90
C THR A 288 -18.53 2.35 -8.25
N GLY A 289 -18.60 2.59 -6.94
CA GLY A 289 -17.47 3.14 -6.20
C GLY A 289 -17.91 3.86 -4.95
N GLN A 290 -17.09 3.76 -3.90
CA GLN A 290 -17.41 4.32 -2.59
C GLN A 290 -17.44 5.85 -2.64
N GLY A 291 -18.43 6.42 -1.97
CA GLY A 291 -18.57 7.88 -1.90
C GLY A 291 -19.70 8.46 -2.72
N SER A 292 -20.18 7.72 -3.73
CA SER A 292 -21.20 8.21 -4.65
C SER A 292 -22.55 8.52 -3.97
N ALA A 293 -22.95 7.65 -3.04
CA ALA A 293 -24.19 7.84 -2.30
C ALA A 293 -24.12 9.06 -1.38
N LEU A 294 -23.00 9.21 -0.68
CA LEU A 294 -22.74 10.37 0.18
C LEU A 294 -22.68 11.67 -0.64
N SER A 295 -22.19 11.58 -1.87
CA SER A 295 -22.15 12.72 -2.78
C SER A 295 -23.55 13.17 -3.19
N ALA A 296 -24.46 12.22 -3.32
CA ALA A 296 -25.82 12.49 -3.74
C ALA A 296 -26.71 12.92 -2.56
N GLY A 297 -26.15 12.91 -1.35
CA GLY A 297 -26.91 13.13 -0.13
C GLY A 297 -27.89 11.98 0.08
N ALA A 298 -27.47 10.78 -0.30
CA ALA A 298 -28.36 9.63 -0.40
C ALA A 298 -27.82 8.40 0.35
N ASN A 299 -26.99 8.64 1.36
CA ASN A 299 -26.44 7.57 2.18
C ASN A 299 -27.26 7.33 3.44
N PHE A 300 -28.07 8.32 3.83
CA PHE A 300 -29.01 8.22 4.95
C PHE A 300 -28.35 7.80 6.28
N GLY A 301 -27.19 8.38 6.58
CA GLY A 301 -26.46 8.05 7.80
C GLY A 301 -25.66 6.75 7.75
N ALA A 302 -25.63 6.11 6.58
CA ALA A 302 -24.86 4.88 6.42
C ALA A 302 -23.49 5.15 5.83
N ASP A 303 -22.52 4.31 6.20
CA ASP A 303 -21.17 4.39 5.69
C ASP A 303 -21.11 3.98 4.21
N GLN A 304 -20.03 4.33 3.54
CA GLN A 304 -19.89 4.15 2.11
C GLN A 304 -19.64 2.70 1.67
N VAL A 305 -19.12 1.88 2.57
CA VAL A 305 -18.87 0.47 2.28
C VAL A 305 -20.19 -0.29 2.17
N THR A 306 -21.09 -0.04 3.12
CA THR A 306 -22.42 -0.62 3.13
C THR A 306 -23.23 -0.16 1.92
N MET A 307 -23.14 1.12 1.60
CA MET A 307 -23.80 1.67 0.42
C MET A 307 -23.25 1.08 -0.87
N GLU A 308 -21.94 0.84 -0.90
CA GLU A 308 -21.30 0.25 -2.05
C GLU A 308 -21.72 -1.20 -2.26
N ALA A 309 -21.92 -1.93 -1.16
CA ALA A 309 -22.37 -3.32 -1.25
C ALA A 309 -23.81 -3.40 -1.77
N ARG A 310 -24.60 -2.39 -1.44
CA ARG A 310 -25.97 -2.29 -1.93
C ARG A 310 -26.05 -2.15 -3.45
N ASN A 311 -25.01 -1.55 -4.03
CA ASN A 311 -24.84 -1.51 -5.48
C ASN A 311 -24.79 -2.90 -6.09
N TYR A 312 -24.06 -3.80 -5.43
CA TYR A 312 -23.86 -5.15 -5.93
C TYR A 312 -25.13 -5.98 -5.79
N GLY A 313 -25.92 -5.68 -4.75
CA GLY A 313 -27.22 -6.31 -4.58
C GLY A 313 -28.15 -5.92 -5.69
N LEU A 314 -28.10 -4.64 -6.08
CA LEU A 314 -28.88 -4.13 -7.20
C LEU A 314 -28.40 -4.70 -8.52
N ALA A 315 -27.09 -4.71 -8.71
CA ALA A 315 -26.48 -5.21 -9.95
C ALA A 315 -26.82 -6.67 -10.20
N ARG A 316 -26.71 -7.48 -9.14
CA ARG A 316 -26.97 -8.93 -9.20
C ARG A 316 -28.31 -9.29 -9.86
N HIS A 317 -29.34 -8.49 -9.57
CA HIS A 317 -30.67 -8.68 -10.12
C HIS A 317 -30.70 -8.68 -11.64
N TYR A 318 -29.79 -7.95 -12.25
CA TYR A 318 -29.78 -7.78 -13.70
C TYR A 318 -28.75 -8.65 -14.41
N ASP A 319 -28.06 -9.49 -13.65
CA ASP A 319 -27.08 -10.47 -14.17
C ASP A 319 -26.16 -9.92 -15.28
N PRO A 320 -25.40 -8.86 -14.96
CA PRO A 320 -24.61 -8.17 -15.99
C PRO A 320 -23.37 -8.95 -16.39
N PHE A 321 -22.79 -8.61 -17.55
CA PHE A 321 -21.57 -9.25 -18.01
C PHE A 321 -20.39 -8.89 -17.15
N ILE A 322 -20.31 -7.62 -16.77
CA ILE A 322 -19.22 -7.12 -15.94
C ILE A 322 -19.69 -5.99 -15.04
N VAL A 323 -19.05 -5.88 -13.87
CA VAL A 323 -19.22 -4.73 -12.98
C VAL A 323 -17.83 -4.40 -12.46
N ASN A 324 -17.50 -3.11 -12.39
CA ASN A 324 -16.30 -2.71 -11.68
C ASN A 324 -16.54 -1.50 -10.80
N THR A 325 -15.94 -1.55 -9.62
CA THR A 325 -15.77 -0.36 -8.82
C THR A 325 -14.75 0.52 -9.54
N VAL A 326 -14.95 1.83 -9.45
CA VAL A 326 -13.98 2.77 -9.97
C VAL A 326 -13.41 3.39 -8.71
N VAL A 327 -12.39 2.72 -8.17
CA VAL A 327 -12.04 2.82 -6.74
C VAL A 327 -11.65 4.21 -6.26
N GLY A 328 -10.74 4.88 -6.95
CA GLY A 328 -10.33 6.23 -6.57
C GLY A 328 -10.73 7.29 -7.58
N PHE A 329 -11.91 7.13 -8.16
CA PHE A 329 -12.33 8.00 -9.25
C PHE A 329 -12.67 9.43 -8.83
N ILE A 330 -13.20 9.57 -7.63
CA ILE A 330 -13.79 10.86 -7.23
C ILE A 330 -12.79 11.80 -6.57
N GLY A 331 -12.31 11.46 -5.37
CA GLY A 331 -11.30 12.27 -4.71
C GLY A 331 -11.00 11.92 -3.28
N PRO A 332 -10.07 12.69 -2.65
CA PRO A 332 -9.56 12.51 -1.29
C PRO A 332 -10.62 12.67 -0.22
N GLU A 333 -11.77 13.31 -0.58
CA GLU A 333 -12.86 13.52 0.37
C GLU A 333 -13.57 12.21 0.76
N TYR A 334 -13.50 11.21 -0.15
CA TYR A 334 -14.07 9.89 0.18
C TYR A 334 -13.01 8.83 0.46
N LEU A 335 -11.91 8.89 -0.28
CA LEU A 335 -10.76 8.02 -0.06
C LEU A 335 -9.48 8.85 -0.24
N TYR A 336 -8.77 9.08 0.86
CA TYR A 336 -7.70 10.09 0.89
C TYR A 336 -6.39 9.67 0.22
N ASN A 337 -5.90 8.47 0.53
CA ASN A 337 -4.54 8.09 0.18
C ASN A 337 -4.39 6.67 -0.34
N ASP A 338 -3.14 6.25 -0.51
CA ASP A 338 -2.80 4.87 -0.91
C ASP A 338 -3.54 3.83 -0.08
N ARG A 339 -3.30 3.89 1.23
CA ARG A 339 -3.85 2.96 2.21
C ARG A 339 -5.36 2.76 2.09
N GLN A 340 -6.09 3.86 1.99
CA GLN A 340 -7.55 3.81 1.95
C GLN A 340 -8.05 3.31 0.60
N ILE A 341 -7.36 3.68 -0.46
CA ILE A 341 -7.72 3.23 -1.81
C ILE A 341 -7.54 1.72 -1.97
N ILE A 342 -6.40 1.20 -1.49
CA ILE A 342 -6.13 -0.25 -1.52
C ILE A 342 -7.20 -1.01 -0.74
N ARG A 343 -7.46 -0.59 0.50
CA ARG A 343 -8.48 -1.21 1.33
C ARG A 343 -9.86 -1.22 0.66
N ALA A 344 -10.26 -0.07 0.12
CA ALA A 344 -11.54 0.04 -0.58
C ALA A 344 -11.62 -0.91 -1.78
N GLY A 345 -10.57 -0.95 -2.60
CA GLY A 345 -10.52 -1.84 -3.75
C GLY A 345 -10.64 -3.31 -3.39
N LEU A 346 -9.99 -3.71 -2.31
CA LEU A 346 -10.05 -5.08 -1.82
C LEU A 346 -11.45 -5.40 -1.26
N GLU A 347 -12.03 -4.44 -0.57
CA GLU A 347 -13.39 -4.56 -0.01
C GLU A 347 -14.43 -4.69 -1.10
N ASP A 348 -14.39 -3.73 -2.04
CA ASP A 348 -15.32 -3.69 -3.17
C ASP A 348 -15.30 -4.98 -3.99
N HIS A 349 -14.11 -5.46 -4.33
CA HIS A 349 -13.98 -6.70 -5.08
C HIS A 349 -14.47 -7.92 -4.30
N PHE A 350 -14.15 -7.98 -3.00
CA PHE A 350 -14.62 -9.08 -2.16
C PHE A 350 -16.15 -9.09 -2.08
N MET A 351 -16.73 -7.93 -1.79
CA MET A 351 -18.19 -7.80 -1.70
C MET A 351 -18.90 -8.13 -3.02
N GLY A 352 -18.31 -7.70 -4.15
CA GLY A 352 -18.84 -8.00 -5.47
C GLY A 352 -18.89 -9.51 -5.75
N LYS A 353 -17.79 -10.20 -5.42
CA LYS A 353 -17.72 -11.64 -5.62
C LYS A 353 -18.61 -12.42 -4.67
N LEU A 354 -18.77 -11.94 -3.44
CA LEU A 354 -19.69 -12.55 -2.48
C LEU A 354 -21.16 -12.34 -2.89
N SER A 355 -21.43 -11.22 -3.54
CA SER A 355 -22.76 -10.92 -4.08
C SER A 355 -23.03 -11.70 -5.37
N GLY A 356 -21.97 -12.28 -5.93
CA GLY A 356 -22.10 -13.16 -7.10
C GLY A 356 -22.18 -12.42 -8.41
N ILE A 357 -21.51 -11.27 -8.51
CA ILE A 357 -21.41 -10.55 -9.77
C ILE A 357 -19.99 -10.61 -10.36
N SER A 358 -19.91 -10.37 -11.66
CA SER A 358 -18.65 -10.47 -12.41
C SER A 358 -17.79 -9.25 -12.10
N MET A 359 -17.06 -9.32 -11.00
CA MET A 359 -16.50 -8.13 -10.37
C MET A 359 -15.06 -7.85 -10.78
N GLY A 360 -14.85 -6.63 -11.30
CA GLY A 360 -13.52 -6.14 -11.63
C GLY A 360 -13.26 -4.88 -10.84
N CYS A 361 -12.17 -4.19 -11.17
CA CYS A 361 -11.82 -2.94 -10.49
C CYS A 361 -11.00 -2.03 -11.39
N ASP A 362 -11.46 -0.80 -11.52
CA ASP A 362 -10.66 0.26 -12.13
C ASP A 362 -9.73 0.77 -11.05
N CYS A 363 -8.50 0.25 -11.05
CA CYS A 363 -7.48 0.67 -10.09
C CYS A 363 -7.01 2.06 -10.47
N CYS A 364 -7.45 3.05 -9.70
CA CYS A 364 -7.25 4.44 -10.07
C CYS A 364 -7.11 5.40 -8.89
N TYR A 365 -6.72 6.63 -9.22
CA TYR A 365 -6.60 7.73 -8.27
C TYR A 365 -6.71 9.04 -9.04
N THR A 366 -6.94 10.12 -8.32
CA THR A 366 -6.98 11.45 -8.92
C THR A 366 -5.77 12.27 -8.47
N ASN A 367 -5.51 13.36 -9.19
CA ASN A 367 -4.36 14.21 -8.92
C ASN A 367 -4.49 15.09 -7.69
N HIS A 368 -5.69 15.17 -7.12
CA HIS A 368 -5.89 15.88 -5.85
C HIS A 368 -5.96 14.95 -4.64
N ALA A 369 -5.79 13.65 -4.88
CA ALA A 369 -5.68 12.66 -3.82
C ALA A 369 -4.20 12.41 -3.48
N ASP A 370 -3.93 11.99 -2.25
CA ASP A 370 -2.57 11.70 -1.82
C ASP A 370 -2.14 10.33 -2.32
N ALA A 371 -1.76 10.27 -3.59
CA ALA A 371 -1.51 9.01 -4.29
C ALA A 371 -0.70 9.22 -5.56
N ASP A 372 -0.09 8.13 -6.05
CA ASP A 372 0.58 8.14 -7.34
C ASP A 372 0.39 6.82 -8.08
N GLN A 373 1.06 6.71 -9.23
CA GLN A 373 0.91 5.53 -10.09
C GLN A 373 1.37 4.22 -9.42
N ASN A 374 2.28 4.34 -8.47
CA ASN A 374 2.74 3.18 -7.70
C ASN A 374 1.64 2.52 -6.88
N LEU A 375 0.64 3.32 -6.49
CA LEU A 375 -0.57 2.80 -5.85
C LEU A 375 -1.36 1.92 -6.79
N ASN A 376 -1.58 2.39 -8.02
CA ASN A 376 -2.28 1.61 -9.04
C ASN A 376 -1.62 0.26 -9.28
N GLU A 377 -0.30 0.29 -9.35
CA GLU A 377 0.49 -0.93 -9.59
C GLU A 377 0.46 -1.88 -8.41
N ASN A 378 0.51 -1.33 -7.19
CA ASN A 378 0.31 -2.12 -5.98
C ASN A 378 -1.05 -2.82 -5.98
N LEU A 379 -2.10 -2.05 -6.24
CA LEU A 379 -3.47 -2.54 -6.12
C LEU A 379 -3.87 -3.54 -7.21
N MET A 380 -3.50 -3.27 -8.45
CA MET A 380 -3.82 -4.16 -9.56
C MET A 380 -3.26 -5.56 -9.35
N ILE A 381 -2.07 -5.65 -8.75
CA ILE A 381 -1.42 -6.94 -8.53
C ILE A 381 -2.09 -7.68 -7.38
N LEU A 382 -2.36 -6.97 -6.29
CA LEU A 382 -3.11 -7.54 -5.15
C LEU A 382 -4.47 -8.05 -5.58
N LEU A 383 -5.18 -7.26 -6.38
CA LEU A 383 -6.50 -7.64 -6.87
C LEU A 383 -6.46 -8.79 -7.86
N ALA A 384 -5.44 -8.80 -8.72
CA ALA A 384 -5.24 -9.93 -9.63
C ALA A 384 -5.02 -11.25 -8.88
N THR A 385 -4.31 -11.19 -7.75
CA THR A 385 -4.16 -12.38 -6.88
C THR A 385 -5.50 -12.79 -6.26
N ALA A 386 -6.40 -11.84 -6.09
CA ALA A 386 -7.74 -12.11 -5.57
C ALA A 386 -8.70 -12.64 -6.63
N GLY A 387 -8.23 -12.75 -7.87
CA GLY A 387 -9.06 -13.21 -8.98
C GLY A 387 -9.96 -12.14 -9.55
N CYS A 388 -9.55 -10.88 -9.42
CA CYS A 388 -10.25 -9.73 -10.03
C CYS A 388 -10.47 -10.01 -11.52
N ASN A 389 -11.72 -9.89 -11.96
CA ASN A 389 -12.09 -10.28 -13.33
C ASN A 389 -11.46 -9.42 -14.41
N TYR A 390 -11.32 -8.12 -14.13
CA TYR A 390 -10.72 -7.19 -15.09
C TYR A 390 -10.32 -5.83 -14.50
N ILE A 391 -9.34 -5.20 -15.13
CA ILE A 391 -8.97 -3.81 -14.84
C ILE A 391 -9.14 -3.01 -16.13
N MET A 392 -8.84 -1.71 -16.08
CA MET A 392 -8.87 -0.89 -17.28
C MET A 392 -7.53 -0.91 -18.00
N GLY A 393 -7.55 -0.41 -19.23
CA GLY A 393 -6.34 -0.22 -20.01
C GLY A 393 -6.42 1.08 -20.76
N MET A 394 -5.46 1.96 -20.49
CA MET A 394 -5.29 3.20 -21.24
C MET A 394 -3.81 3.38 -21.54
N PRO A 395 -3.45 4.22 -22.53
CA PRO A 395 -2.04 4.45 -22.83
C PRO A 395 -1.32 5.09 -21.64
N LEU A 396 -0.47 4.30 -20.97
CA LEU A 396 0.24 4.71 -19.75
C LEU A 396 -0.67 5.00 -18.55
N GLY A 397 -1.96 4.78 -18.71
CA GLY A 397 -2.94 5.00 -17.66
C GLY A 397 -3.46 6.43 -17.59
N ASP A 398 -3.08 7.24 -18.56
CA ASP A 398 -3.47 8.66 -18.57
C ASP A 398 -4.76 8.88 -19.35
N ASP A 399 -5.84 9.20 -18.64
CA ASP A 399 -7.07 9.61 -19.28
C ASP A 399 -7.00 11.10 -19.61
N ILE A 400 -6.99 11.40 -20.90
CA ILE A 400 -6.86 12.76 -21.40
C ILE A 400 -8.14 13.59 -21.26
N MET A 401 -9.25 12.91 -20.97
CA MET A 401 -10.54 13.59 -20.84
C MET A 401 -11.11 13.52 -19.42
N LEU A 402 -11.12 12.32 -18.83
CA LEU A 402 -11.71 12.14 -17.49
C LEU A 402 -10.80 12.64 -16.39
N ASN A 403 -9.59 13.04 -16.75
CA ASN A 403 -8.64 13.70 -15.86
C ASN A 403 -8.34 12.92 -14.59
N TYR A 404 -7.88 11.68 -14.78
CA TYR A 404 -7.46 10.83 -13.67
C TYR A 404 -6.48 9.81 -14.21
N GLN A 405 -5.88 9.01 -13.34
CA GLN A 405 -4.96 7.97 -13.80
C GLN A 405 -5.40 6.58 -13.41
N THR A 406 -5.56 5.75 -14.42
CA THR A 406 -5.93 4.36 -14.25
C THR A 406 -4.71 3.48 -14.57
N THR A 407 -4.93 2.21 -14.91
CA THR A 407 -3.81 1.34 -15.25
C THR A 407 -3.45 1.41 -16.74
N ALA A 408 -2.17 1.17 -17.03
CA ALA A 408 -1.66 1.19 -18.40
C ALA A 408 -2.01 -0.11 -19.14
N PHE A 409 -1.88 -0.10 -20.46
CA PHE A 409 -1.96 -1.34 -21.25
C PHE A 409 -0.87 -2.30 -20.81
N HIS A 410 0.31 -1.72 -20.56
CA HIS A 410 1.49 -2.43 -20.04
C HIS A 410 1.16 -3.27 -18.81
N ASP A 411 0.35 -2.71 -17.92
CA ASP A 411 0.03 -3.32 -16.64
C ASP A 411 -0.73 -4.65 -16.73
N THR A 412 -1.68 -4.73 -17.65
CA THR A 412 -2.39 -5.98 -17.93
C THR A 412 -1.41 -7.06 -18.39
N ALA A 413 -0.59 -6.72 -19.37
CA ALA A 413 0.46 -7.61 -19.86
C ALA A 413 1.41 -8.03 -18.72
N THR A 414 1.78 -7.08 -17.87
CA THR A 414 2.63 -7.33 -16.71
C THR A 414 2.00 -8.34 -15.76
N VAL A 415 0.75 -8.07 -15.36
CA VAL A 415 -0.01 -8.93 -14.44
C VAL A 415 -0.15 -10.36 -14.97
N ARG A 416 -0.51 -10.47 -16.25
CA ARG A 416 -0.68 -11.76 -16.92
C ARG A 416 0.60 -12.57 -16.95
N GLN A 417 1.72 -11.90 -17.28
CA GLN A 417 3.00 -12.59 -17.39
C GLN A 417 3.63 -12.84 -16.02
N LEU A 418 3.34 -11.95 -15.07
CA LEU A 418 3.81 -12.13 -13.69
C LEU A 418 3.14 -13.32 -13.01
N LEU A 419 1.83 -13.44 -13.17
CA LEU A 419 1.06 -14.45 -12.44
C LEU A 419 0.64 -15.66 -13.28
N ASN A 420 1.19 -15.78 -14.49
CA ASN A 420 0.82 -16.83 -15.43
C ASN A 420 -0.69 -16.86 -15.68
N LEU A 421 -1.26 -15.71 -16.00
CA LEU A 421 -2.68 -15.61 -16.31
C LEU A 421 -2.87 -15.44 -17.80
N ARG A 422 -3.98 -15.98 -18.31
CA ARG A 422 -4.32 -15.89 -19.72
C ARG A 422 -5.44 -14.87 -19.91
N PRO A 423 -5.64 -14.37 -21.15
CA PRO A 423 -6.84 -13.55 -21.35
C PRO A 423 -8.05 -14.46 -21.48
N SER A 424 -9.22 -13.86 -21.69
CA SER A 424 -10.40 -14.62 -22.12
C SER A 424 -9.99 -15.56 -23.25
N PRO A 425 -10.37 -16.85 -23.14
CA PRO A 425 -9.92 -17.86 -24.10
C PRO A 425 -10.25 -17.55 -25.56
N GLU A 426 -11.38 -16.88 -25.80
CA GLU A 426 -11.78 -16.50 -27.16
C GLU A 426 -10.86 -15.40 -27.68
N PHE A 427 -10.58 -14.42 -26.81
CA PHE A 427 -9.70 -13.30 -27.16
C PHE A 427 -8.25 -13.75 -27.30
N GLU A 428 -7.82 -14.65 -26.42
CA GLU A 428 -6.48 -15.23 -26.47
C GLU A 428 -6.23 -15.89 -27.82
N ARG A 429 -7.23 -16.66 -28.28
CA ARG A 429 -7.17 -17.33 -29.57
C ARG A 429 -6.92 -16.34 -30.70
N TRP A 430 -7.66 -15.23 -30.66
CA TRP A 430 -7.53 -14.16 -31.64
C TRP A 430 -6.15 -13.51 -31.59
N LEU A 431 -5.65 -13.26 -30.38
CA LEU A 431 -4.30 -12.69 -30.19
C LEU A 431 -3.21 -13.59 -30.76
N GLU A 432 -3.43 -14.90 -30.67
CA GLU A 432 -2.49 -15.88 -31.23
C GLU A 432 -2.54 -15.85 -32.75
N SER A 433 -3.75 -15.77 -33.30
CA SER A 433 -3.96 -15.65 -34.74
C SER A 433 -3.24 -14.42 -35.31
N MET A 434 -3.29 -13.32 -34.56
CA MET A 434 -2.68 -12.05 -34.99
C MET A 434 -1.16 -12.02 -34.76
N GLY A 435 -0.62 -13.02 -34.07
CA GLY A 435 0.80 -13.07 -33.76
C GLY A 435 1.21 -12.14 -32.63
N ILE A 436 0.23 -11.69 -31.84
CA ILE A 436 0.46 -10.77 -30.74
C ILE A 436 0.87 -11.52 -29.46
N MET A 437 0.28 -12.69 -29.26
CA MET A 437 0.54 -13.47 -28.05
C MET A 437 0.92 -14.92 -28.38
N ALA A 438 1.88 -15.46 -27.64
CA ALA A 438 2.19 -16.87 -27.69
C ALA A 438 2.42 -17.37 -26.26
N ASN A 439 1.66 -18.39 -25.87
CA ASN A 439 1.72 -18.97 -24.53
C ASN A 439 1.53 -17.96 -23.39
N GLY A 440 0.56 -17.08 -23.57
CA GLY A 440 0.24 -16.08 -22.55
C GLY A 440 1.16 -14.87 -22.49
N ARG A 441 2.22 -14.89 -23.30
CA ARG A 441 3.21 -13.81 -23.28
C ARG A 441 3.19 -13.03 -24.58
N LEU A 442 3.40 -11.72 -24.46
CA LEU A 442 3.55 -10.85 -25.62
C LEU A 442 4.75 -11.27 -26.49
N THR A 443 4.51 -11.43 -27.78
CA THR A 443 5.59 -11.72 -28.73
C THR A 443 6.46 -10.49 -28.92
N LYS A 444 7.53 -10.63 -29.68
CA LYS A 444 8.45 -9.52 -29.94
C LYS A 444 7.76 -8.38 -30.71
N ARG A 445 6.88 -8.73 -31.63
CA ARG A 445 6.17 -7.73 -32.44
C ARG A 445 4.98 -7.05 -31.72
N ALA A 446 4.68 -7.50 -30.50
CA ALA A 446 3.57 -6.95 -29.71
C ALA A 446 3.89 -5.57 -29.14
N GLY A 447 2.84 -4.84 -28.76
CA GLY A 447 2.98 -3.49 -28.20
C GLY A 447 3.23 -2.45 -29.27
N ASP A 448 2.93 -2.81 -30.52
CA ASP A 448 3.17 -1.96 -31.67
C ASP A 448 1.87 -1.86 -32.47
N PRO A 449 1.18 -0.72 -32.38
CA PRO A 449 -0.10 -0.55 -33.08
C PRO A 449 -0.03 -0.58 -34.61
N SER A 450 1.18 -0.41 -35.17
CA SER A 450 1.39 -0.44 -36.63
CA SER A 450 1.38 -0.43 -36.63
C SER A 450 1.22 -1.84 -37.21
N LEU A 451 1.18 -2.84 -36.34
CA LEU A 451 0.96 -4.25 -36.73
C LEU A 451 -0.36 -4.46 -37.47
N PHE A 452 -1.33 -3.59 -37.18
CA PHE A 452 -2.67 -3.67 -37.77
C PHE A 452 -2.76 -2.97 -39.13
N PHE A 453 -1.62 -2.44 -39.60
CA PHE A 453 -1.59 -1.66 -40.83
C PHE A 453 -0.65 -2.26 -41.87
N ALA B 55 20.80 16.07 -24.41
CA ALA B 55 19.90 16.33 -23.26
C ALA B 55 18.48 16.69 -23.73
N LEU B 56 17.49 16.38 -22.90
CA LEU B 56 16.09 16.61 -23.25
C LEU B 56 15.27 17.14 -22.07
N ASP B 57 14.45 18.14 -22.32
CA ASP B 57 13.47 18.61 -21.34
C ASP B 57 12.23 17.75 -21.47
N LEU B 58 11.79 17.16 -20.36
CA LEU B 58 10.64 16.25 -20.36
C LEU B 58 9.30 16.97 -20.55
N GLY B 59 9.31 18.30 -20.46
CA GLY B 59 8.11 19.10 -20.70
C GLY B 59 8.05 19.68 -22.10
N SER B 60 9.10 19.48 -22.88
CA SER B 60 9.20 20.02 -24.24
C SER B 60 8.31 19.27 -25.23
N ALA B 61 8.08 19.89 -26.39
CA ALA B 61 7.26 19.30 -27.45
C ALA B 61 7.87 18.02 -28.04
N GLU B 62 9.20 17.98 -28.12
CA GLU B 62 9.91 16.82 -28.67
C GLU B 62 9.78 15.59 -27.78
N ALA B 63 9.76 15.83 -26.47
CA ALA B 63 9.57 14.75 -25.49
C ALA B 63 8.17 14.17 -25.55
N LYS B 64 7.19 15.01 -25.86
CA LYS B 64 5.80 14.59 -25.94
C LYS B 64 5.50 13.85 -27.26
N ALA B 65 6.30 14.14 -28.29
CA ALA B 65 6.11 13.53 -29.61
C ALA B 65 7.01 12.30 -29.81
N TRP B 66 7.69 11.87 -28.75
CA TRP B 66 8.68 10.80 -28.83
C TRP B 66 8.07 9.42 -29.12
N ILE B 67 8.61 8.76 -30.14
CA ILE B 67 8.23 7.40 -30.49
C ILE B 67 9.24 6.44 -29.88
N GLY B 68 8.76 5.50 -29.08
CA GLY B 68 9.64 4.55 -28.39
C GLY B 68 9.52 3.12 -28.87
N VAL B 69 8.62 2.89 -29.83
CA VAL B 69 8.42 1.55 -30.40
C VAL B 69 9.66 1.11 -31.18
N GLU B 70 10.30 0.05 -30.69
CA GLU B 70 11.49 -0.51 -31.33
C GLU B 70 11.12 -1.49 -32.43
N ASN B 71 11.83 -1.41 -33.55
CA ASN B 71 11.55 -2.18 -34.76
C ASN B 71 10.07 -2.23 -35.17
N PRO B 72 9.51 -1.08 -35.57
CA PRO B 72 8.10 -1.02 -35.94
C PRO B 72 7.81 -1.74 -37.26
N HIS B 73 6.59 -2.25 -37.37
CA HIS B 73 6.14 -2.91 -38.59
C HIS B 73 5.97 -1.89 -39.73
N ARG B 74 5.49 -0.70 -39.38
CA ARG B 74 5.24 0.37 -40.35
C ARG B 74 5.38 1.72 -39.65
N ALA B 75 6.58 2.29 -39.72
CA ALA B 75 6.95 3.43 -38.89
C ALA B 75 6.28 4.77 -39.23
N ASP B 76 5.79 4.90 -40.46
CA ASP B 76 5.07 6.11 -40.86
C ASP B 76 3.65 6.12 -40.29
N VAL B 77 3.12 4.94 -39.98
CA VAL B 77 1.83 4.81 -39.31
C VAL B 77 1.92 5.29 -37.87
N LEU B 78 3.04 5.00 -37.21
CA LEU B 78 3.27 5.42 -35.82
C LEU B 78 3.30 6.93 -35.65
N THR B 79 3.90 7.64 -36.61
CA THR B 79 3.92 9.10 -36.60
C THR B 79 2.49 9.64 -36.81
N GLU B 80 1.75 9.00 -37.70
CA GLU B 80 0.36 9.39 -37.98
CA GLU B 80 0.35 9.37 -37.98
C GLU B 80 -0.54 9.09 -36.78
N LEU B 81 -0.19 8.07 -36.00
CA LEU B 81 -0.93 7.70 -34.80
C LEU B 81 -0.62 8.66 -33.65
N ARG B 82 0.64 9.08 -33.55
CA ARG B 82 1.08 10.00 -32.50
C ARG B 82 0.53 11.41 -32.73
N ARG B 83 0.33 11.77 -33.99
CA ARG B 83 -0.20 13.09 -34.32
C ARG B 83 -1.72 13.16 -34.15
N SER B 84 -2.39 12.02 -34.27
CA SER B 84 -3.86 11.98 -34.22
C SER B 84 -4.42 12.05 -32.79
N THR B 85 -3.56 11.88 -31.79
CA THR B 85 -4.02 11.83 -30.40
C THR B 85 -3.05 12.50 -29.42
N VAL B 86 -3.60 12.97 -28.29
CA VAL B 86 -2.83 13.58 -27.21
C VAL B 86 -2.48 12.51 -26.17
N ALA B 87 -3.17 11.37 -26.24
CA ALA B 87 -2.90 10.22 -25.38
C ALA B 87 -1.49 9.66 -25.59
N ARG B 88 -0.91 9.13 -24.51
CA ARG B 88 0.49 8.68 -24.50
C ARG B 88 0.70 7.37 -25.26
N VAL B 89 0.52 7.45 -26.57
CA VAL B 89 0.53 6.29 -27.46
C VAL B 89 1.91 6.17 -28.11
N CYS B 90 2.25 4.97 -28.58
CA CYS B 90 3.48 4.69 -29.36
C CYS B 90 4.81 4.81 -28.58
N THR B 91 4.73 4.69 -27.26
CA THR B 91 5.92 4.86 -26.40
C THR B 91 6.75 3.58 -26.31
N GLY B 92 6.22 2.49 -26.87
CA GLY B 92 6.92 1.21 -26.86
C GLY B 92 6.86 0.53 -25.51
N ARG B 93 7.84 -0.32 -25.24
CA ARG B 93 7.88 -1.11 -24.01
C ARG B 93 9.25 -1.72 -23.75
N ALA B 94 9.47 -2.11 -22.50
CA ALA B 94 10.60 -2.94 -22.11
C ALA B 94 10.00 -4.14 -21.40
N GLY B 95 9.94 -5.26 -22.12
CA GLY B 95 9.13 -6.40 -21.69
C GLY B 95 7.68 -5.97 -21.68
N PRO B 96 6.97 -6.21 -20.57
CA PRO B 96 5.62 -5.70 -20.44
C PRO B 96 5.56 -4.36 -19.71
N ARG B 97 6.72 -3.75 -19.47
CA ARG B 97 6.82 -2.52 -18.68
C ARG B 97 7.03 -1.31 -19.59
N PRO B 98 6.62 -0.11 -19.13
CA PRO B 98 6.89 1.09 -19.91
C PRO B 98 8.39 1.37 -20.09
N ARG B 99 8.73 2.05 -21.18
CA ARG B 99 10.10 2.49 -21.41
C ARG B 99 10.46 3.61 -20.44
N THR B 100 11.76 3.75 -20.15
CA THR B 100 12.26 4.68 -19.13
C THR B 100 11.83 6.12 -19.38
N GLN B 101 12.02 6.60 -20.61
CA GLN B 101 11.71 7.99 -20.95
C GLN B 101 10.22 8.32 -20.80
N ALA B 102 9.38 7.35 -21.15
CA ALA B 102 7.93 7.47 -21.00
C ALA B 102 7.55 7.57 -19.52
N LEU B 103 8.18 6.74 -18.69
CA LEU B 103 7.99 6.76 -17.24
C LEU B 103 8.48 8.08 -16.63
N LEU B 104 9.61 8.58 -17.12
CA LEU B 104 10.15 9.85 -16.66
C LEU B 104 9.22 11.01 -17.00
N ARG B 105 8.70 11.00 -18.23
CA ARG B 105 7.78 12.04 -18.69
C ARG B 105 6.47 12.01 -17.91
N PHE B 106 6.03 10.81 -17.56
CA PHE B 106 4.85 10.58 -16.72
C PHE B 106 5.03 11.20 -15.33
N LEU B 107 6.19 10.93 -14.72
CA LEU B 107 6.50 11.40 -13.38
C LEU B 107 6.70 12.92 -13.33
N ALA B 108 7.26 13.47 -14.41
CA ALA B 108 7.45 14.91 -14.55
C ALA B 108 6.10 15.64 -14.66
N ASP B 109 5.20 15.09 -15.46
CA ASP B 109 3.86 15.64 -15.63
C ASP B 109 3.02 15.47 -14.37
N HIS B 110 3.30 14.44 -13.57
CA HIS B 110 2.58 14.26 -12.32
C HIS B 110 2.95 15.31 -11.27
N SER B 111 4.24 15.62 -11.18
CA SER B 111 4.74 16.64 -10.25
C SER B 111 4.15 18.03 -10.54
N ARG B 112 4.00 18.34 -11.83
CA ARG B 112 3.38 19.60 -12.26
C ARG B 112 1.88 19.59 -11.99
N SER B 113 1.25 18.42 -12.16
CA SER B 113 -0.17 18.24 -11.90
C SER B 113 -0.49 18.39 -10.41
N LYS B 114 0.43 17.93 -9.56
CA LYS B 114 0.25 18.04 -8.11
C LYS B 114 0.28 19.49 -7.64
N ASP B 115 1.14 20.30 -8.25
CA ASP B 115 1.25 21.73 -7.94
C ASP B 115 0.05 22.53 -8.44
N THR B 116 -0.53 22.08 -9.55
CA THR B 116 -1.59 22.80 -10.23
C THR B 116 -2.94 22.71 -9.51
N VAL B 117 -3.05 21.81 -8.53
CA VAL B 117 -4.33 21.61 -7.84
C VAL B 117 -4.50 22.51 -6.60
N LEU B 118 -3.41 22.74 -5.86
CA LEU B 118 -3.49 23.54 -4.64
C LEU B 118 -3.14 25.02 -4.85
N LYS B 119 -2.93 25.41 -6.10
CA LYS B 119 -2.68 26.82 -6.42
C LYS B 119 -3.97 27.63 -6.42
N GLU B 120 -3.85 28.93 -6.13
CA GLU B 120 -4.98 29.82 -5.93
C GLU B 120 -4.98 30.96 -6.95
N VAL B 121 -6.18 31.33 -7.40
CA VAL B 121 -6.34 32.54 -8.21
C VAL B 121 -6.14 33.77 -7.33
N PRO B 122 -5.19 34.65 -7.69
CA PRO B 122 -4.90 35.85 -6.90
C PRO B 122 -6.12 36.77 -6.78
N GLU B 123 -6.28 37.39 -5.61
CA GLU B 123 -7.38 38.30 -5.32
C GLU B 123 -7.36 39.50 -6.27
N GLU B 124 -6.16 39.84 -6.76
CA GLU B 124 -5.97 40.96 -7.66
C GLU B 124 -6.45 40.66 -9.09
N TRP B 125 -6.37 39.39 -9.50
CA TRP B 125 -6.73 38.99 -10.85
C TRP B 125 -8.24 39.07 -11.11
N VAL B 126 -9.02 38.60 -10.15
CA VAL B 126 -10.48 38.64 -10.23
C VAL B 126 -11.00 40.09 -10.19
N LYS B 127 -10.38 40.90 -9.34
CA LYS B 127 -10.72 42.32 -9.21
C LYS B 127 -10.39 43.08 -10.50
N ALA B 128 -9.36 42.63 -11.20
CA ALA B 128 -8.96 43.23 -12.48
C ALA B 128 -9.89 42.85 -13.63
N GLN B 129 -10.63 41.76 -13.46
CA GLN B 129 -11.60 41.31 -14.46
C GLN B 129 -12.96 41.99 -14.27
N GLY B 130 -13.07 42.80 -13.21
CA GLY B 130 -14.30 43.52 -12.91
C GLY B 130 -15.37 42.64 -12.28
N LEU B 131 -14.92 41.59 -11.59
CA LEU B 131 -15.81 40.62 -10.96
C LEU B 131 -15.94 40.81 -9.46
N LEU B 132 -17.14 40.53 -8.95
CA LEU B 132 -17.37 40.40 -7.52
C LEU B 132 -16.77 39.07 -7.06
N GLU B 133 -15.89 39.10 -6.06
CA GLU B 133 -15.41 37.86 -5.46
C GLU B 133 -16.19 37.53 -4.19
N VAL B 134 -16.81 36.35 -4.20
CA VAL B 134 -17.55 35.85 -3.05
C VAL B 134 -17.01 34.44 -2.78
N ARG B 135 -17.19 33.92 -1.58
CA ARG B 135 -16.71 32.57 -1.27
C ARG B 135 -17.78 31.65 -0.67
N SER B 136 -17.49 30.34 -0.67
CA SER B 136 -18.35 29.37 0.00
C SER B 136 -18.04 29.34 1.50
N GLU B 137 -18.53 28.31 2.19
CA GLU B 137 -18.26 28.16 3.62
C GLU B 137 -16.79 27.80 3.90
N ILE B 138 -16.10 27.35 2.84
CA ILE B 138 -14.70 26.95 2.91
C ILE B 138 -13.76 28.15 3.10
N SER B 139 -12.74 27.96 3.93
CA SER B 139 -11.76 29.00 4.21
C SER B 139 -10.51 28.96 3.30
N ASP B 140 -9.98 27.76 3.04
CA ASP B 140 -8.74 27.62 2.28
C ASP B 140 -8.77 26.43 1.30
N LYS B 141 -7.63 26.18 0.65
CA LYS B 141 -7.52 25.08 -0.31
C LYS B 141 -7.55 23.71 0.33
N ASN B 142 -6.89 23.56 1.47
CA ASN B 142 -6.82 22.29 2.19
C ASN B 142 -8.19 21.81 2.65
N LEU B 143 -9.00 22.72 3.17
CA LEU B 143 -10.36 22.39 3.58
C LEU B 143 -11.26 22.07 2.39
N TYR B 144 -11.02 22.75 1.27
CA TYR B 144 -11.80 22.55 0.06
C TYR B 144 -11.72 21.11 -0.45
N LEU B 145 -10.56 20.50 -0.30
CA LEU B 145 -10.32 19.17 -0.81
C LEU B 145 -10.98 18.07 0.04
N THR B 146 -11.27 18.38 1.30
CA THR B 146 -11.87 17.38 2.19
C THR B 146 -13.32 17.62 2.57
N ARG B 147 -13.83 18.84 2.35
CA ARG B 147 -15.21 19.17 2.70
C ARG B 147 -16.04 19.65 1.51
N PRO B 148 -16.57 18.72 0.69
CA PRO B 148 -17.42 19.10 -0.44
C PRO B 148 -18.76 19.72 -0.01
N ASP B 149 -19.26 19.32 1.15
CA ASP B 149 -20.52 19.85 1.69
C ASP B 149 -20.46 21.35 2.02
N MET B 150 -19.29 21.82 2.44
CA MET B 150 -19.11 23.24 2.70
C MET B 150 -18.85 24.01 1.41
N GLY B 151 -18.34 23.31 0.40
CA GLY B 151 -18.14 23.89 -0.93
C GLY B 151 -19.44 24.07 -1.68
N ARG B 152 -20.49 23.38 -1.23
CA ARG B 152 -21.81 23.45 -1.85
C ARG B 152 -22.70 24.54 -1.24
N ARG B 153 -22.19 25.25 -0.24
CA ARG B 153 -22.96 26.30 0.45
C ARG B 153 -22.19 27.61 0.54
N LEU B 154 -22.84 28.69 0.14
CA LEU B 154 -22.31 30.04 0.32
C LEU B 154 -22.21 30.35 1.82
N CYS B 155 -21.17 31.08 2.22
CA CYS B 155 -21.06 31.55 3.59
C CYS B 155 -22.11 32.64 3.87
N ALA B 156 -22.28 32.98 5.14
CA ALA B 156 -23.31 33.95 5.55
C ALA B 156 -23.13 35.32 4.89
N GLU B 157 -21.87 35.74 4.76
CA GLU B 157 -21.55 37.03 4.15
C GLU B 157 -21.68 37.01 2.63
N ALA B 158 -21.64 35.80 2.05
CA ALA B 158 -21.81 35.63 0.61
C ALA B 158 -23.25 35.83 0.17
N VAL B 159 -24.18 35.26 0.95
CA VAL B 159 -25.60 35.40 0.73
C VAL B 159 -26.01 36.88 0.73
N GLU B 160 -25.52 37.62 1.72
CA GLU B 160 -25.86 39.03 1.87
C GLU B 160 -25.28 39.89 0.75
N ALA B 161 -24.07 39.54 0.31
CA ALA B 161 -23.41 40.29 -0.76
C ALA B 161 -24.11 40.11 -2.11
N LEU B 162 -24.61 38.91 -2.36
CA LEU B 162 -25.31 38.60 -3.61
C LEU B 162 -26.65 39.34 -3.72
N LYS B 163 -27.35 39.47 -2.60
CA LYS B 163 -28.61 40.22 -2.56
C LYS B 163 -28.35 41.73 -2.69
N ALA B 164 -27.19 42.16 -2.21
CA ALA B 164 -26.82 43.57 -2.19
C ALA B 164 -26.33 44.08 -3.54
N GLN B 165 -25.55 43.25 -4.24
CA GLN B 165 -24.76 43.71 -5.39
C GLN B 165 -25.11 43.09 -6.74
N CYS B 166 -26.00 42.10 -6.76
CA CYS B 166 -26.42 41.47 -8.02
C CYS B 166 -27.84 41.87 -8.37
N VAL B 167 -28.18 41.76 -9.66
CA VAL B 167 -29.54 42.07 -10.11
C VAL B 167 -30.51 40.95 -9.73
N ALA B 168 -31.75 41.34 -9.43
CA ALA B 168 -32.77 40.40 -8.96
C ALA B 168 -33.54 39.81 -10.14
N ASN B 169 -33.98 38.58 -9.95
CA ASN B 169 -34.75 37.82 -10.96
C ASN B 169 -34.21 37.87 -12.40
N PRO B 170 -32.95 37.48 -12.61
CA PRO B 170 -32.46 37.48 -13.99
C PRO B 170 -32.97 36.26 -14.75
N ASP B 171 -32.95 36.34 -16.07
CA ASP B 171 -33.36 35.21 -16.90
C ASP B 171 -32.20 34.23 -17.04
N VAL B 172 -30.99 34.77 -17.20
CA VAL B 172 -29.79 33.95 -17.28
C VAL B 172 -28.70 34.50 -16.34
N GLN B 173 -28.26 33.65 -15.41
CA GLN B 173 -27.23 34.01 -14.44
C GLN B 173 -25.93 33.27 -14.71
N VAL B 174 -24.86 34.02 -15.00
CA VAL B 174 -23.55 33.42 -15.20
C VAL B 174 -22.72 33.49 -13.93
N VAL B 175 -22.21 32.32 -13.51
CA VAL B 175 -21.38 32.17 -12.31
C VAL B 175 -20.05 31.53 -12.69
N ILE B 176 -18.95 32.03 -12.13
CA ILE B 176 -17.63 31.46 -12.39
C ILE B 176 -16.98 31.03 -11.08
N SER B 177 -16.38 29.84 -11.07
CA SER B 177 -15.67 29.34 -9.90
C SER B 177 -14.39 28.60 -10.27
N ASP B 178 -13.40 28.68 -9.40
CA ASP B 178 -12.13 27.99 -9.60
C ASP B 178 -12.32 26.47 -9.53
N GLY B 179 -13.11 26.04 -8.56
CA GLY B 179 -13.36 24.62 -8.35
C GLY B 179 -12.08 23.88 -8.01
N LEU B 180 -11.74 22.91 -8.84
CA LEU B 180 -10.57 22.06 -8.60
C LEU B 180 -9.37 22.44 -9.46
N SER B 181 -9.55 23.41 -10.35
CA SER B 181 -8.45 23.87 -11.21
C SER B 181 -8.51 25.37 -11.50
N THR B 182 -7.54 26.10 -10.95
CA THR B 182 -7.40 27.54 -11.15
C THR B 182 -7.02 27.86 -12.60
N ASP B 183 -6.16 27.03 -13.19
CA ASP B 183 -5.69 27.19 -14.57
C ASP B 183 -6.84 27.17 -15.58
N ALA B 184 -7.85 26.34 -15.31
CA ALA B 184 -9.02 26.21 -16.18
C ALA B 184 -9.75 27.53 -16.40
N ILE B 185 -9.91 28.31 -15.34
CA ILE B 185 -10.60 29.59 -15.45
C ILE B 185 -9.67 30.76 -15.83
N THR B 186 -8.37 30.59 -15.57
CA THR B 186 -7.38 31.62 -15.87
C THR B 186 -7.09 31.73 -17.37
N VAL B 187 -6.78 30.60 -17.99
CA VAL B 187 -6.42 30.53 -19.41
C VAL B 187 -7.62 30.85 -20.32
N ASN B 188 -8.77 30.32 -19.95
CA ASN B 188 -9.95 30.37 -20.82
C ASN B 188 -10.84 31.61 -20.68
N TYR B 189 -10.70 32.35 -19.59
CA TYR B 189 -11.64 33.43 -19.22
C TYR B 189 -11.91 34.47 -20.30
N GLU B 190 -10.85 35.12 -20.79
CA GLU B 190 -10.95 36.21 -21.76
C GLU B 190 -11.54 35.72 -23.09
N GLU B 191 -11.44 34.41 -23.32
CA GLU B 191 -11.90 33.81 -24.55
C GLU B 191 -13.37 33.36 -24.47
N ILE B 192 -13.82 32.96 -23.29
CA ILE B 192 -15.18 32.43 -23.12
C ILE B 192 -16.21 33.45 -22.60
N LEU B 193 -15.83 34.26 -21.61
CA LEU B 193 -16.77 35.15 -20.93
C LEU B 193 -17.31 36.33 -21.77
N PRO B 194 -16.42 37.06 -22.50
CA PRO B 194 -16.96 38.13 -23.36
C PRO B 194 -17.95 37.72 -24.48
N PRO B 195 -17.66 36.66 -25.28
CA PRO B 195 -18.67 36.30 -26.28
C PRO B 195 -19.93 35.66 -25.71
N LEU B 196 -19.86 35.18 -24.47
CA LEU B 196 -21.02 34.65 -23.76
C LEU B 196 -21.99 35.77 -23.39
N MET B 197 -21.44 36.89 -22.94
CA MET B 197 -22.24 38.07 -22.58
C MET B 197 -22.78 38.78 -23.81
N ALA B 198 -21.93 38.92 -24.83
CA ALA B 198 -22.32 39.51 -26.11
C ALA B 198 -23.22 38.58 -26.92
N GLY B 199 -23.46 37.38 -26.41
CA GLY B 199 -24.37 36.43 -27.04
C GLY B 199 -25.71 36.40 -26.35
N LEU B 200 -25.67 36.41 -25.01
CA LEU B 200 -26.87 36.37 -24.18
C LEU B 200 -27.67 37.67 -24.22
N LYS B 201 -26.95 38.79 -24.24
CA LYS B 201 -27.60 40.10 -24.26
C LYS B 201 -28.05 40.45 -25.68
N GLN B 202 -27.11 40.41 -26.61
CA GLN B 202 -27.38 40.74 -28.01
C GLN B 202 -28.24 39.65 -28.66
N ALA B 203 -29.42 40.06 -29.12
CA ALA B 203 -30.48 39.16 -29.57
C ALA B 203 -30.89 38.20 -28.44
N GLY B 204 -31.24 38.78 -27.29
CA GLY B 204 -31.58 37.99 -26.11
C GLY B 204 -32.46 38.69 -25.08
N LEU B 205 -32.18 38.42 -23.81
CA LEU B 205 -33.07 38.82 -22.71
C LEU B 205 -32.37 39.43 -21.51
N LYS B 206 -32.99 39.28 -20.33
CA LYS B 206 -32.48 39.85 -19.08
C LYS B 206 -31.24 39.11 -18.58
N VAL B 207 -30.12 39.81 -18.48
CA VAL B 207 -28.84 39.20 -18.12
C VAL B 207 -28.39 39.62 -16.73
N GLY B 208 -28.05 38.64 -15.89
CA GLY B 208 -27.51 38.91 -14.56
C GLY B 208 -26.07 39.38 -14.59
N THR B 209 -25.59 39.91 -13.46
CA THR B 209 -24.19 40.32 -13.36
C THR B 209 -23.30 39.14 -12.96
N PRO B 210 -22.16 38.96 -13.66
CA PRO B 210 -21.27 37.84 -13.37
C PRO B 210 -20.47 38.03 -12.09
N PHE B 211 -20.32 36.95 -11.33
CA PHE B 211 -19.54 37.00 -10.09
C PHE B 211 -18.72 35.72 -9.89
N PHE B 212 -17.64 35.86 -9.13
CA PHE B 212 -16.73 34.77 -8.86
C PHE B 212 -17.02 34.12 -7.50
N VAL B 213 -17.27 32.82 -7.51
CA VAL B 213 -17.38 32.05 -6.27
C VAL B 213 -16.06 31.33 -5.98
N ARG B 214 -15.43 31.70 -4.87
CA ARG B 214 -14.20 31.03 -4.45
C ARG B 214 -14.55 29.74 -3.72
N TYR B 215 -13.80 28.68 -4.02
CA TYR B 215 -13.99 27.37 -3.41
C TYR B 215 -15.40 26.81 -3.61
N GLY B 216 -15.90 26.90 -4.84
CA GLY B 216 -17.25 26.45 -5.15
C GLY B 216 -17.36 25.04 -5.70
N ARG B 217 -18.47 24.37 -5.38
CA ARG B 217 -18.82 23.08 -5.97
C ARG B 217 -20.09 23.25 -6.77
N VAL B 218 -20.33 22.35 -7.72
CA VAL B 218 -21.45 22.46 -8.66
C VAL B 218 -22.83 22.71 -8.02
N LYS B 219 -23.13 22.02 -6.92
CA LYS B 219 -24.42 22.15 -6.24
C LYS B 219 -24.70 23.55 -5.65
N ILE B 220 -23.68 24.39 -5.54
CA ILE B 220 -23.83 25.75 -5.00
C ILE B 220 -24.67 26.66 -5.91
N GLU B 221 -24.84 26.28 -7.17
CA GLU B 221 -25.64 27.05 -8.12
C GLU B 221 -27.13 26.95 -7.82
N ASP B 222 -27.53 25.96 -7.04
CA ASP B 222 -28.89 25.81 -6.57
C ASP B 222 -29.25 26.89 -5.55
N GLN B 223 -28.30 27.20 -4.68
CA GLN B 223 -28.47 28.27 -3.70
C GLN B 223 -28.44 29.64 -4.39
N ILE B 224 -27.57 29.75 -5.40
CA ILE B 224 -27.42 30.96 -6.21
C ILE B 224 -28.71 31.26 -7.00
N GLY B 225 -29.34 30.20 -7.50
CA GLY B 225 -30.60 30.33 -8.23
C GLY B 225 -31.78 30.74 -7.38
N GLU B 226 -31.79 30.31 -6.12
CA GLU B 226 -32.88 30.62 -5.19
C GLU B 226 -32.78 32.04 -4.67
N ILE B 227 -31.57 32.43 -4.27
CA ILE B 227 -31.31 33.75 -3.71
C ILE B 227 -31.54 34.86 -4.73
N LEU B 228 -31.04 34.64 -5.95
CA LEU B 228 -31.16 35.65 -7.01
C LEU B 228 -32.47 35.57 -7.78
N GLY B 229 -33.16 34.44 -7.69
CA GLY B 229 -34.41 34.23 -8.42
C GLY B 229 -34.18 33.97 -9.90
N ALA B 230 -33.02 33.40 -10.22
CA ALA B 230 -32.61 33.17 -11.60
C ALA B 230 -33.40 32.07 -12.29
N LYS B 231 -33.78 32.31 -13.53
CA LYS B 231 -34.48 31.32 -14.34
C LYS B 231 -33.51 30.27 -14.88
N VAL B 232 -32.32 30.71 -15.25
CA VAL B 232 -31.26 29.83 -15.72
C VAL B 232 -29.94 30.21 -15.04
N VAL B 233 -29.29 29.23 -14.41
CA VAL B 233 -27.99 29.47 -13.78
C VAL B 233 -26.88 28.73 -14.54
N ILE B 234 -25.93 29.49 -15.07
CA ILE B 234 -24.78 28.93 -15.77
C ILE B 234 -23.55 29.00 -14.88
N LEU B 235 -22.92 27.85 -14.63
CA LEU B 235 -21.70 27.79 -13.85
C LEU B 235 -20.51 27.32 -14.69
N LEU B 236 -19.51 28.18 -14.82
CA LEU B 236 -18.26 27.82 -15.47
C LEU B 236 -17.24 27.48 -14.38
N VAL B 237 -16.87 26.22 -14.30
CA VAL B 237 -16.08 25.71 -13.18
C VAL B 237 -14.92 24.83 -13.65
N GLY B 238 -13.80 24.89 -12.93
CA GLY B 238 -12.64 24.07 -13.23
C GLY B 238 -12.81 22.62 -12.81
N GLU B 239 -12.61 21.71 -13.75
CA GLU B 239 -12.65 20.27 -13.48
C GLU B 239 -11.39 19.88 -12.73
N ARG B 240 -11.39 18.70 -12.12
CA ARG B 240 -10.17 18.17 -11.50
C ARG B 240 -9.08 18.03 -12.57
N PRO B 241 -7.83 18.39 -12.23
CA PRO B 241 -6.78 18.44 -13.25
C PRO B 241 -6.31 17.07 -13.73
N GLY B 242 -6.00 16.98 -15.02
CA GLY B 242 -5.45 15.77 -15.59
C GLY B 242 -3.96 15.67 -15.37
N LEU B 243 -3.35 14.64 -15.95
CA LEU B 243 -1.93 14.38 -15.78
C LEU B 243 -1.09 15.43 -16.52
N GLY B 244 -1.28 15.55 -17.82
CA GLY B 244 -0.48 16.46 -18.64
C GLY B 244 -1.24 17.66 -19.15
N GLN B 245 -2.44 17.89 -18.60
CA GLN B 245 -3.30 18.97 -19.04
C GLN B 245 -4.19 19.42 -17.88
N SER B 246 -4.23 20.73 -17.61
CA SER B 246 -4.93 21.21 -16.42
C SER B 246 -5.80 22.43 -16.63
N GLU B 247 -6.04 22.79 -17.90
CA GLU B 247 -6.86 23.97 -18.20
C GLU B 247 -8.25 23.61 -18.75
N SER B 248 -8.80 22.50 -18.28
CA SER B 248 -10.09 22.00 -18.77
C SER B 248 -11.26 22.52 -17.93
N LEU B 249 -12.14 23.29 -18.59
CA LEU B 249 -13.26 23.93 -17.93
C LEU B 249 -14.58 23.20 -18.25
N SER B 250 -15.50 23.23 -17.30
CA SER B 250 -16.84 22.67 -17.51
CA SER B 250 -16.80 22.75 -17.77
C SER B 250 -17.93 23.71 -17.33
N CYS B 251 -19.06 23.47 -17.98
CA CYS B 251 -20.24 24.30 -17.81
C CYS B 251 -21.41 23.47 -17.27
N TYR B 252 -21.96 23.92 -16.15
CA TYR B 252 -23.13 23.28 -15.55
C TYR B 252 -24.29 24.27 -15.53
N ALA B 253 -25.40 23.86 -16.16
CA ALA B 253 -26.55 24.74 -16.34
C ALA B 253 -27.82 24.08 -15.84
N VAL B 254 -28.63 24.83 -15.09
CA VAL B 254 -29.87 24.30 -14.52
C VAL B 254 -31.00 25.34 -14.56
N TYR B 255 -32.18 24.90 -14.96
CA TYR B 255 -33.36 25.77 -15.05
C TYR B 255 -34.10 25.82 -13.72
N SER B 256 -34.23 27.03 -13.18
CA SER B 256 -34.94 27.30 -11.92
C SER B 256 -34.68 26.26 -10.82
N PRO B 257 -33.47 26.30 -10.24
CA PRO B 257 -33.07 25.26 -9.29
C PRO B 257 -33.61 25.46 -7.87
N ARG B 258 -33.73 24.37 -7.13
CA ARG B 258 -34.18 24.42 -5.75
C ARG B 258 -33.29 23.51 -4.91
N MET B 259 -32.95 23.97 -3.70
CA MET B 259 -32.04 23.26 -2.80
C MET B 259 -32.55 21.88 -2.41
N ALA B 260 -33.87 21.74 -2.32
CA ALA B 260 -34.48 20.52 -1.79
C ALA B 260 -35.09 19.60 -2.84
N THR B 261 -35.09 20.01 -4.12
CA THR B 261 -35.71 19.19 -5.17
C THR B 261 -34.83 18.88 -6.39
N THR B 262 -33.91 19.79 -6.71
CA THR B 262 -33.06 19.63 -7.89
C THR B 262 -32.04 18.50 -7.71
N VAL B 263 -32.06 17.54 -8.63
CA VAL B 263 -31.05 16.47 -8.66
C VAL B 263 -29.99 16.79 -9.71
N GLU B 264 -28.90 16.02 -9.71
CA GLU B 264 -27.80 16.26 -10.63
C GLU B 264 -28.19 16.05 -12.10
N ALA B 265 -29.09 15.11 -12.34
CA ALA B 265 -29.61 14.83 -13.69
C ALA B 265 -30.40 16.00 -14.28
N ASP B 266 -30.84 16.92 -13.42
CA ASP B 266 -31.55 18.13 -13.87
C ASP B 266 -30.62 19.15 -14.51
N ARG B 267 -29.32 18.89 -14.47
CA ARG B 267 -28.33 19.79 -15.05
C ARG B 267 -27.86 19.31 -16.41
N THR B 268 -27.49 20.27 -17.27
CA THR B 268 -26.84 19.96 -18.53
C THR B 268 -25.35 20.27 -18.37
N CYS B 269 -24.51 19.33 -18.79
CA CYS B 269 -23.07 19.49 -18.69
C CYS B 269 -22.44 19.71 -20.06
N ILE B 270 -21.65 20.77 -20.18
CA ILE B 270 -20.77 20.95 -21.33
C ILE B 270 -19.35 20.87 -20.81
N SER B 271 -18.66 19.78 -21.14
CA SER B 271 -17.34 19.52 -20.56
C SER B 271 -16.20 19.71 -21.55
N ASN B 272 -14.98 19.64 -21.02
CA ASN B 272 -13.74 19.69 -21.79
C ASN B 272 -13.57 20.94 -22.66
N ILE B 273 -13.91 22.08 -22.07
CA ILE B 273 -13.76 23.35 -22.73
C ILE B 273 -12.33 23.85 -22.53
N HIS B 274 -11.55 23.77 -23.60
CA HIS B 274 -10.19 24.34 -23.67
C HIS B 274 -9.73 24.35 -25.12
N GLN B 275 -8.47 24.72 -25.34
CA GLN B 275 -7.92 24.80 -26.69
C GLN B 275 -7.68 23.41 -27.27
N GLY B 276 -7.45 22.44 -26.39
CA GLY B 276 -7.29 21.03 -26.79
C GLY B 276 -8.62 20.30 -26.90
N GLY B 277 -9.69 20.90 -26.38
CA GLY B 277 -11.03 20.34 -26.45
C GLY B 277 -11.95 21.20 -27.29
N THR B 278 -13.13 21.51 -26.77
CA THR B 278 -14.03 22.47 -27.40
C THR B 278 -13.51 23.87 -27.14
N PRO B 279 -13.17 24.62 -28.20
CA PRO B 279 -12.62 25.98 -28.04
C PRO B 279 -13.60 26.88 -27.29
N PRO B 280 -13.09 27.63 -26.29
CA PRO B 280 -13.88 28.55 -25.46
C PRO B 280 -14.79 29.50 -26.24
N VAL B 281 -14.31 30.04 -27.36
CA VAL B 281 -15.12 30.90 -28.24
C VAL B 281 -16.29 30.11 -28.85
N GLU B 282 -15.98 28.91 -29.34
CA GLU B 282 -16.97 28.03 -29.95
C GLU B 282 -17.96 27.50 -28.91
N ALA B 283 -17.44 27.26 -27.70
CA ALA B 283 -18.26 26.77 -26.58
C ALA B 283 -19.21 27.83 -26.05
N ALA B 284 -18.81 29.10 -26.19
CA ALA B 284 -19.62 30.22 -25.74
C ALA B 284 -20.96 30.30 -26.49
N ALA B 285 -20.94 30.01 -27.78
CA ALA B 285 -22.15 30.03 -28.60
C ALA B 285 -23.06 28.82 -28.34
N VAL B 286 -22.45 27.72 -27.87
CA VAL B 286 -23.19 26.52 -27.48
C VAL B 286 -23.98 26.77 -26.20
N ILE B 287 -23.34 27.43 -25.24
CA ILE B 287 -23.95 27.72 -23.94
C ILE B 287 -25.09 28.73 -24.07
N VAL B 288 -24.92 29.71 -24.96
CA VAL B 288 -25.98 30.68 -25.26
C VAL B 288 -27.21 29.98 -25.84
N ASP B 289 -26.99 29.14 -26.85
CA ASP B 289 -28.06 28.34 -27.46
C ASP B 289 -28.75 27.43 -26.45
N LEU B 290 -27.96 26.82 -25.56
CA LEU B 290 -28.50 26.00 -24.48
C LEU B 290 -29.38 26.81 -23.54
N ALA B 291 -28.93 28.02 -23.21
CA ALA B 291 -29.68 28.91 -22.33
C ALA B 291 -31.00 29.34 -22.96
N LYS B 292 -31.00 29.56 -24.27
CA LYS B 292 -32.22 29.90 -25.01
C LYS B 292 -33.21 28.74 -25.03
N ARG B 293 -32.69 27.53 -25.26
CA ARG B 293 -33.50 26.31 -25.30
C ARG B 293 -34.11 25.97 -23.93
N MET B 294 -33.35 26.26 -22.88
CA MET B 294 -33.81 26.03 -21.50
C MET B 294 -34.95 26.95 -21.07
N LEU B 295 -34.94 28.19 -21.56
CA LEU B 295 -36.04 29.13 -21.30
C LEU B 295 -37.30 28.73 -22.08
N GLU B 296 -37.10 28.29 -23.32
CA GLU B 296 -38.19 27.91 -24.22
C GLU B 296 -38.91 26.63 -23.77
N GLN B 297 -38.16 25.68 -23.23
CA GLN B 297 -38.71 24.39 -22.84
C GLN B 297 -39.13 24.37 -21.37
N LYS B 298 -38.64 25.35 -20.60
CA LYS B 298 -38.81 25.40 -19.15
C LYS B 298 -38.27 24.11 -18.48
N ALA B 299 -37.13 23.63 -18.98
CA ALA B 299 -36.54 22.39 -18.52
C ALA B 299 -35.04 22.38 -18.78
N SER B 300 -34.31 21.59 -17.99
CA SER B 300 -32.87 21.42 -18.18
C SER B 300 -32.47 19.97 -17.94
N GLY B 301 -31.30 19.60 -18.48
CA GLY B 301 -30.73 18.28 -18.28
C GLY B 301 -31.47 17.18 -19.02
N ILE B 302 -31.83 16.14 -18.27
CA ILE B 302 -32.55 14.99 -18.83
C ILE B 302 -34.00 15.33 -19.23
N ASN B 303 -34.50 16.45 -18.73
CA ASN B 303 -35.87 16.87 -18.98
C ASN B 303 -36.04 17.59 -20.32
N MET B 304 -34.94 17.86 -21.02
CA MET B 304 -34.98 18.56 -22.29
C MET B 304 -35.28 17.63 -23.47
N THR B 305 -35.61 18.23 -24.61
CA THR B 305 -36.01 17.50 -25.80
C THR B 305 -34.78 17.08 -26.63
N ARG B 306 -34.96 16.06 -27.46
CA ARG B 306 -33.91 15.48 -28.32
C ARG B 306 -32.75 14.88 -27.52
N MET C 1 30.62 13.57 -17.66
CA MET C 1 29.38 13.44 -16.86
C MET C 1 28.48 14.66 -16.96
N LYS C 2 27.17 14.42 -16.98
CA LYS C 2 26.20 15.47 -16.81
C LYS C 2 25.62 15.35 -15.41
N LEU C 3 25.72 16.42 -14.63
CA LEU C 3 25.12 16.47 -13.31
C LEU C 3 23.99 17.50 -13.33
N LYS C 4 23.46 17.73 -14.52
CA LYS C 4 22.49 18.79 -14.78
C LYS C 4 21.43 18.33 -15.77
N THR C 5 20.19 18.79 -15.54
CA THR C 5 19.14 18.72 -16.55
C THR C 5 18.24 19.95 -16.42
N THR C 6 17.47 20.21 -17.47
CA THR C 6 16.47 21.27 -17.43
CA THR C 6 16.47 21.27 -17.47
C THR C 6 15.07 20.66 -17.50
N LEU C 7 14.23 21.01 -16.54
CA LEU C 7 12.88 20.45 -16.45
C LEU C 7 11.86 21.59 -16.33
N PHE C 8 10.95 21.66 -17.32
CA PHE C 8 9.96 22.74 -17.46
C PHE C 8 10.59 24.13 -17.61
N GLY C 9 11.82 24.18 -18.10
CA GLY C 9 12.53 25.44 -18.26
C GLY C 9 13.45 25.76 -17.10
N ASN C 10 13.38 24.96 -16.04
CA ASN C 10 14.18 25.19 -14.83
C ASN C 10 15.39 24.27 -14.76
N VAL C 11 16.57 24.87 -14.65
CA VAL C 11 17.82 24.12 -14.54
C VAL C 11 18.00 23.56 -13.13
N TYR C 12 18.24 22.25 -13.04
CA TYR C 12 18.54 21.60 -11.78
C TYR C 12 19.99 21.14 -11.74
N GLN C 13 20.76 21.66 -10.79
CA GLN C 13 22.19 21.34 -10.68
C GLN C 13 22.44 20.44 -9.47
N PHE C 14 23.22 19.39 -9.70
CA PHE C 14 23.58 18.45 -8.64
C PHE C 14 25.08 18.43 -8.41
N LYS C 15 25.50 18.29 -7.16
CA LYS C 15 26.91 18.35 -6.78
C LYS C 15 27.70 17.13 -7.25
N ASP C 16 27.21 15.93 -6.91
CA ASP C 16 27.92 14.70 -7.25
C ASP C 16 26.96 13.53 -7.48
N VAL C 17 27.55 12.37 -7.78
CA VAL C 17 26.80 11.12 -7.96
C VAL C 17 25.99 10.78 -6.70
N LYS C 18 26.62 10.93 -5.54
CA LYS C 18 26.00 10.66 -4.24
C LYS C 18 24.71 11.45 -4.03
N GLU C 19 24.68 12.70 -4.47
CA GLU C 19 23.47 13.52 -4.37
C GLU C 19 22.39 13.10 -5.37
N VAL C 20 22.83 12.75 -6.58
CA VAL C 20 21.92 12.29 -7.63
C VAL C 20 21.21 11.00 -7.19
N LEU C 21 22.00 10.08 -6.63
CA LEU C 21 21.48 8.82 -6.10
C LEU C 21 20.47 9.04 -4.98
N ALA C 22 20.80 9.96 -4.08
CA ALA C 22 19.97 10.24 -2.90
C ALA C 22 18.63 10.87 -3.27
N LYS C 23 18.67 11.89 -4.14
CA LYS C 23 17.50 12.68 -4.47
C LYS C 23 16.55 11.99 -5.46
N ALA C 24 17.07 11.01 -6.20
CA ALA C 24 16.25 10.22 -7.14
C ALA C 24 15.29 9.28 -6.44
N ASN C 25 15.55 9.01 -5.16
CA ASN C 25 14.69 8.14 -4.35
C ASN C 25 13.28 8.68 -4.23
N GLU C 26 12.30 7.77 -4.18
CA GLU C 26 10.95 8.12 -3.75
C GLU C 26 11.02 8.64 -2.32
N LEU C 27 10.13 9.56 -1.98
CA LEU C 27 10.12 10.20 -0.67
C LEU C 27 10.06 9.18 0.48
N ARG C 28 11.00 9.29 1.41
CA ARG C 28 10.97 8.50 2.63
C ARG C 28 11.54 9.29 3.80
N SER C 29 11.15 8.87 5.01
CA SER C 29 11.48 9.57 6.23
C SER C 29 12.98 9.65 6.51
N GLY C 30 13.68 8.54 6.32
CA GLY C 30 15.11 8.44 6.59
C GLY C 30 15.98 9.39 5.77
N ASP C 31 15.63 9.54 4.49
CA ASP C 31 16.35 10.42 3.58
C ASP C 31 16.20 11.90 3.96
N VAL C 32 15.03 12.26 4.48
CA VAL C 32 14.77 13.62 4.98
C VAL C 32 15.60 13.87 6.24
N LEU C 33 15.59 12.89 7.13
CA LEU C 33 16.39 12.90 8.36
C LEU C 33 17.88 13.01 8.06
N ALA C 34 18.31 12.32 7.00
CA ALA C 34 19.71 12.37 6.56
C ALA C 34 20.05 13.69 5.86
N GLY C 35 19.02 14.44 5.47
CA GLY C 35 19.19 15.72 4.79
C GLY C 35 19.64 15.56 3.35
N VAL C 36 19.40 14.38 2.79
CA VAL C 36 19.85 14.05 1.43
C VAL C 36 18.68 13.95 0.45
N ALA C 37 17.46 14.11 0.97
CA ALA C 37 16.24 14.01 0.16
C ALA C 37 16.07 15.21 -0.78
N ALA C 38 15.20 15.05 -1.78
CA ALA C 38 14.89 16.12 -2.71
C ALA C 38 14.06 17.21 -2.04
N ALA C 39 14.20 18.44 -2.52
CA ALA C 39 13.44 19.58 -1.99
C ALA C 39 12.02 19.61 -2.56
N SER C 40 11.87 19.12 -3.79
CA SER C 40 10.57 19.10 -4.45
C SER C 40 10.38 17.83 -5.28
N SER C 41 9.15 17.62 -5.74
CA SER C 41 8.83 16.50 -6.62
C SER C 41 9.48 16.67 -7.99
N GLN C 42 9.62 17.92 -8.42
CA GLN C 42 10.27 18.23 -9.69
C GLN C 42 11.77 17.92 -9.64
N GLU C 43 12.40 18.18 -8.50
CA GLU C 43 13.82 17.91 -8.30
C GLU C 43 14.08 16.41 -8.20
N ARG C 44 13.11 15.69 -7.62
CA ARG C 44 13.16 14.22 -7.56
C ARG C 44 13.19 13.63 -8.97
N VAL C 45 12.30 14.13 -9.83
CA VAL C 45 12.21 13.69 -11.21
C VAL C 45 13.45 14.11 -12.01
N ALA C 46 13.95 15.32 -11.73
CA ALA C 46 15.20 15.81 -12.32
C ALA C 46 16.37 14.89 -11.99
N ALA C 47 16.49 14.51 -10.71
CA ALA C 47 17.52 13.57 -10.27
C ALA C 47 17.36 12.20 -10.92
N LYS C 48 16.11 11.75 -11.08
CA LYS C 48 15.82 10.51 -11.77
C LYS C 48 16.28 10.54 -13.23
N GLN C 49 16.04 11.66 -13.90
CA GLN C 49 16.45 11.81 -15.29
C GLN C 49 17.97 11.90 -15.43
N VAL C 50 18.60 12.68 -14.56
CA VAL C 50 20.07 12.78 -14.52
C VAL C 50 20.70 11.41 -14.29
N LEU C 51 20.20 10.67 -13.30
CA LEU C 51 20.67 9.32 -13.01
C LEU C 51 20.51 8.37 -14.19
N SER C 52 19.35 8.45 -14.86
CA SER C 52 19.04 7.56 -15.98
C SER C 52 19.98 7.76 -17.17
N GLU C 53 20.47 8.98 -17.34
CA GLU C 53 21.36 9.31 -18.46
C GLU C 53 22.82 9.02 -18.15
N MET C 54 23.13 8.85 -16.85
CA MET C 54 24.47 8.47 -16.43
C MET C 54 24.75 7.03 -16.84
N THR C 55 26.02 6.74 -17.11
CA THR C 55 26.41 5.40 -17.53
C THR C 55 26.75 4.52 -16.34
N VAL C 56 26.84 3.21 -16.60
CA VAL C 56 27.30 2.24 -15.60
C VAL C 56 28.68 2.64 -15.06
N ALA C 57 29.58 3.05 -15.96
CA ALA C 57 30.92 3.50 -15.60
C ALA C 57 30.92 4.68 -14.64
N ASP C 58 30.01 5.63 -14.84
CA ASP C 58 29.86 6.79 -13.97
C ASP C 58 29.55 6.38 -12.53
N ILE C 59 28.68 5.40 -12.36
CA ILE C 59 28.26 4.93 -11.04
C ILE C 59 29.27 3.97 -10.41
N ARG C 60 29.84 3.08 -11.23
CA ARG C 60 30.85 2.14 -10.75
C ARG C 60 32.10 2.84 -10.23
N ASN C 61 32.54 3.89 -10.93
CA ASN C 61 33.75 4.64 -10.56
C ASN C 61 33.54 5.60 -9.40
N ASN C 62 32.29 5.83 -9.02
CA ASN C 62 31.99 6.73 -7.91
C ASN C 62 31.15 6.11 -6.79
N PRO C 63 31.74 5.15 -6.04
CA PRO C 63 30.99 4.61 -4.91
C PRO C 63 30.81 5.68 -3.83
N VAL C 64 29.81 5.50 -2.99
CA VAL C 64 29.46 6.51 -1.98
C VAL C 64 30.51 6.65 -0.89
N ILE C 65 31.25 5.57 -0.63
CA ILE C 65 32.40 5.62 0.27
C ILE C 65 33.62 5.13 -0.50
N ALA C 66 34.73 5.84 -0.35
CA ALA C 66 35.94 5.62 -1.14
C ALA C 66 36.55 4.23 -0.95
N TYR C 67 37.24 3.77 -2.00
CA TYR C 67 37.89 2.46 -2.02
C TYR C 67 38.94 2.33 -0.91
N GLU C 68 39.76 3.36 -0.74
CA GLU C 68 40.90 3.31 0.19
C GLU C 68 40.50 3.36 1.66
N ASP C 69 39.28 3.80 1.93
CA ASP C 69 38.82 4.02 3.29
C ASP C 69 37.81 2.96 3.77
N ASP C 70 37.29 2.16 2.84
CA ASP C 70 36.20 1.25 3.16
C ASP C 70 36.43 -0.17 2.63
N CYS C 71 36.53 -1.14 3.55
CA CYS C 71 36.73 -2.54 3.19
C CYS C 71 35.53 -3.17 2.48
N VAL C 72 34.33 -2.64 2.70
CA VAL C 72 33.13 -3.13 2.02
C VAL C 72 33.18 -2.69 0.56
N THR C 73 33.54 -1.43 0.31
CA THR C 73 33.73 -0.93 -1.04
C THR C 73 34.79 -1.75 -1.78
N ARG C 74 35.91 -2.02 -1.10
CA ARG C 74 36.98 -2.82 -1.67
C ARG C 74 36.50 -4.20 -2.09
N LEU C 75 35.77 -4.85 -1.20
CA LEU C 75 35.25 -6.20 -1.44
C LEU C 75 34.28 -6.21 -2.63
N ILE C 76 33.43 -5.19 -2.70
CA ILE C 76 32.47 -5.03 -3.80
C ILE C 76 33.20 -4.83 -5.14
N GLN C 77 34.17 -3.93 -5.15
CA GLN C 77 34.90 -3.58 -6.37
C GLN C 77 35.78 -4.71 -6.88
N ASP C 78 36.41 -5.45 -5.97
CA ASP C 78 37.33 -6.53 -6.32
C ASP C 78 36.61 -7.80 -6.80
N ASP C 79 35.31 -7.90 -6.51
CA ASP C 79 34.51 -9.06 -6.91
C ASP C 79 33.95 -8.96 -8.32
N VAL C 80 34.02 -7.76 -8.89
CA VAL C 80 33.55 -7.48 -10.24
C VAL C 80 34.26 -8.33 -11.31
N ASN C 81 33.47 -8.93 -12.20
CA ASN C 81 33.97 -9.51 -13.43
C ASN C 81 34.20 -8.38 -14.43
N GLU C 82 35.47 -8.12 -14.75
CA GLU C 82 35.83 -6.98 -15.59
C GLU C 82 35.40 -7.13 -17.06
N THR C 83 35.36 -8.36 -17.55
CA THR C 83 34.90 -8.65 -18.91
C THR C 83 33.41 -8.32 -19.02
N ALA C 84 32.63 -8.70 -18.01
CA ALA C 84 31.22 -8.36 -17.94
C ALA C 84 31.03 -6.85 -17.84
N TYR C 85 31.83 -6.22 -16.97
CA TYR C 85 31.80 -4.77 -16.79
C TYR C 85 32.07 -3.99 -18.08
N ASN C 86 33.09 -4.42 -18.82
CA ASN C 86 33.49 -3.77 -20.06
C ASN C 86 32.44 -3.82 -21.18
N GLN C 87 31.60 -4.84 -21.15
CA GLN C 87 30.51 -4.97 -22.11
C GLN C 87 29.39 -3.96 -21.85
N ILE C 88 29.23 -3.56 -20.59
CA ILE C 88 28.09 -2.74 -20.19
C ILE C 88 28.43 -1.34 -19.65
N LYS C 89 29.72 -1.00 -19.61
CA LYS C 89 30.14 0.25 -18.96
C LYS C 89 29.63 1.53 -19.63
N ASN C 90 29.42 1.48 -20.94
CA ASN C 90 28.90 2.64 -21.68
C ASN C 90 27.38 2.67 -21.78
N TRP C 91 26.72 1.69 -21.18
CA TRP C 91 25.26 1.68 -21.10
C TRP C 91 24.81 2.72 -20.11
N SER C 92 23.75 3.44 -20.45
CA SER C 92 23.07 4.30 -19.49
C SER C 92 22.30 3.43 -18.50
N ILE C 93 22.04 3.98 -17.31
CA ILE C 93 21.22 3.32 -16.30
C ILE C 93 19.79 3.06 -16.82
N SER C 94 19.33 3.96 -17.68
CA SER C 94 18.06 3.81 -18.40
C SER C 94 18.05 2.55 -19.28
N GLU C 95 19.15 2.34 -20.00
CA GLU C 95 19.30 1.17 -20.85
C GLU C 95 19.41 -0.13 -20.06
N LEU C 96 20.02 -0.06 -18.89
CA LEU C 96 20.17 -1.23 -18.03
C LEU C 96 18.84 -1.62 -17.39
N ARG C 97 18.02 -0.63 -17.04
CA ARG C 97 16.67 -0.85 -16.56
C ARG C 97 15.85 -1.59 -17.61
N GLU C 98 15.87 -1.09 -18.84
CA GLU C 98 15.15 -1.69 -19.96
C GLU C 98 15.66 -3.10 -20.26
N TYR C 99 16.96 -3.30 -20.07
CA TYR C 99 17.60 -4.61 -20.27
C TYR C 99 17.11 -5.64 -19.25
N VAL C 100 17.05 -5.25 -17.97
CA VAL C 100 16.59 -6.15 -16.91
C VAL C 100 15.13 -6.54 -17.11
N LEU C 101 14.29 -5.56 -17.49
CA LEU C 101 12.85 -5.79 -17.61
C LEU C 101 12.44 -6.53 -18.89
N SER C 102 13.31 -6.50 -19.89
CA SER C 102 13.02 -7.08 -21.20
C SER C 102 12.77 -8.59 -21.16
N ASP C 103 11.77 -9.04 -21.91
CA ASP C 103 11.46 -10.47 -22.00
C ASP C 103 12.44 -11.21 -22.90
N GLU C 104 13.24 -10.47 -23.66
CA GLU C 104 14.29 -11.06 -24.50
C GLU C 104 15.56 -11.30 -23.68
N THR C 105 15.60 -10.73 -22.48
CA THR C 105 16.70 -10.97 -21.55
C THR C 105 16.41 -12.18 -20.67
N SER C 106 17.19 -13.23 -20.86
CA SER C 106 16.99 -14.48 -20.12
C SER C 106 17.65 -14.45 -18.75
N VAL C 107 17.32 -15.45 -17.93
CA VAL C 107 17.95 -15.65 -16.63
C VAL C 107 19.48 -15.78 -16.75
N ASP C 108 19.94 -16.47 -17.78
CA ASP C 108 21.38 -16.64 -18.03
C ASP C 108 22.08 -15.37 -18.52
N ASP C 109 21.33 -14.52 -19.23
CA ASP C 109 21.84 -13.22 -19.66
C ASP C 109 22.16 -12.34 -18.46
N ILE C 110 21.22 -12.26 -17.52
CA ILE C 110 21.42 -11.49 -16.29
C ILE C 110 22.51 -12.12 -15.41
N ALA C 111 22.56 -13.45 -15.40
CA ALA C 111 23.61 -14.18 -14.67
C ALA C 111 25.02 -13.65 -14.95
N PHE C 112 25.32 -13.38 -16.22
CA PHE C 112 26.62 -12.83 -16.58
C PHE C 112 26.70 -11.31 -16.42
N THR C 113 25.65 -10.62 -16.83
CA THR C 113 25.58 -9.16 -16.75
C THR C 113 25.75 -8.62 -15.33
N ARG C 114 25.13 -9.29 -14.35
CA ARG C 114 25.18 -8.81 -12.96
C ARG C 114 26.57 -8.86 -12.35
N LYS C 115 27.46 -9.66 -12.95
CA LYS C 115 28.84 -9.79 -12.47
C LYS C 115 29.69 -8.55 -12.80
N GLY C 116 29.21 -7.73 -13.74
CA GLY C 116 29.88 -6.47 -14.07
C GLY C 116 29.30 -5.28 -13.31
N LEU C 117 28.39 -5.56 -12.39
CA LEU C 117 27.75 -4.51 -11.61
C LEU C 117 28.40 -4.31 -10.24
N THR C 118 28.27 -3.09 -9.71
CA THR C 118 28.51 -2.85 -8.29
C THR C 118 27.18 -2.48 -7.64
N SER C 119 27.17 -2.42 -6.31
CA SER C 119 25.96 -2.18 -5.55
C SER C 119 25.32 -0.83 -5.83
N GLU C 120 26.14 0.19 -6.04
CA GLU C 120 25.65 1.52 -6.40
C GLU C 120 24.90 1.51 -7.74
N VAL C 121 25.36 0.70 -8.68
CA VAL C 121 24.71 0.53 -9.98
C VAL C 121 23.38 -0.23 -9.83
N VAL C 122 23.40 -1.26 -8.99
CA VAL C 122 22.19 -1.98 -8.59
C VAL C 122 21.16 -1.02 -8.00
N ALA C 123 21.62 -0.15 -7.10
CA ALA C 123 20.77 0.83 -6.45
C ALA C 123 20.20 1.85 -7.45
N ALA C 124 21.06 2.30 -8.37
CA ALA C 124 20.68 3.28 -9.39
C ALA C 124 19.53 2.80 -10.28
N VAL C 125 19.61 1.54 -10.70
CA VAL C 125 18.56 0.94 -11.52
C VAL C 125 17.24 0.90 -10.76
N ALA C 126 17.31 0.54 -9.48
CA ALA C 126 16.13 0.47 -8.61
C ALA C 126 15.42 1.82 -8.45
N LYS C 127 16.21 2.89 -8.44
CA LYS C 127 15.70 4.24 -8.19
C LYS C 127 14.81 4.78 -9.32
N ILE C 128 15.00 4.25 -10.52
CA ILE C 128 14.20 4.66 -11.69
C ILE C 128 13.20 3.58 -12.09
N CYS C 129 12.90 2.68 -11.16
CA CYS C 129 11.90 1.64 -11.37
C CYS C 129 10.64 1.95 -10.58
N SER C 130 9.48 1.79 -11.24
CA SER C 130 8.20 1.90 -10.55
C SER C 130 7.95 0.64 -9.74
N ASN C 131 6.88 0.62 -8.94
CA ASN C 131 6.59 -0.55 -8.10
C ASN C 131 6.42 -1.85 -8.88
N ALA C 132 5.71 -1.80 -10.01
CA ALA C 132 5.53 -2.97 -10.86
C ALA C 132 6.81 -3.39 -11.58
N ASP C 133 7.70 -2.41 -11.85
CA ASP C 133 9.02 -2.69 -12.42
C ASP C 133 9.85 -3.51 -11.44
N LEU C 134 9.79 -3.13 -10.17
CA LEU C 134 10.52 -3.81 -9.11
C LEU C 134 10.03 -5.23 -8.91
N ILE C 135 8.71 -5.41 -9.04
CA ILE C 135 8.09 -6.71 -8.87
C ILE C 135 8.39 -7.63 -10.06
N TYR C 136 8.10 -7.16 -11.28
CA TYR C 136 8.35 -7.94 -12.47
C TYR C 136 9.85 -8.22 -12.68
N GLY C 137 10.67 -7.20 -12.46
CA GLY C 137 12.11 -7.33 -12.61
C GLY C 137 12.72 -8.37 -11.70
N ALA C 138 12.32 -8.34 -10.43
CA ALA C 138 12.78 -9.31 -9.45
C ALA C 138 12.32 -10.72 -9.79
N LYS C 139 11.11 -10.84 -10.33
CA LYS C 139 10.50 -12.14 -10.65
C LYS C 139 11.28 -12.89 -11.73
N LYS C 140 11.81 -12.15 -12.71
CA LYS C 140 12.57 -12.77 -13.79
C LYS C 140 14.05 -12.94 -13.43
N MET C 141 14.38 -12.67 -12.18
CA MET C 141 15.72 -12.90 -11.65
C MET C 141 15.70 -13.84 -10.45
N PRO C 142 15.40 -15.14 -10.67
CA PRO C 142 15.37 -16.03 -9.51
C PRO C 142 16.78 -16.37 -9.02
N VAL C 143 16.91 -16.62 -7.72
CA VAL C 143 18.18 -17.03 -7.15
C VAL C 143 17.94 -18.28 -6.30
N ILE C 144 18.64 -19.35 -6.64
CA ILE C 144 18.41 -20.64 -6.02
C ILE C 144 19.61 -21.05 -5.17
N LYS C 145 19.35 -21.38 -3.91
CA LYS C 145 20.38 -21.88 -2.99
C LYS C 145 19.91 -23.17 -2.33
N LYS C 146 20.83 -23.91 -1.75
CA LYS C 146 20.48 -25.15 -1.09
C LYS C 146 21.25 -25.38 0.20
N ALA C 147 20.51 -25.64 1.28
CA ALA C 147 21.09 -26.10 2.53
C ALA C 147 20.66 -27.56 2.71
N ASN C 148 19.75 -27.82 3.64
CA ASN C 148 19.05 -29.10 3.68
C ASN C 148 17.74 -29.00 2.90
N THR C 149 17.37 -27.77 2.57
CA THR C 149 16.27 -27.51 1.65
C THR C 149 16.76 -26.64 0.51
N THR C 150 16.02 -26.67 -0.59
CA THR C 150 16.32 -25.82 -1.72
C THR C 150 15.32 -24.66 -1.68
N ILE C 151 15.84 -23.44 -1.84
CA ILE C 151 15.02 -22.25 -1.77
C ILE C 151 15.16 -21.41 -3.05
N GLY C 152 14.08 -20.78 -3.48
CA GLY C 152 14.15 -19.84 -4.59
C GLY C 152 13.75 -20.39 -5.96
N ILE C 153 13.43 -21.68 -6.03
CA ILE C 153 12.89 -22.26 -7.26
C ILE C 153 11.55 -21.56 -7.54
N PRO C 154 11.38 -21.02 -8.77
CA PRO C 154 10.11 -20.43 -9.17
C PRO C 154 8.96 -21.40 -8.97
N GLY C 155 7.86 -20.92 -8.39
CA GLY C 155 6.73 -21.78 -8.07
C GLY C 155 6.80 -22.30 -6.65
N THR C 156 7.84 -21.88 -5.92
CA THR C 156 7.96 -22.20 -4.51
C THR C 156 8.03 -20.95 -3.65
N PHE C 157 7.85 -21.13 -2.35
CA PHE C 157 7.81 -20.02 -1.41
C PHE C 157 8.11 -20.61 -0.05
N SER C 158 9.15 -20.09 0.59
CA SER C 158 9.61 -20.63 1.86
C SER C 158 9.27 -19.72 3.03
N ALA C 159 9.58 -20.17 4.24
CA ALA C 159 9.28 -19.40 5.44
C ALA C 159 10.24 -19.73 6.56
N ARG C 160 10.73 -18.68 7.24
CA ARG C 160 11.51 -18.86 8.45
C ARG C 160 10.58 -19.00 9.65
N LEU C 161 10.76 -20.07 10.42
CA LEU C 161 10.08 -20.20 11.69
C LEU C 161 10.91 -19.41 12.70
N GLN C 162 10.26 -18.44 13.35
CA GLN C 162 10.92 -17.58 14.32
C GLN C 162 10.25 -17.76 15.68
N PRO C 163 10.72 -18.75 16.46
CA PRO C 163 10.07 -19.06 17.72
C PRO C 163 10.75 -18.36 18.89
N ASN C 164 10.67 -17.03 18.92
CA ASN C 164 11.34 -16.25 19.95
C ASN C 164 10.61 -16.24 21.28
N ASP C 165 11.38 -16.12 22.36
CA ASP C 165 10.82 -16.08 23.71
C ASP C 165 11.52 -15.05 24.59
N THR C 166 10.77 -14.53 25.56
CA THR C 166 11.25 -13.47 26.45
C THR C 166 12.36 -13.92 27.40
N ARG C 167 12.37 -15.21 27.76
CA ARG C 167 13.39 -15.74 28.68
C ARG C 167 14.18 -16.90 28.05
N ASP C 168 14.01 -17.10 26.75
CA ASP C 168 14.59 -18.24 26.03
C ASP C 168 14.13 -19.58 26.60
N ASP C 169 12.92 -19.57 27.16
CA ASP C 169 12.30 -20.76 27.74
C ASP C 169 12.08 -21.80 26.67
N VAL C 170 12.57 -23.02 26.92
CA VAL C 170 12.56 -24.09 25.91
C VAL C 170 11.16 -24.64 25.60
N GLN C 171 10.24 -24.52 26.56
CA GLN C 171 8.87 -25.00 26.40
C GLN C 171 8.13 -24.06 25.46
N SER C 172 8.40 -22.77 25.60
CA SER C 172 7.77 -21.74 24.78
C SER C 172 8.31 -21.74 23.34
N ILE C 173 9.61 -21.99 23.20
CA ILE C 173 10.24 -22.11 21.88
C ILE C 173 9.71 -23.33 21.15
N ALA C 174 9.66 -24.48 21.83
CA ALA C 174 9.16 -25.72 21.24
C ALA C 174 7.69 -25.61 20.83
N ALA C 175 6.87 -25.01 21.69
CA ALA C 175 5.44 -24.81 21.41
C ALA C 175 5.21 -24.08 20.09
N GLN C 176 5.98 -23.01 19.87
CA GLN C 176 5.90 -22.23 18.64
C GLN C 176 6.45 -22.98 17.43
N ILE C 177 7.41 -23.86 17.68
CA ILE C 177 7.98 -24.70 16.61
C ILE C 177 6.92 -25.66 16.09
N TYR C 178 6.24 -26.36 17.00
CA TYR C 178 5.18 -27.29 16.62
C TYR C 178 4.01 -26.58 15.91
N GLU C 179 3.73 -25.35 16.34
CA GLU C 179 2.67 -24.53 15.72
C GLU C 179 3.04 -24.15 14.27
N GLY C 180 4.27 -23.68 14.09
CA GLY C 180 4.74 -23.26 12.78
C GLY C 180 4.81 -24.38 11.76
N LEU C 181 5.35 -25.52 12.17
CA LEU C 181 5.44 -26.70 11.33
C LEU C 181 4.05 -27.18 10.89
N SER C 182 3.07 -27.05 11.79
CA SER C 182 1.70 -27.48 11.49
C SER C 182 1.03 -26.60 10.40
N PHE C 183 1.62 -25.45 10.11
CA PHE C 183 1.19 -24.59 9.01
C PHE C 183 2.12 -24.71 7.79
N GLY C 184 3.15 -25.54 7.92
CA GLY C 184 4.13 -25.71 6.87
C GLY C 184 5.21 -24.65 6.85
N VAL C 185 5.46 -24.04 8.01
CA VAL C 185 6.51 -23.02 8.13
C VAL C 185 7.79 -23.64 8.68
N GLY C 186 8.92 -23.22 8.13
CA GLY C 186 10.22 -23.67 8.62
C GLY C 186 11.16 -24.26 7.58
N ASP C 187 10.83 -24.10 6.30
CA ASP C 187 11.70 -24.63 5.24
C ASP C 187 12.94 -23.77 4.99
N ALA C 188 12.84 -22.47 5.26
CA ALA C 188 13.99 -21.58 5.20
C ALA C 188 14.95 -21.90 6.35
N VAL C 189 14.44 -21.81 7.58
CA VAL C 189 15.21 -22.09 8.79
C VAL C 189 14.27 -22.03 10.00
N ILE C 190 14.66 -22.70 11.07
CA ILE C 190 14.06 -22.46 12.38
C ILE C 190 15.06 -21.61 13.17
N GLY C 191 14.80 -20.30 13.22
CA GLY C 191 15.76 -19.35 13.74
C GLY C 191 15.30 -18.55 14.94
N VAL C 192 16.06 -18.64 16.03
CA VAL C 192 15.75 -17.96 17.28
C VAL C 192 16.70 -16.81 17.55
N ASN C 193 16.16 -15.61 17.76
CA ASN C 193 16.93 -14.52 18.33
C ASN C 193 17.00 -14.73 19.84
N PRO C 194 18.19 -14.99 20.38
CA PRO C 194 18.30 -15.30 21.81
C PRO C 194 18.29 -14.06 22.69
N VAL C 195 17.89 -14.23 23.95
CA VAL C 195 17.95 -13.15 24.94
C VAL C 195 19.39 -12.96 25.42
N THR C 196 20.03 -14.05 25.83
CA THR C 196 21.38 -13.98 26.38
C THR C 196 22.42 -14.49 25.39
N ASP C 197 23.40 -13.63 25.11
CA ASP C 197 24.47 -13.92 24.15
C ASP C 197 25.62 -14.66 24.84
N ASP C 198 25.38 -15.93 25.15
CA ASP C 198 26.40 -16.78 25.77
C ASP C 198 26.32 -18.23 25.28
N VAL C 199 27.38 -18.98 25.53
CA VAL C 199 27.57 -20.30 24.91
C VAL C 199 26.58 -21.37 25.39
N GLU C 200 26.39 -21.49 26.70
CA GLU C 200 25.52 -22.52 27.27
CA GLU C 200 25.52 -22.51 27.27
C GLU C 200 24.05 -22.35 26.87
N ASN C 201 23.59 -21.10 26.81
CA ASN C 201 22.20 -20.81 26.43
C ASN C 201 21.96 -21.07 24.95
N LEU C 202 22.91 -20.66 24.11
CA LEU C 202 22.91 -20.97 22.69
C LEU C 202 22.88 -22.48 22.44
N SER C 203 23.67 -23.22 23.24
CA SER C 203 23.73 -24.67 23.14
C SER C 203 22.42 -25.33 23.56
N ARG C 204 21.72 -24.72 24.53
CA ARG C 204 20.44 -25.20 25.00
CA ARG C 204 20.44 -25.21 25.00
C ARG C 204 19.34 -24.95 23.98
N VAL C 205 19.33 -23.74 23.41
CA VAL C 205 18.33 -23.38 22.40
C VAL C 205 18.51 -24.24 21.14
N LEU C 206 19.75 -24.43 20.70
CA LEU C 206 20.03 -25.28 19.55
C LEU C 206 19.62 -26.74 19.75
N ASP C 207 19.87 -27.26 20.95
CA ASP C 207 19.43 -28.61 21.33
C ASP C 207 17.90 -28.77 21.29
N THR C 208 17.19 -27.70 21.64
CA THR C 208 15.73 -27.68 21.60
C THR C 208 15.24 -27.72 20.15
N ILE C 209 15.81 -26.85 19.32
CA ILE C 209 15.47 -26.80 17.89
C ILE C 209 15.76 -28.15 17.23
N TYR C 210 16.95 -28.69 17.50
CA TYR C 210 17.38 -29.95 16.90
C TYR C 210 16.76 -31.19 17.54
N GLY C 211 16.19 -31.03 18.73
CA GLY C 211 15.39 -32.10 19.33
C GLY C 211 14.17 -32.40 18.48
N VAL C 212 13.54 -31.33 17.97
CA VAL C 212 12.38 -31.46 17.12
C VAL C 212 12.77 -32.00 15.73
N ILE C 213 13.82 -31.40 15.13
CA ILE C 213 14.33 -31.81 13.83
C ILE C 213 14.69 -33.31 13.76
N ASP C 214 15.37 -33.81 14.78
CA ASP C 214 15.80 -35.20 14.82
C ASP C 214 14.67 -36.20 15.07
N LYS C 215 13.76 -35.84 15.96
CA LYS C 215 12.64 -36.72 16.30
C LYS C 215 11.73 -37.00 15.10
N PHE C 216 11.48 -35.99 14.29
CA PHE C 216 10.58 -36.12 13.14
C PHE C 216 11.31 -36.15 11.80
N ASN C 217 12.65 -36.27 11.85
CA ASN C 217 13.51 -36.31 10.67
C ASN C 217 13.22 -35.19 9.67
N ILE C 218 13.18 -33.96 10.17
CA ILE C 218 12.78 -32.81 9.38
C ILE C 218 13.91 -32.31 8.48
N PRO C 219 13.66 -32.24 7.16
CA PRO C 219 14.63 -31.63 6.26
C PRO C 219 14.56 -30.11 6.44
N THR C 220 15.42 -29.59 7.31
CA THR C 220 15.53 -28.17 7.57
C THR C 220 16.83 -27.92 8.32
N GLN C 221 16.99 -26.70 8.84
CA GLN C 221 18.21 -26.32 9.55
C GLN C 221 17.85 -25.37 10.68
N GLY C 222 18.60 -25.44 11.77
CA GLY C 222 18.40 -24.54 12.90
C GLY C 222 19.36 -23.37 12.87
N CYS C 223 19.05 -22.35 13.66
CA CYS C 223 19.90 -21.17 13.77
C CYS C 223 19.58 -20.41 15.03
N VAL C 224 20.61 -19.95 15.73
CA VAL C 224 20.44 -19.02 16.84
C VAL C 224 21.12 -17.70 16.47
N LEU C 225 20.33 -16.64 16.43
CA LEU C 225 20.73 -15.39 15.80
C LEU C 225 21.45 -14.45 16.78
N ALA C 226 22.44 -15.00 17.47
CA ALA C 226 23.32 -14.24 18.32
C ALA C 226 24.40 -13.60 17.46
N HIS C 227 25.41 -13.02 18.09
CA HIS C 227 26.56 -12.49 17.37
C HIS C 227 27.34 -13.67 16.81
N VAL C 228 27.91 -13.49 15.63
CA VAL C 228 28.61 -14.55 14.88
C VAL C 228 29.72 -15.24 15.71
N THR C 229 30.42 -14.47 16.53
CA THR C 229 31.49 -14.97 17.40
C THR C 229 31.01 -16.00 18.43
N THR C 230 29.84 -15.74 19.01
CA THR C 230 29.25 -16.64 20.00
C THR C 230 28.73 -17.93 19.36
N GLN C 231 28.15 -17.80 18.15
CA GLN C 231 27.69 -18.96 17.38
C GLN C 231 28.86 -19.88 17.05
N ILE C 232 29.95 -19.29 16.56
CA ILE C 232 31.16 -20.01 16.19
C ILE C 232 31.71 -20.81 17.37
N GLU C 233 31.76 -20.16 18.54
CA GLU C 233 32.23 -20.80 19.76
C GLU C 233 31.34 -21.95 20.19
N ALA C 234 30.03 -21.73 20.19
CA ALA C 234 29.07 -22.78 20.51
C ALA C 234 29.25 -23.99 19.61
N ILE C 235 29.37 -23.72 18.31
CA ILE C 235 29.54 -24.76 17.31
C ILE C 235 30.86 -25.52 17.49
N ARG C 236 31.97 -24.80 17.71
CA ARG C 236 33.26 -25.44 17.98
C ARG C 236 33.26 -26.27 19.26
N ARG C 237 32.43 -25.87 20.23
CA ARG C 237 32.35 -26.61 21.50
C ARG C 237 31.28 -27.70 21.49
N GLY C 238 30.69 -27.95 20.32
CA GLY C 238 29.85 -29.12 20.14
C GLY C 238 28.35 -28.93 19.88
N ALA C 239 27.88 -27.69 19.89
CA ALA C 239 26.48 -27.39 19.57
C ALA C 239 26.20 -27.65 18.09
N PRO C 240 25.01 -28.21 17.76
CA PRO C 240 24.67 -28.51 16.37
C PRO C 240 24.60 -27.25 15.51
N GLY C 241 25.37 -27.25 14.43
CA GLY C 241 25.44 -26.12 13.52
C GLY C 241 24.55 -26.31 12.31
N GLY C 242 23.69 -25.33 12.07
CA GLY C 242 22.85 -25.31 10.89
C GLY C 242 23.25 -24.12 10.05
N LEU C 243 22.53 -23.03 10.21
CA LEU C 243 22.92 -21.78 9.59
C LEU C 243 23.67 -20.92 10.58
N ILE C 244 24.68 -20.19 10.11
CA ILE C 244 25.39 -19.22 10.94
C ILE C 244 24.94 -17.82 10.53
N PHE C 245 24.50 -17.04 11.51
CA PHE C 245 23.90 -15.74 11.26
C PHE C 245 24.82 -14.58 11.59
N GLN C 246 24.69 -13.50 10.82
CA GLN C 246 25.26 -12.20 11.20
C GLN C 246 24.47 -11.05 10.58
N SER C 247 24.15 -10.04 11.39
CA SER C 247 23.61 -8.80 10.88
C SER C 247 24.75 -8.04 10.22
N ILE C 248 24.51 -7.53 9.02
CA ILE C 248 25.54 -6.84 8.26
C ILE C 248 25.17 -5.38 7.98
N CYS C 249 26.19 -4.58 7.67
CA CYS C 249 25.99 -3.19 7.29
C CYS C 249 26.83 -2.84 6.07
N GLY C 250 26.45 -1.76 5.38
CA GLY C 250 27.06 -1.43 4.09
C GLY C 250 28.36 -0.65 4.13
N SER C 251 28.94 -0.49 5.32
CA SER C 251 30.20 0.23 5.47
C SER C 251 31.07 -0.41 6.55
N GLU C 252 32.37 -0.11 6.51
CA GLU C 252 33.32 -0.58 7.52
C GLU C 252 32.96 -0.02 8.89
N LYS C 253 32.62 1.27 8.92
CA LYS C 253 32.12 1.93 10.12
C LYS C 253 30.87 1.23 10.65
N GLY C 254 29.96 0.87 9.74
CA GLY C 254 28.74 0.15 10.09
C GLY C 254 29.00 -1.23 10.66
N LEU C 255 29.96 -1.95 10.07
CA LEU C 255 30.35 -3.27 10.57
C LEU C 255 31.00 -3.16 11.95
N LYS C 256 31.81 -2.12 12.15
CA LYS C 256 32.44 -1.85 13.45
C LYS C 256 31.39 -1.56 14.53
N GLU C 257 30.32 -0.87 14.13
CA GLU C 257 29.18 -0.61 15.01
C GLU C 257 28.56 -1.92 15.50
N PHE C 258 28.43 -2.89 14.59
CA PHE C 258 27.91 -4.20 14.95
C PHE C 258 28.99 -5.10 15.55
N GLY C 259 30.24 -4.65 15.47
CA GLY C 259 31.38 -5.38 16.03
C GLY C 259 31.80 -6.57 15.18
N VAL C 260 31.79 -6.39 13.87
CA VAL C 260 32.13 -7.46 12.92
CA VAL C 260 32.19 -7.48 12.97
C VAL C 260 33.34 -7.11 12.05
N GLU C 261 34.23 -8.07 11.85
CA GLU C 261 35.29 -7.97 10.88
C GLU C 261 34.96 -8.96 9.78
N LEU C 262 35.44 -8.70 8.56
CA LEU C 262 35.22 -9.60 7.43
C LEU C 262 35.84 -10.98 7.64
N ALA C 263 36.85 -11.04 8.50
CA ALA C 263 37.52 -12.30 8.86
C ALA C 263 36.61 -13.25 9.64
N MET C 264 35.64 -12.69 10.37
CA MET C 264 34.67 -13.48 11.12
C MET C 264 33.72 -14.21 10.19
N LEU C 265 33.35 -13.55 9.09
CA LEU C 265 32.48 -14.13 8.09
C LEU C 265 33.23 -15.20 7.30
N ASP C 266 34.53 -14.98 7.11
CA ASP C 266 35.40 -16.00 6.53
C ASP C 266 35.51 -17.19 7.47
N GLU C 267 35.64 -16.90 8.78
CA GLU C 267 35.73 -17.93 9.80
C GLU C 267 34.45 -18.75 9.87
N ALA C 268 33.31 -18.08 9.79
CA ALA C 268 32.00 -18.72 9.78
C ALA C 268 31.87 -19.71 8.62
N ARG C 269 32.34 -19.28 7.45
CA ARG C 269 32.40 -20.13 6.25
C ARG C 269 33.18 -21.41 6.52
N ALA C 270 34.37 -21.26 7.11
CA ALA C 270 35.24 -22.40 7.42
C ALA C 270 34.68 -23.29 8.54
N VAL C 271 34.11 -22.66 9.56
CA VAL C 271 33.49 -23.38 10.68
C VAL C 271 32.29 -24.19 10.18
N GLY C 272 31.50 -23.58 9.31
CA GLY C 272 30.37 -24.26 8.66
C GLY C 272 30.80 -25.50 7.89
N ALA C 273 31.90 -25.40 7.15
CA ALA C 273 32.43 -26.51 6.36
C ALA C 273 32.91 -27.68 7.21
N GLU C 274 33.41 -27.39 8.40
CA GLU C 274 33.93 -28.42 9.28
C GLU C 274 32.85 -29.06 10.17
N PHE C 275 31.86 -28.28 10.59
CA PHE C 275 30.96 -28.70 11.66
C PHE C 275 29.48 -28.84 11.29
N ASN C 276 29.00 -28.02 10.37
CA ASN C 276 27.55 -27.88 10.18
C ASN C 276 26.84 -29.06 9.54
N ARG C 277 25.62 -29.32 10.01
CA ARG C 277 24.78 -30.38 9.48
C ARG C 277 23.99 -29.90 8.27
N ILE C 278 24.71 -29.63 7.18
CA ILE C 278 24.13 -29.08 5.97
C ILE C 278 24.54 -29.91 4.76
N ALA C 279 23.55 -30.44 4.04
CA ALA C 279 23.79 -31.30 2.88
C ALA C 279 24.27 -30.51 1.67
N GLY C 280 23.67 -29.35 1.43
CA GLY C 280 24.05 -28.48 0.32
C GLY C 280 25.27 -27.61 0.63
N GLU C 281 25.52 -26.64 -0.24
CA GLU C 281 26.77 -25.87 -0.17
C GLU C 281 26.61 -24.48 0.43
N ASN C 282 25.41 -24.15 0.88
CA ASN C 282 25.15 -22.82 1.44
C ASN C 282 24.72 -22.90 2.89
N CYS C 283 25.32 -22.10 3.76
CA CYS C 283 25.03 -22.20 5.18
C CYS C 283 25.02 -20.86 5.94
N LEU C 284 25.39 -19.77 5.27
CA LEU C 284 25.34 -18.46 5.94
C LEU C 284 23.95 -17.83 5.83
N TYR C 285 23.67 -16.93 6.77
CA TYR C 285 22.39 -16.24 6.83
C TYR C 285 22.66 -14.81 7.30
N PHE C 286 22.32 -13.85 6.45
CA PHE C 286 22.41 -12.44 6.84
C PHE C 286 21.04 -11.78 6.94
N GLU C 287 20.94 -10.76 7.78
CA GLU C 287 19.79 -9.87 7.75
C GLU C 287 20.25 -8.43 7.56
N THR C 288 19.41 -7.68 6.83
CA THR C 288 19.74 -6.32 6.42
C THR C 288 18.50 -5.44 6.67
N GLY C 289 18.53 -4.22 6.16
CA GLY C 289 17.37 -3.32 6.25
C GLY C 289 17.77 -1.86 6.22
N GLN C 290 16.95 -1.05 5.56
CA GLN C 290 17.24 0.38 5.38
C GLN C 290 17.24 1.15 6.70
N GLY C 291 18.22 2.03 6.87
CA GLY C 291 18.31 2.88 8.05
C GLY C 291 19.46 2.55 9.01
N SER C 292 19.96 1.32 8.95
CA SER C 292 20.98 0.85 9.89
C SER C 292 22.31 1.61 9.80
N ALA C 293 22.71 1.96 8.58
CA ALA C 293 23.93 2.74 8.35
C ALA C 293 23.79 4.17 8.88
N LEU C 294 22.63 4.77 8.62
CA LEU C 294 22.30 6.11 9.10
C LEU C 294 22.21 6.15 10.62
N SER C 295 21.76 5.05 11.22
CA SER C 295 21.73 4.88 12.67
C SER C 295 23.13 4.82 13.26
N ALA C 296 24.08 4.31 12.48
CA ALA C 296 25.45 4.12 12.94
C ALA C 296 26.34 5.33 12.69
N GLY C 297 25.80 6.34 11.99
CA GLY C 297 26.58 7.48 11.53
C GLY C 297 27.58 7.02 10.49
N ALA C 298 27.18 6.04 9.69
CA ALA C 298 28.07 5.31 8.81
C ALA C 298 27.56 5.29 7.38
N ASN C 299 26.68 6.23 7.05
CA ASN C 299 26.14 6.35 5.71
C ASN C 299 26.96 7.32 4.86
N PHE C 300 27.71 8.19 5.52
CA PHE C 300 28.64 9.13 4.88
C PHE C 300 27.98 10.03 3.84
N GLY C 301 26.83 10.61 4.22
CA GLY C 301 26.09 11.52 3.34
C GLY C 301 25.32 10.82 2.24
N ALA C 302 25.19 9.50 2.32
CA ALA C 302 24.48 8.73 1.30
C ALA C 302 23.12 8.26 1.79
N ASP C 303 22.22 8.02 0.83
CA ASP C 303 20.86 7.60 1.12
C ASP C 303 20.80 6.13 1.54
N GLN C 304 19.71 5.76 2.20
CA GLN C 304 19.57 4.43 2.79
C GLN C 304 19.34 3.30 1.79
N VAL C 305 18.86 3.63 0.59
CA VAL C 305 18.64 2.63 -0.46
C VAL C 305 19.96 2.15 -1.03
N THR C 306 20.86 3.09 -1.33
CA THR C 306 22.20 2.80 -1.84
C THR C 306 23.02 2.03 -0.80
N MET C 307 22.90 2.43 0.46
CA MET C 307 23.59 1.76 1.56
C MET C 307 23.09 0.34 1.77
N GLU C 308 21.78 0.16 1.60
CA GLU C 308 21.17 -1.17 1.68
C GLU C 308 21.61 -2.07 0.52
N ALA C 309 21.80 -1.48 -0.66
CA ALA C 309 22.31 -2.24 -1.80
C ALA C 309 23.73 -2.74 -1.57
N ARG C 310 24.51 -1.96 -0.85
CA ARG C 310 25.89 -2.32 -0.51
C ARG C 310 25.96 -3.51 0.44
N ASN C 311 24.91 -3.69 1.24
CA ASN C 311 24.73 -4.90 2.04
C ASN C 311 24.69 -6.15 1.19
N TYR C 312 24.01 -6.07 0.05
CA TYR C 312 23.85 -7.21 -0.83
C TYR C 312 25.12 -7.51 -1.60
N GLY C 313 25.89 -6.46 -1.93
CA GLY C 313 27.18 -6.64 -2.56
C GLY C 313 28.15 -7.31 -1.62
N LEU C 314 28.04 -6.97 -0.33
CA LEU C 314 28.82 -7.61 0.72
C LEU C 314 28.39 -9.06 0.94
N ALA C 315 27.08 -9.29 1.06
CA ALA C 315 26.53 -10.63 1.28
C ALA C 315 26.91 -11.60 0.16
N ARG C 316 26.80 -11.13 -1.08
CA ARG C 316 27.12 -11.91 -2.29
C ARG C 316 28.47 -12.62 -2.24
N HIS C 317 29.49 -11.94 -1.69
CA HIS C 317 30.84 -12.48 -1.57
C HIS C 317 30.88 -13.78 -0.78
N TYR C 318 29.95 -13.91 0.17
CA TYR C 318 29.94 -15.03 1.09
C TYR C 318 28.91 -16.10 0.72
N ASP C 319 28.27 -15.93 -0.44
CA ASP C 319 27.31 -16.89 -1.03
C ASP C 319 26.40 -17.58 -0.01
N PRO C 320 25.60 -16.79 0.72
CA PRO C 320 24.79 -17.32 1.82
C PRO C 320 23.59 -18.11 1.33
N PHE C 321 23.04 -18.95 2.20
CA PHE C 321 21.84 -19.70 1.88
C PHE C 321 20.65 -18.77 1.73
N ILE C 322 20.53 -17.83 2.67
CA ILE C 322 19.43 -16.88 2.68
C ILE C 322 19.85 -15.49 3.17
N VAL C 323 19.27 -14.46 2.57
CA VAL C 323 19.35 -13.09 3.08
C VAL C 323 17.93 -12.53 3.11
N ASN C 324 17.59 -11.81 4.16
CA ASN C 324 16.36 -11.02 4.14
C ASN C 324 16.53 -9.62 4.70
N THR C 325 15.89 -8.67 4.03
CA THR C 325 15.69 -7.35 4.61
C THR C 325 14.66 -7.51 5.72
N VAL C 326 14.84 -6.74 6.78
CA VAL C 326 13.83 -6.66 7.83
C VAL C 326 13.24 -5.27 7.65
N VAL C 327 12.27 -5.19 6.74
CA VAL C 327 11.89 -3.93 6.08
C VAL C 327 11.59 -2.77 7.03
N GLY C 328 10.70 -2.99 7.99
CA GLY C 328 10.31 -1.94 8.93
C GLY C 328 10.62 -2.28 10.38
N PHE C 329 11.79 -2.84 10.61
CA PHE C 329 12.17 -3.31 11.94
C PHE C 329 12.53 -2.20 12.90
N ILE C 330 13.02 -1.07 12.37
CA ILE C 330 13.58 -0.04 13.24
C ILE C 330 12.55 0.98 13.76
N GLY C 331 11.97 1.76 12.86
CA GLY C 331 10.96 2.74 13.27
C GLY C 331 10.64 3.75 12.19
N PRO C 332 9.71 4.68 12.48
CA PRO C 332 9.23 5.69 11.52
C PRO C 332 10.35 6.64 11.09
N GLU C 333 11.37 6.84 11.92
CA GLU C 333 12.49 7.72 11.61
C GLU C 333 13.20 7.40 10.29
N TYR C 334 13.16 6.09 9.92
CA TYR C 334 13.74 5.72 8.63
C TYR C 334 12.68 5.39 7.56
N LEU C 335 11.60 4.72 7.98
CA LEU C 335 10.47 4.43 7.10
C LEU C 335 9.15 4.69 7.84
N TYR C 336 8.42 5.72 7.39
CA TYR C 336 7.32 6.28 8.17
C TYR C 336 6.00 5.49 8.15
N ASN C 337 5.55 5.09 6.96
CA ASN C 337 4.19 4.57 6.79
C ASN C 337 4.07 3.36 5.87
N ASP C 338 2.83 2.97 5.56
CA ASP C 338 2.51 1.87 4.63
C ASP C 338 3.22 2.01 3.29
N ARG C 339 2.99 3.16 2.65
CA ARG C 339 3.59 3.49 1.36
C ARG C 339 5.11 3.27 1.34
N GLN C 340 5.81 3.85 2.31
CA GLN C 340 7.26 3.81 2.35
C GLN C 340 7.79 2.42 2.67
N ILE C 341 7.07 1.68 3.50
CA ILE C 341 7.47 0.31 3.84
C ILE C 341 7.29 -0.64 2.64
N ILE C 342 6.17 -0.53 1.94
CA ILE C 342 5.93 -1.31 0.72
C ILE C 342 7.01 -1.02 -0.32
N ARG C 343 7.23 0.26 -0.60
CA ARG C 343 8.26 0.69 -1.54
C ARG C 343 9.64 0.13 -1.18
N ALA C 344 10.07 0.36 0.06
CA ALA C 344 11.35 -0.15 0.54
C ALA C 344 11.48 -1.66 0.37
N GLY C 345 10.44 -2.39 0.77
CA GLY C 345 10.40 -3.84 0.63
C GLY C 345 10.57 -4.33 -0.79
N LEU C 346 9.90 -3.66 -1.73
CA LEU C 346 10.02 -3.99 -3.15
C LEU C 346 11.41 -3.64 -3.68
N GLU C 347 11.94 -2.50 -3.25
CA GLU C 347 13.30 -2.07 -3.60
C GLU C 347 14.33 -3.07 -3.12
N ASP C 348 14.28 -3.38 -1.83
CA ASP C 348 15.23 -4.27 -1.19
C ASP C 348 15.29 -5.63 -1.87
N HIS C 349 14.12 -6.22 -2.09
CA HIS C 349 14.03 -7.51 -2.74
C HIS C 349 14.56 -7.49 -4.18
N PHE C 350 14.16 -6.49 -4.95
CA PHE C 350 14.65 -6.32 -6.33
C PHE C 350 16.16 -6.18 -6.37
N MET C 351 16.71 -5.35 -5.49
CA MET C 351 18.15 -5.13 -5.45
C MET C 351 18.92 -6.36 -5.01
N GLY C 352 18.34 -7.17 -4.14
CA GLY C 352 18.95 -8.41 -3.68
C GLY C 352 19.00 -9.45 -4.78
N LYS C 353 17.92 -9.57 -5.54
CA LYS C 353 17.86 -10.51 -6.65
C LYS C 353 18.77 -10.08 -7.79
N LEU C 354 18.87 -8.77 -8.03
CA LEU C 354 19.80 -8.24 -9.03
C LEU C 354 21.25 -8.50 -8.62
N SER C 355 21.51 -8.46 -7.32
CA SER C 355 22.85 -8.72 -6.80
C SER C 355 23.21 -10.20 -6.78
N GLY C 356 22.22 -11.06 -7.01
CA GLY C 356 22.45 -12.50 -7.09
C GLY C 356 22.50 -13.19 -5.75
N ILE C 357 21.78 -12.67 -4.77
CA ILE C 357 21.65 -13.34 -3.48
C ILE C 357 20.25 -13.90 -3.28
N SER C 358 20.13 -14.86 -2.37
CA SER C 358 18.88 -15.56 -2.11
C SER C 358 17.99 -14.68 -1.25
N MET C 359 17.37 -13.70 -1.90
CA MET C 359 16.74 -12.60 -1.21
C MET C 359 15.30 -12.88 -0.78
N GLY C 360 15.06 -12.75 0.52
CA GLY C 360 13.73 -12.82 1.09
C GLY C 360 13.41 -11.51 1.78
N CYS C 361 12.31 -11.47 2.52
CA CYS C 361 11.94 -10.26 3.25
C CYS C 361 11.11 -10.55 4.48
N ASP C 362 11.54 -9.97 5.60
CA ASP C 362 10.72 -9.94 6.79
C ASP C 362 9.74 -8.79 6.63
N CYS C 363 8.51 -9.12 6.25
CA CYS C 363 7.46 -8.12 6.09
C CYS C 363 6.95 -7.72 7.46
N CYS C 364 7.35 -6.53 7.91
CA CYS C 364 7.15 -6.13 9.28
C CYS C 364 7.00 -4.63 9.47
N TYR C 365 6.53 -4.26 10.65
CA TYR C 365 6.40 -2.88 11.07
C TYR C 365 6.52 -2.83 12.59
N THR C 366 6.77 -1.64 13.12
CA THR C 366 6.82 -1.43 14.56
C THR C 366 5.55 -0.70 14.98
N ASN C 367 5.28 -0.71 16.28
CA ASN C 367 4.07 -0.10 16.83
C ASN C 367 4.11 1.43 16.92
N HIS C 368 5.31 2.00 16.84
CA HIS C 368 5.45 3.46 16.81
C HIS C 368 5.51 4.03 15.39
N ALA C 369 5.37 3.16 14.40
CA ALA C 369 5.32 3.55 12.98
C ALA C 369 3.87 3.63 12.51
N ASP C 370 3.63 4.42 11.47
CA ASP C 370 2.27 4.61 10.92
C ASP C 370 1.86 3.43 10.03
N ALA C 371 1.61 2.29 10.66
CA ALA C 371 1.33 1.04 9.95
C ALA C 371 0.50 0.09 10.80
N ASP C 372 -0.06 -0.94 10.16
CA ASP C 372 -0.80 -2.00 10.84
C ASP C 372 -0.58 -3.35 10.15
N GLN C 373 -1.30 -4.38 10.60
CA GLN C 373 -1.11 -5.74 10.09
C GLN C 373 -1.54 -5.89 8.63
N ASN C 374 -2.48 -5.07 8.20
CA ASN C 374 -2.91 -5.04 6.80
C ASN C 374 -1.79 -4.62 5.85
N LEU C 375 -0.86 -3.79 6.34
CA LEU C 375 0.36 -3.44 5.61
C LEU C 375 1.21 -4.69 5.35
N ASN C 376 1.45 -5.48 6.40
CA ASN C 376 2.19 -6.74 6.27
C ASN C 376 1.57 -7.70 5.24
N GLU C 377 0.24 -7.78 5.23
CA GLU C 377 -0.47 -8.64 4.30
C GLU C 377 -0.45 -8.13 2.85
N ASN C 378 -0.50 -6.80 2.68
CA ASN C 378 -0.29 -6.19 1.36
C ASN C 378 1.10 -6.50 0.80
N LEU C 379 2.13 -6.26 1.61
CA LEU C 379 3.52 -6.39 1.17
C LEU C 379 3.92 -7.84 0.90
N MET C 380 3.53 -8.74 1.80
CA MET C 380 3.86 -10.16 1.67
C MET C 380 3.32 -10.74 0.36
N ILE C 381 2.11 -10.32 -0.03
CA ILE C 381 1.50 -10.84 -1.26
C ILE C 381 2.22 -10.27 -2.48
N LEU C 382 2.52 -8.99 -2.46
CA LEU C 382 3.24 -8.33 -3.56
C LEU C 382 4.62 -8.94 -3.77
N LEU C 383 5.31 -9.20 -2.67
CA LEU C 383 6.65 -9.78 -2.72
C LEU C 383 6.63 -11.23 -3.16
N ALA C 384 5.59 -11.95 -2.76
CA ALA C 384 5.39 -13.32 -3.19
C ALA C 384 5.24 -13.39 -4.71
N THR C 385 4.55 -12.41 -5.31
CA THR C 385 4.40 -12.35 -6.77
C THR C 385 5.71 -11.97 -7.44
N ALA C 386 6.57 -11.25 -6.71
CA ALA C 386 7.92 -10.92 -7.18
C ALA C 386 8.89 -12.11 -7.02
N GLY C 387 8.41 -13.21 -6.45
CA GLY C 387 9.22 -14.40 -6.28
C GLY C 387 10.14 -14.32 -5.08
N CYS C 388 9.71 -13.56 -4.07
CA CYS C 388 10.39 -13.49 -2.77
C CYS C 388 10.69 -14.89 -2.26
N ASN C 389 11.95 -15.14 -1.92
CA ASN C 389 12.36 -16.48 -1.53
C ASN C 389 11.70 -16.95 -0.24
N TYR C 390 11.54 -16.03 0.72
CA TYR C 390 10.91 -16.36 2.00
C TYR C 390 10.44 -15.14 2.83
N ILE C 391 9.48 -15.41 3.71
CA ILE C 391 9.05 -14.45 4.73
C ILE C 391 9.25 -15.08 6.11
N MET C 392 8.89 -14.35 7.16
CA MET C 392 8.95 -14.93 8.50
C MET C 392 7.65 -15.63 8.84
N GLY C 393 7.66 -16.35 9.95
CA GLY C 393 6.46 -16.95 10.51
C GLY C 393 6.55 -16.90 12.02
N MET C 394 5.52 -16.32 12.63
CA MET C 394 5.35 -16.30 14.08
C MET C 394 3.86 -16.43 14.37
N PRO C 395 3.49 -16.92 15.58
CA PRO C 395 2.06 -17.04 15.90
C PRO C 395 1.37 -15.69 15.81
N LEU C 396 0.51 -15.55 14.80
CA LEU C 396 -0.18 -14.30 14.43
C LEU C 396 0.76 -13.12 14.10
N GLY C 397 2.06 -13.40 14.00
CA GLY C 397 3.04 -12.36 13.67
C GLY C 397 3.52 -11.54 14.85
N ASP C 398 3.09 -11.90 16.06
CA ASP C 398 3.44 -11.18 17.27
C ASP C 398 4.75 -11.70 17.86
N ASP C 399 5.82 -10.93 17.74
CA ASP C 399 7.06 -11.22 18.45
C ASP C 399 6.94 -10.70 19.88
N ILE C 400 6.82 -11.62 20.82
CA ILE C 400 6.62 -11.31 22.24
C ILE C 400 7.88 -10.79 22.94
N MET C 401 8.94 -10.58 22.16
CA MET C 401 10.25 -10.32 22.74
C MET C 401 11.06 -9.28 21.95
N LEU C 402 10.96 -9.33 20.62
CA LEU C 402 11.58 -8.30 19.77
C LEU C 402 10.67 -7.08 19.58
N ASN C 403 9.45 -7.17 20.09
CA ASN C 403 8.49 -6.07 20.16
C ASN C 403 8.14 -5.43 18.81
N TYR C 404 7.69 -6.25 17.88
CA TYR C 404 7.26 -5.80 16.57
C TYR C 404 6.31 -6.84 15.98
N GLN C 405 5.65 -6.51 14.89
CA GLN C 405 4.77 -7.48 14.24
C GLN C 405 5.27 -7.84 12.85
N THR C 406 5.41 -9.14 12.62
CA THR C 406 5.82 -9.68 11.33
C THR C 406 4.62 -10.41 10.71
N THR C 407 4.87 -11.36 9.82
CA THR C 407 3.79 -12.13 9.21
C THR C 407 3.44 -13.37 10.03
N ALA C 408 2.17 -13.74 10.01
CA ALA C 408 1.67 -14.92 10.71
C ALA C 408 2.09 -16.22 10.01
N PHE C 409 2.00 -17.35 10.74
CA PHE C 409 2.15 -18.66 10.13
C PHE C 409 1.09 -18.85 9.06
N HIS C 410 -0.12 -18.39 9.38
CA HIS C 410 -1.28 -18.35 8.49
C HIS C 410 -0.96 -17.72 7.12
N ASP C 411 -0.10 -16.70 7.14
CA ASP C 411 0.20 -15.91 5.95
C ASP C 411 0.97 -16.69 4.90
N THR C 412 1.84 -17.59 5.36
CA THR C 412 2.60 -18.46 4.46
C THR C 412 1.67 -19.45 3.77
N ALA C 413 0.77 -20.05 4.54
CA ALA C 413 -0.25 -20.96 4.01
C ALA C 413 -1.17 -20.24 3.02
N THR C 414 -1.57 -19.02 3.37
CA THR C 414 -2.41 -18.19 2.53
C THR C 414 -1.74 -17.88 1.19
N VAL C 415 -0.50 -17.40 1.25
CA VAL C 415 0.25 -17.04 0.05
C VAL C 415 0.44 -18.23 -0.87
N ARG C 416 0.80 -19.38 -0.29
CA ARG C 416 0.99 -20.63 -1.03
C ARG C 416 -0.28 -21.07 -1.74
N GLN C 417 -1.39 -21.08 -1.02
CA GLN C 417 -2.65 -21.55 -1.58
C GLN C 417 -3.29 -20.53 -2.53
N LEU C 418 -3.09 -19.24 -2.24
CA LEU C 418 -3.55 -18.17 -3.12
C LEU C 418 -2.85 -18.19 -4.48
N LEU C 419 -1.53 -18.40 -4.47
CA LEU C 419 -0.73 -18.26 -5.68
C LEU C 419 -0.27 -19.58 -6.29
N ASN C 420 -0.80 -20.69 -5.77
CA ASN C 420 -0.40 -22.04 -6.18
CA ASN C 420 -0.41 -22.05 -6.18
C ASN C 420 1.11 -22.26 -6.10
N LEU C 421 1.68 -21.90 -4.96
CA LEU C 421 3.11 -22.06 -4.71
C LEU C 421 3.32 -23.19 -3.70
N ARG C 422 4.44 -23.88 -3.83
CA ARG C 422 4.74 -25.02 -2.98
C ARG C 422 5.84 -24.66 -1.99
N PRO C 423 6.01 -25.46 -0.92
CA PRO C 423 7.19 -25.24 -0.09
C PRO C 423 8.44 -25.74 -0.81
N SER C 424 9.58 -25.63 -0.14
CA SER C 424 10.79 -26.29 -0.58
C SER C 424 10.48 -27.77 -0.81
N PRO C 425 10.91 -28.32 -1.96
CA PRO C 425 10.54 -29.68 -2.36
C PRO C 425 10.84 -30.75 -1.31
N GLU C 426 11.97 -30.61 -0.60
CA GLU C 426 12.35 -31.56 0.44
C GLU C 426 11.40 -31.45 1.64
N PHE C 427 11.08 -30.21 2.02
CA PHE C 427 10.21 -29.94 3.15
C PHE C 427 8.76 -30.29 2.82
N GLU C 428 8.35 -30.01 1.59
CA GLU C 428 7.01 -30.38 1.11
C GLU C 428 6.77 -31.89 1.26
N ARG C 429 7.76 -32.69 0.87
CA ARG C 429 7.69 -34.14 1.00
C ARG C 429 7.53 -34.57 2.46
N TRP C 430 8.24 -33.87 3.36
CA TRP C 430 8.10 -34.14 4.79
C TRP C 430 6.69 -33.83 5.29
N LEU C 431 6.14 -32.70 4.86
CA LEU C 431 4.77 -32.29 5.22
C LEU C 431 3.72 -33.28 4.73
N GLU C 432 3.93 -33.82 3.53
CA GLU C 432 3.04 -34.84 2.97
C GLU C 432 3.09 -36.13 3.79
N SER C 433 4.30 -36.51 4.21
CA SER C 433 4.50 -37.67 5.08
C SER C 433 3.84 -37.49 6.45
N MET C 434 3.83 -36.26 6.95
CA MET C 434 3.23 -35.93 8.23
C MET C 434 1.72 -35.75 8.15
N GLY C 435 1.18 -35.74 6.93
CA GLY C 435 -0.25 -35.57 6.72
C GLY C 435 -0.70 -34.13 6.88
N ILE C 436 0.27 -33.21 6.82
CA ILE C 436 0.01 -31.78 6.99
C ILE C 436 -0.35 -31.12 5.65
N MET C 437 0.29 -31.60 4.58
CA MET C 437 0.05 -31.03 3.26
C MET C 437 -0.38 -32.06 2.21
N ALA C 438 -1.33 -31.66 1.38
CA ALA C 438 -1.70 -32.44 0.21
C ALA C 438 -1.89 -31.49 -0.96
N ASN C 439 -1.16 -31.75 -2.05
CA ASN C 439 -1.20 -30.93 -3.27
C ASN C 439 -1.01 -29.43 -3.05
N GLY C 440 -0.06 -29.08 -2.18
CA GLY C 440 0.22 -27.69 -1.84
C GLY C 440 -0.71 -27.07 -0.81
N ARG C 441 -1.75 -27.83 -0.44
CA ARG C 441 -2.79 -27.33 0.45
C ARG C 441 -2.69 -27.97 1.82
N LEU C 442 -2.98 -27.19 2.85
CA LEU C 442 -3.11 -27.72 4.21
C LEU C 442 -4.29 -28.70 4.28
N THR C 443 -4.06 -29.83 4.93
CA THR C 443 -5.13 -30.81 5.17
C THR C 443 -6.03 -30.32 6.31
N LYS C 444 -7.10 -31.08 6.59
CA LYS C 444 -7.99 -30.77 7.72
C LYS C 444 -7.27 -30.79 9.06
N ARG C 445 -6.36 -31.74 9.24
CA ARG C 445 -5.66 -31.90 10.51
C ARG C 445 -4.50 -30.92 10.71
N ALA C 446 -4.17 -30.16 9.67
CA ALA C 446 -3.11 -29.14 9.74
C ALA C 446 -3.54 -27.93 10.58
N GLY C 447 -2.56 -27.11 10.98
CA GLY C 447 -2.84 -25.94 11.81
C GLY C 447 -3.05 -26.29 13.27
N ASP C 448 -2.62 -27.50 13.64
CA ASP C 448 -2.86 -28.05 14.97
C ASP C 448 -1.54 -28.65 15.48
N PRO C 449 -0.87 -27.95 16.39
CA PRO C 449 0.42 -28.38 16.94
C PRO C 449 0.38 -29.69 17.75
N SER C 450 -0.81 -30.09 18.20
CA SER C 450 -0.99 -31.33 18.95
C SER C 450 -0.89 -32.58 18.06
N LEU C 451 -0.80 -32.38 16.75
CA LEU C 451 -0.64 -33.44 15.77
C LEU C 451 0.69 -34.19 15.95
N PHE C 452 1.67 -33.51 16.51
CA PHE C 452 3.00 -34.06 16.73
C PHE C 452 3.10 -34.90 18.01
N PHE C 453 1.99 -35.00 18.74
CA PHE C 453 1.96 -35.69 20.03
C PHE C 453 1.07 -36.94 19.97
N ALA D 55 -20.70 -12.73 25.84
CA ALA D 55 -20.02 -11.60 26.51
C ALA D 55 -18.56 -11.92 26.77
N LEU D 56 -17.67 -11.24 26.05
CA LEU D 56 -16.24 -11.47 26.15
C LEU D 56 -15.41 -10.20 26.00
N ASP D 57 -14.59 -9.91 27.01
CA ASP D 57 -13.64 -8.80 26.94
C ASP D 57 -12.38 -9.32 26.27
N LEU D 58 -11.96 -8.68 25.19
CA LEU D 58 -10.80 -9.11 24.41
C LEU D 58 -9.47 -8.88 25.11
N GLY D 59 -9.50 -8.12 26.20
CA GLY D 59 -8.32 -7.88 27.02
C GLY D 59 -8.29 -8.73 28.27
N SER D 60 -9.25 -9.65 28.39
CA SER D 60 -9.37 -10.50 29.58
C SER D 60 -8.43 -11.70 29.53
N ALA D 61 -8.25 -12.35 30.68
CA ALA D 61 -7.44 -13.55 30.80
C ALA D 61 -8.04 -14.72 30.02
N GLU D 62 -9.37 -14.79 30.00
CA GLU D 62 -10.10 -15.83 29.28
C GLU D 62 -9.87 -15.75 27.77
N ALA D 63 -9.82 -14.52 27.25
CA ALA D 63 -9.58 -14.28 25.82
C ALA D 63 -8.16 -14.62 25.40
N LYS D 64 -7.21 -14.38 26.31
CA LYS D 64 -5.79 -14.68 26.05
C LYS D 64 -5.52 -16.20 26.12
N ALA D 65 -6.34 -16.91 26.89
CA ALA D 65 -6.19 -18.35 27.06
C ALA D 65 -7.00 -19.15 26.05
N TRP D 66 -7.74 -18.45 25.20
CA TRP D 66 -8.66 -19.08 24.24
C TRP D 66 -7.94 -19.98 23.23
N ILE D 67 -8.47 -21.18 23.07
CA ILE D 67 -7.96 -22.16 22.11
C ILE D 67 -8.99 -22.32 21.00
N GLY D 68 -8.57 -22.09 19.76
CA GLY D 68 -9.49 -22.08 18.63
C GLY D 68 -9.39 -23.26 17.69
N VAL D 69 -8.49 -24.19 17.98
CA VAL D 69 -8.30 -25.37 17.13
C VAL D 69 -9.54 -26.26 17.14
N GLU D 70 -10.14 -26.42 15.97
CA GLU D 70 -11.31 -27.27 15.79
C GLU D 70 -10.88 -28.72 15.55
N ASN D 71 -11.55 -29.64 16.24
CA ASN D 71 -11.26 -31.09 16.19
C ASN D 71 -9.79 -31.46 16.43
N PRO D 72 -9.26 -31.10 17.61
CA PRO D 72 -7.85 -31.30 17.90
C PRO D 72 -7.46 -32.77 17.99
N HIS D 73 -6.21 -33.06 17.63
CA HIS D 73 -5.65 -34.39 17.82
C HIS D 73 -5.58 -34.70 19.32
N ARG D 74 -5.05 -33.76 20.09
CA ARG D 74 -4.95 -33.90 21.55
C ARG D 74 -5.13 -32.53 22.23
N ALA D 75 -6.34 -32.26 22.71
CA ALA D 75 -6.68 -30.95 23.27
C ALA D 75 -6.02 -30.65 24.63
N ASP D 76 -5.60 -31.70 25.34
CA ASP D 76 -4.87 -31.52 26.60
C ASP D 76 -3.45 -31.02 26.35
N VAL D 77 -2.88 -31.41 25.22
CA VAL D 77 -1.59 -30.89 24.76
C VAL D 77 -1.71 -29.40 24.40
N LEU D 78 -2.80 -29.02 23.73
CA LEU D 78 -3.04 -27.64 23.35
C LEU D 78 -3.08 -26.68 24.55
N THR D 79 -3.76 -27.09 25.63
CA THR D 79 -3.82 -26.31 26.87
C THR D 79 -2.42 -26.11 27.46
N GLU D 80 -1.62 -27.18 27.48
CA GLU D 80 -0.25 -27.12 27.98
C GLU D 80 0.65 -26.23 27.11
N LEU D 81 0.44 -26.28 25.80
CA LEU D 81 1.17 -25.43 24.87
C LEU D 81 0.78 -23.95 25.06
N ARG D 82 -0.49 -23.71 25.33
CA ARG D 82 -1.00 -22.36 25.62
C ARG D 82 -0.47 -21.85 26.96
N ARG D 83 -0.26 -22.77 27.90
CA ARG D 83 0.30 -22.46 29.21
C ARG D 83 1.81 -22.15 29.15
N SER D 84 2.50 -22.79 28.19
CA SER D 84 3.95 -22.71 28.09
C SER D 84 4.46 -21.36 27.62
N THR D 85 3.65 -20.67 26.80
CA THR D 85 4.09 -19.45 26.15
C THR D 85 3.06 -18.33 26.23
N VAL D 86 3.52 -17.09 26.04
CA VAL D 86 2.61 -15.95 25.94
C VAL D 86 2.41 -15.57 24.47
N ALA D 87 3.04 -16.33 23.58
CA ALA D 87 2.82 -16.21 22.13
C ALA D 87 1.43 -16.72 21.77
N ARG D 88 0.88 -16.16 20.69
CA ARG D 88 -0.53 -16.39 20.32
C ARG D 88 -0.74 -17.71 19.58
N VAL D 89 -0.34 -18.81 20.22
CA VAL D 89 -0.47 -20.15 19.66
C VAL D 89 -1.88 -20.72 19.89
N CYS D 90 -2.18 -21.81 19.20
CA CYS D 90 -3.40 -22.62 19.40
C CYS D 90 -4.74 -21.94 19.08
N THR D 91 -4.70 -20.81 18.36
CA THR D 91 -5.93 -20.08 18.03
C THR D 91 -6.67 -20.68 16.83
N GLY D 92 -6.07 -21.69 16.19
CA GLY D 92 -6.71 -22.39 15.08
C GLY D 92 -6.69 -21.61 13.77
N ARG D 93 -7.66 -21.88 12.91
CA ARG D 93 -7.69 -21.25 11.58
C ARG D 93 -9.07 -21.33 10.93
N ALA D 94 -9.30 -20.44 9.97
CA ALA D 94 -10.42 -20.55 9.06
C ALA D 94 -9.83 -20.62 7.66
N GLY D 95 -9.74 -21.83 7.13
CA GLY D 95 -8.93 -22.08 5.94
C GLY D 95 -7.48 -21.82 6.32
N PRO D 96 -6.78 -20.97 5.56
CA PRO D 96 -5.43 -20.59 5.93
C PRO D 96 -5.39 -19.26 6.68
N ARG D 97 -6.57 -18.72 7.01
CA ARG D 97 -6.68 -17.41 7.63
C ARG D 97 -6.89 -17.54 9.13
N PRO D 98 -6.58 -16.49 9.90
CA PRO D 98 -6.86 -16.51 11.33
C PRO D 98 -8.35 -16.60 11.63
N ARG D 99 -8.68 -17.18 12.79
CA ARG D 99 -10.05 -17.17 13.27
C ARG D 99 -10.45 -15.76 13.70
N THR D 100 -11.76 -15.50 13.70
CA THR D 100 -12.27 -14.14 13.91
C THR D 100 -11.89 -13.56 15.28
N GLN D 101 -12.01 -14.37 16.33
CA GLN D 101 -11.68 -13.93 17.69
C GLN D 101 -10.19 -13.61 17.86
N ALA D 102 -9.35 -14.41 17.22
CA ALA D 102 -7.90 -14.19 17.26
C ALA D 102 -7.53 -12.88 16.58
N LEU D 103 -8.20 -12.61 15.46
CA LEU D 103 -8.03 -11.36 14.72
C LEU D 103 -8.55 -10.17 15.53
N LEU D 104 -9.72 -10.34 16.15
CA LEU D 104 -10.30 -9.30 17.00
C LEU D 104 -9.39 -8.94 18.17
N ARG D 105 -8.83 -9.96 18.83
CA ARG D 105 -7.92 -9.75 19.95
C ARG D 105 -6.62 -9.09 19.50
N PHE D 106 -6.13 -9.50 18.32
CA PHE D 106 -4.95 -8.89 17.71
C PHE D 106 -5.13 -7.38 17.52
N LEU D 107 -6.27 -7.00 16.94
CA LEU D 107 -6.57 -5.60 16.64
C LEU D 107 -6.82 -4.79 17.90
N ALA D 108 -7.44 -5.43 18.90
CA ALA D 108 -7.69 -4.82 20.20
C ALA D 108 -6.39 -4.51 20.91
N ASP D 109 -5.46 -5.45 20.89
CA ASP D 109 -4.14 -5.25 21.50
C ASP D 109 -3.33 -4.20 20.75
N HIS D 110 -3.56 -4.10 19.44
CA HIS D 110 -2.86 -3.11 18.63
C HIS D 110 -3.32 -1.69 18.92
N SER D 111 -4.62 -1.53 19.20
CA SER D 111 -5.18 -0.24 19.57
C SER D 111 -4.59 0.29 20.88
N ARG D 112 -4.43 -0.60 21.86
CA ARG D 112 -3.82 -0.27 23.14
C ARG D 112 -2.31 0.01 23.00
N SER D 113 -1.66 -0.72 22.10
CA SER D 113 -0.22 -0.58 21.87
C SER D 113 0.15 0.76 21.23
N LYS D 114 -0.73 1.29 20.40
CA LYS D 114 -0.52 2.60 19.78
C LYS D 114 -0.53 3.72 20.83
N ASP D 115 -1.36 3.57 21.86
CA ASP D 115 -1.48 4.55 22.93
C ASP D 115 -0.25 4.59 23.85
N THR D 116 0.38 3.43 24.03
CA THR D 116 1.56 3.32 24.89
C THR D 116 2.78 4.02 24.30
N VAL D 117 2.79 4.15 22.97
CA VAL D 117 3.81 4.89 22.24
C VAL D 117 3.84 6.36 22.64
N LEU D 118 2.66 6.97 22.68
CA LEU D 118 2.52 8.41 22.92
C LEU D 118 2.35 8.75 24.40
N LYS D 119 2.32 7.73 25.25
CA LYS D 119 2.24 7.91 26.71
C LYS D 119 3.49 8.56 27.28
N GLU D 120 3.28 9.45 28.25
CA GLU D 120 4.39 10.15 28.91
C GLU D 120 4.23 10.13 30.42
N VAL D 121 5.35 10.26 31.12
CA VAL D 121 5.34 10.41 32.58
C VAL D 121 4.87 11.80 32.97
N PRO D 122 4.17 11.91 34.10
CA PRO D 122 3.98 13.23 34.70
C PRO D 122 5.32 13.74 35.22
N GLU D 123 5.53 15.06 35.12
CA GLU D 123 6.75 15.69 35.63
C GLU D 123 6.81 15.55 37.14
N GLU D 124 5.64 15.62 37.77
CA GLU D 124 5.49 15.48 39.22
C GLU D 124 5.70 14.05 39.71
N TRP D 125 5.55 13.07 38.81
CA TRP D 125 5.89 11.69 39.15
C TRP D 125 7.39 11.55 39.27
N VAL D 126 8.11 12.15 38.33
CA VAL D 126 9.58 12.14 38.31
C VAL D 126 10.12 12.87 39.54
N LYS D 127 9.49 13.98 39.89
CA LYS D 127 9.84 14.79 41.06
C LYS D 127 9.60 14.03 42.37
N ALA D 128 8.55 13.20 42.39
CA ALA D 128 8.19 12.40 43.56
C ALA D 128 9.21 11.29 43.85
N GLN D 129 9.88 10.81 42.80
CA GLN D 129 10.92 9.80 42.94
C GLN D 129 12.25 10.43 43.40
N GLY D 130 12.26 11.75 43.55
CA GLY D 130 13.45 12.49 43.99
C GLY D 130 14.48 12.68 42.89
N LEU D 131 14.05 12.52 41.64
CA LEU D 131 14.95 12.57 40.49
C LEU D 131 15.06 13.96 39.85
N LEU D 132 16.26 14.29 39.39
CA LEU D 132 16.50 15.50 38.62
C LEU D 132 16.08 15.23 37.18
N GLU D 133 14.96 15.82 36.77
CA GLU D 133 14.49 15.69 35.40
C GLU D 133 15.29 16.61 34.48
N VAL D 134 15.83 16.03 33.41
CA VAL D 134 16.57 16.79 32.41
C VAL D 134 16.13 16.32 31.01
N ARG D 135 16.39 17.13 29.99
CA ARG D 135 15.93 16.84 28.63
C ARG D 135 17.06 16.64 27.63
N SER D 136 16.73 16.04 26.49
CA SER D 136 17.61 16.04 25.33
C SER D 136 17.27 17.25 24.46
N GLU D 137 17.75 17.26 23.22
CA GLU D 137 17.51 18.36 22.30
C GLU D 137 16.05 18.39 21.83
N ILE D 138 15.39 17.23 21.91
CA ILE D 138 13.98 17.06 21.56
C ILE D 138 13.05 17.88 22.46
N SER D 139 12.06 18.52 21.85
CA SER D 139 11.07 19.33 22.57
C SER D 139 9.80 18.57 22.94
N ASP D 140 9.32 17.70 22.05
CA ASP D 140 8.08 16.95 22.29
C ASP D 140 8.08 15.53 21.69
N LYS D 141 7.03 14.77 21.99
CA LYS D 141 6.93 13.37 21.58
C LYS D 141 6.87 13.13 20.06
N ASN D 142 6.27 14.07 19.33
CA ASN D 142 6.16 13.94 17.88
C ASN D 142 7.49 14.08 17.15
N LEU D 143 8.36 14.94 17.66
CA LEU D 143 9.70 15.11 17.09
C LEU D 143 10.68 14.03 17.54
N TYR D 144 10.42 13.43 18.69
CA TYR D 144 11.24 12.31 19.19
C TYR D 144 11.15 11.09 18.27
N LEU D 145 9.97 10.88 17.68
CA LEU D 145 9.71 9.74 16.81
C LEU D 145 10.30 9.92 15.41
N THR D 146 10.83 11.11 15.12
CA THR D 146 11.31 11.43 13.78
C THR D 146 12.78 11.89 13.78
N ARG D 147 13.25 12.39 14.93
CA ARG D 147 14.63 12.85 15.05
C ARG D 147 15.41 12.06 16.10
N PRO D 148 16.00 10.92 15.72
CA PRO D 148 16.85 10.19 16.67
C PRO D 148 18.19 10.88 16.93
N ASP D 149 18.65 11.69 15.97
CA ASP D 149 19.93 12.40 16.08
C ASP D 149 19.93 13.47 17.18
N MET D 150 18.75 14.02 17.47
CA MET D 150 18.62 15.03 18.52
C MET D 150 18.46 14.40 19.90
N GLY D 151 18.08 13.13 19.92
CA GLY D 151 17.91 12.40 21.17
C GLY D 151 19.19 11.77 21.70
N ARG D 152 20.26 11.82 20.90
CA ARG D 152 21.56 11.30 21.33
C ARG D 152 22.40 12.39 21.98
N ARG D 153 21.88 13.62 21.98
CA ARG D 153 22.60 14.74 22.60
C ARG D 153 21.70 15.64 23.45
N LEU D 154 22.25 16.11 24.56
CA LEU D 154 21.56 16.97 25.51
C LEU D 154 21.42 18.40 24.97
N CYS D 155 20.40 19.11 25.45
CA CYS D 155 20.18 20.49 25.04
C CYS D 155 21.13 21.46 25.76
N ALA D 156 20.88 22.76 25.63
CA ALA D 156 21.74 23.79 26.20
C ALA D 156 21.71 23.85 27.73
N GLU D 157 20.50 23.85 28.30
CA GLU D 157 20.32 23.88 29.75
C GLU D 157 20.72 22.58 30.44
N ALA D 158 20.72 21.49 29.68
CA ALA D 158 20.99 20.15 30.20
C ALA D 158 22.46 19.91 30.54
N VAL D 159 23.35 20.46 29.72
CA VAL D 159 24.80 20.34 29.92
C VAL D 159 25.22 21.04 31.21
N GLU D 160 24.66 22.23 31.44
CA GLU D 160 25.01 23.04 32.61
C GLU D 160 24.39 22.54 33.91
N ALA D 161 23.15 22.03 33.85
CA ALA D 161 22.46 21.54 35.03
C ALA D 161 23.03 20.22 35.55
N LEU D 162 23.69 19.48 34.67
CA LEU D 162 24.27 18.20 35.02
C LEU D 162 25.59 18.36 35.77
N LYS D 163 26.40 19.33 35.36
CA LYS D 163 27.70 19.59 36.00
C LYS D 163 27.55 20.31 37.34
N ALA D 164 26.47 21.06 37.49
CA ALA D 164 26.26 21.87 38.69
C ALA D 164 25.54 21.12 39.81
N GLN D 165 24.91 20.00 39.49
CA GLN D 165 24.03 19.30 40.45
C GLN D 165 24.33 17.82 40.69
N CYS D 166 25.16 17.22 39.84
CA CYS D 166 25.49 15.79 39.98
C CYS D 166 26.92 15.56 40.49
N VAL D 167 27.18 14.33 40.95
CA VAL D 167 28.49 13.93 41.45
C VAL D 167 29.51 13.76 40.32
N ALA D 168 30.64 14.46 40.43
CA ALA D 168 31.70 14.41 39.43
C ALA D 168 32.57 13.17 39.57
N ASN D 169 32.96 12.62 38.42
CA ASN D 169 33.83 11.42 38.31
C ASN D 169 33.43 10.21 39.17
N PRO D 170 32.22 9.67 38.96
CA PRO D 170 31.83 8.50 39.75
C PRO D 170 32.32 7.18 39.13
N ASP D 171 32.31 6.12 39.92
CA ASP D 171 32.67 4.79 39.44
C ASP D 171 31.54 4.22 38.59
N VAL D 172 30.32 4.37 39.08
CA VAL D 172 29.14 3.92 38.35
C VAL D 172 28.06 5.00 38.31
N GLN D 173 27.60 5.32 37.10
CA GLN D 173 26.58 6.35 36.90
C GLN D 173 25.30 5.76 36.36
N VAL D 174 24.20 5.98 37.08
CA VAL D 174 22.90 5.44 36.70
C VAL D 174 22.04 6.53 36.06
N VAL D 175 21.52 6.23 34.87
CA VAL D 175 20.63 7.12 34.14
C VAL D 175 19.33 6.40 33.81
N ILE D 176 18.20 7.03 34.13
CA ILE D 176 16.90 6.50 33.78
C ILE D 176 16.31 7.36 32.67
N SER D 177 15.78 6.70 31.63
CA SER D 177 15.16 7.42 30.52
C SER D 177 13.89 6.71 30.06
N ASP D 178 12.91 7.50 29.60
CA ASP D 178 11.64 6.96 29.14
C ASP D 178 11.79 6.25 27.80
N GLY D 179 12.61 6.83 26.92
CA GLY D 179 12.87 6.25 25.60
C GLY D 179 11.61 6.13 24.76
N LEU D 180 11.33 4.90 24.33
CA LEU D 180 10.20 4.63 23.45
C LEU D 180 8.97 4.11 24.20
N SER D 181 9.13 3.85 25.50
CA SER D 181 8.01 3.37 26.33
C SER D 181 8.10 3.87 27.77
N THR D 182 7.14 4.70 28.13
CA THR D 182 7.00 5.24 29.48
C THR D 182 6.60 4.15 30.47
N ASP D 183 5.75 3.24 30.02
CA ASP D 183 5.24 2.15 30.86
C ASP D 183 6.35 1.23 31.37
N ALA D 184 7.42 1.11 30.59
CA ALA D 184 8.59 0.30 30.95
C ALA D 184 9.30 0.80 32.20
N ILE D 185 9.36 2.12 32.36
CA ILE D 185 10.07 2.69 33.50
C ILE D 185 9.15 3.06 34.67
N THR D 186 7.84 3.08 34.46
CA THR D 186 6.90 3.38 35.53
C THR D 186 6.58 2.13 36.36
N VAL D 187 6.32 1.02 35.68
CA VAL D 187 5.98 -0.26 36.32
C VAL D 187 7.18 -0.87 37.05
N ASN D 188 8.35 -0.79 36.44
CA ASN D 188 9.54 -1.46 36.96
C ASN D 188 10.34 -0.68 38.00
N TYR D 189 10.22 0.65 38.00
CA TYR D 189 11.08 1.57 38.78
C TYR D 189 11.30 1.18 40.24
N GLU D 190 10.21 1.15 41.01
CA GLU D 190 10.27 0.89 42.46
C GLU D 190 10.65 -0.55 42.80
N GLU D 191 11.06 -1.31 41.79
CA GLU D 191 11.45 -2.70 41.97
C GLU D 191 12.87 -2.94 41.45
N ILE D 192 13.32 -2.10 40.52
CA ILE D 192 14.68 -2.22 39.96
C ILE D 192 15.70 -1.30 40.64
N LEU D 193 15.34 -0.03 40.80
CA LEU D 193 16.29 0.99 41.25
C LEU D 193 16.67 0.93 42.75
N PRO D 194 15.70 0.78 43.66
CA PRO D 194 16.12 0.64 45.06
C PRO D 194 17.04 -0.56 45.39
N PRO D 195 16.82 -1.74 44.77
CA PRO D 195 17.84 -2.77 44.99
C PRO D 195 19.14 -2.53 44.20
N LEU D 196 19.06 -1.77 43.12
CA LEU D 196 20.24 -1.42 42.31
C LEU D 196 21.18 -0.48 43.05
N MET D 197 20.60 0.53 43.72
CA MET D 197 21.37 1.51 44.48
C MET D 197 22.03 0.88 45.71
N ALA D 198 21.31 -0.05 46.34
CA ALA D 198 21.82 -0.76 47.51
C ALA D 198 22.92 -1.74 47.12
N GLY D 199 22.83 -2.30 45.91
CA GLY D 199 23.81 -3.24 45.41
C GLY D 199 25.16 -2.60 45.07
N LEU D 200 25.11 -1.42 44.47
CA LEU D 200 26.31 -0.72 44.03
C LEU D 200 27.16 -0.17 45.18
N LYS D 201 26.49 0.25 46.26
CA LYS D 201 27.19 0.78 47.43
C LYS D 201 27.67 -0.32 48.38
N GLN D 202 27.09 -1.52 48.26
CA GLN D 202 27.50 -2.67 49.07
C GLN D 202 28.91 -3.15 48.69
N ALA D 203 29.90 -2.57 49.38
CA ALA D 203 31.35 -2.77 49.16
C ALA D 203 31.81 -3.43 47.85
N GLY D 204 31.70 -2.72 46.72
CA GLY D 204 31.08 -1.40 46.65
C GLY D 204 32.02 -0.21 46.68
N LEU D 205 31.87 0.66 45.70
CA LEU D 205 32.60 1.92 45.65
C LEU D 205 31.73 2.97 44.96
N LYS D 206 31.20 3.90 45.76
CA LYS D 206 30.31 4.97 45.29
C LYS D 206 30.89 5.74 44.09
N VAL D 207 30.12 6.08 43.05
CA VAL D 207 28.64 6.04 42.85
C VAL D 207 28.13 7.47 42.58
N GLY D 208 27.34 7.62 41.53
CA GLY D 208 26.80 8.93 41.14
C GLY D 208 25.33 9.07 41.47
N THR D 209 24.85 10.31 41.44
CA THR D 209 23.43 10.60 41.70
C THR D 209 22.61 10.34 40.44
N PRO D 210 21.48 9.62 40.59
CA PRO D 210 20.64 9.27 39.44
C PRO D 210 19.84 10.45 38.91
N PHE D 211 19.61 10.47 37.61
CA PHE D 211 18.79 11.51 36.99
C PHE D 211 17.93 10.98 35.83
N PHE D 212 16.87 11.70 35.52
CA PHE D 212 15.95 11.30 34.46
C PHE D 212 16.14 12.14 33.20
N VAL D 213 16.52 11.46 32.12
CA VAL D 213 16.62 12.10 30.81
C VAL D 213 15.32 11.89 30.03
N ARG D 214 14.63 12.98 29.74
CA ARG D 214 13.42 12.92 28.94
C ARG D 214 13.80 12.88 27.46
N TYR D 215 13.05 12.09 26.69
CA TYR D 215 13.28 11.88 25.26
C TYR D 215 14.72 11.41 24.97
N GLY D 216 15.14 10.35 25.65
CA GLY D 216 16.51 9.88 25.54
C GLY D 216 16.68 8.65 24.68
N ARG D 217 17.74 8.66 23.87
CA ARG D 217 18.12 7.50 23.07
C ARG D 217 19.46 7.00 23.59
N VAL D 218 19.79 5.75 23.30
CA VAL D 218 20.93 5.05 23.91
C VAL D 218 22.27 5.79 23.80
N LYS D 219 22.55 6.37 22.64
CA LYS D 219 23.82 7.06 22.39
C LYS D 219 24.03 8.33 23.23
N ILE D 220 23.02 8.73 23.99
CA ILE D 220 23.11 9.91 24.86
C ILE D 220 24.02 9.67 26.07
N GLU D 221 24.28 8.40 26.38
CA GLU D 221 25.14 8.04 27.51
C GLU D 221 26.62 8.24 27.20
N ASP D 222 26.93 8.43 25.91
CA ASP D 222 28.29 8.75 25.48
C ASP D 222 28.68 10.17 25.90
N GLN D 223 27.72 11.08 25.80
CA GLN D 223 27.92 12.46 26.22
C GLN D 223 27.94 12.57 27.75
N ILE D 224 27.07 11.80 28.40
CA ILE D 224 26.96 11.77 29.86
C ILE D 224 28.25 11.25 30.50
N GLY D 225 28.88 10.26 29.85
CA GLY D 225 30.16 9.72 30.30
C GLY D 225 31.31 10.70 30.25
N GLU D 226 31.31 11.57 29.23
CA GLU D 226 32.34 12.60 29.09
C GLU D 226 32.12 13.77 30.04
N ILE D 227 30.88 14.25 30.11
CA ILE D 227 30.52 15.41 30.92
C ILE D 227 30.75 15.19 32.42
N LEU D 228 30.23 14.08 32.93
CA LEU D 228 30.36 13.76 34.36
C LEU D 228 31.66 13.04 34.70
N GLY D 229 32.39 12.59 33.68
CA GLY D 229 33.64 11.88 33.87
C GLY D 229 33.46 10.46 34.39
N ALA D 230 32.31 9.87 34.05
CA ALA D 230 31.91 8.57 34.58
C ALA D 230 32.73 7.40 34.02
N LYS D 231 33.06 6.47 34.90
CA LYS D 231 33.86 5.30 34.54
C LYS D 231 32.96 4.24 33.90
N VAL D 232 31.78 4.06 34.47
CA VAL D 232 30.77 3.14 33.94
C VAL D 232 29.41 3.86 33.91
N VAL D 233 28.79 3.89 32.74
CA VAL D 233 27.48 4.52 32.60
C VAL D 233 26.42 3.47 32.29
N ILE D 234 25.43 3.36 33.17
CA ILE D 234 24.33 2.43 32.93
C ILE D 234 23.01 3.17 32.63
N LEU D 235 22.31 2.73 31.59
CA LEU D 235 21.10 3.40 31.13
C LEU D 235 19.89 2.47 31.11
N LEU D 236 19.00 2.65 32.09
CA LEU D 236 17.74 1.93 32.11
C LEU D 236 16.74 2.68 31.24
N VAL D 237 16.41 2.09 30.10
CA VAL D 237 15.61 2.76 29.08
C VAL D 237 14.51 1.86 28.49
N GLY D 238 13.35 2.45 28.23
CA GLY D 238 12.23 1.71 27.65
C GLY D 238 12.39 1.41 26.17
N GLU D 239 12.32 0.12 25.84
CA GLU D 239 12.41 -0.31 24.46
C GLU D 239 11.05 -0.15 23.77
N ARG D 240 11.05 -0.14 22.43
CA ARG D 240 9.82 0.08 21.67
C ARG D 240 8.73 -0.92 22.07
N PRO D 241 7.47 -0.47 22.20
CA PRO D 241 6.45 -1.33 22.78
C PRO D 241 6.03 -2.48 21.87
N GLY D 242 5.75 -3.63 22.48
CA GLY D 242 5.25 -4.79 21.76
C GLY D 242 3.75 -4.70 21.59
N LEU D 243 3.18 -5.75 20.97
CA LEU D 243 1.75 -5.80 20.70
C LEU D 243 0.93 -5.97 21.98
N GLY D 244 1.28 -6.97 22.79
CA GLY D 244 0.50 -7.28 23.99
C GLY D 244 1.13 -6.83 25.29
N GLN D 245 2.31 -6.24 25.21
CA GLN D 245 3.06 -5.82 26.39
C GLN D 245 3.87 -4.56 26.09
N SER D 246 3.93 -3.66 27.06
CA SER D 246 4.66 -2.40 26.88
C SER D 246 5.63 -2.08 28.03
N GLU D 247 5.78 -3.01 28.97
CA GLU D 247 6.57 -2.74 30.16
C GLU D 247 7.99 -3.32 30.17
N SER D 248 8.51 -3.64 28.98
CA SER D 248 9.84 -4.24 28.85
C SER D 248 10.95 -3.19 28.90
N LEU D 249 11.89 -3.39 29.84
CA LEU D 249 12.98 -2.43 30.05
C LEU D 249 14.32 -2.99 29.57
N SER D 250 15.18 -2.12 29.06
CA SER D 250 16.54 -2.50 28.69
C SER D 250 17.58 -1.68 29.44
N CYS D 251 18.70 -2.33 29.75
CA CYS D 251 19.85 -1.66 30.33
C CYS D 251 21.02 -1.67 29.34
N TYR D 252 21.62 -0.50 29.12
CA TYR D 252 22.78 -0.36 28.25
C TYR D 252 23.94 0.23 29.04
N ALA D 253 25.11 -0.40 28.94
CA ALA D 253 26.25 -0.02 29.78
C ALA D 253 27.58 0.06 29.03
N VAL D 254 28.30 1.16 29.21
CA VAL D 254 29.62 1.38 28.61
C VAL D 254 30.68 1.77 29.64
N TYR D 255 31.88 1.23 29.47
CA TYR D 255 33.02 1.62 30.28
C TYR D 255 33.72 2.81 29.64
N SER D 256 33.77 3.93 30.38
CA SER D 256 34.42 5.18 29.96
C SER D 256 34.12 5.56 28.50
N PRO D 257 32.87 5.99 28.22
CA PRO D 257 32.46 6.21 26.83
C PRO D 257 32.97 7.54 26.25
N ARG D 258 33.03 7.59 24.92
CA ARG D 258 33.45 8.78 24.18
C ARG D 258 32.57 8.92 22.95
N MET D 259 32.16 10.15 22.63
CA MET D 259 31.21 10.40 21.54
C MET D 259 31.80 10.11 20.16
N ALA D 260 33.11 10.30 20.02
CA ALA D 260 33.78 10.13 18.74
C ALA D 260 34.29 8.71 18.48
N THR D 261 34.68 8.01 19.54
CA THR D 261 35.37 6.72 19.40
C THR D 261 34.52 5.49 19.71
N THR D 262 33.69 5.58 20.75
CA THR D 262 32.96 4.41 21.24
C THR D 262 31.84 3.99 20.29
N VAL D 263 31.77 2.68 20.01
CA VAL D 263 30.79 2.14 19.07
C VAL D 263 29.64 1.47 19.83
N GLU D 264 28.69 0.91 19.09
CA GLU D 264 27.54 0.26 19.71
C GLU D 264 27.91 -1.13 20.26
N ALA D 265 28.92 -1.75 19.65
CA ALA D 265 29.43 -3.05 20.13
C ALA D 265 30.21 -2.91 21.43
N ASP D 266 30.55 -1.68 21.80
CA ASP D 266 31.25 -1.41 23.06
C ASP D 266 30.31 -1.50 24.26
N ARG D 267 29.01 -1.49 24.02
CA ARG D 267 28.02 -1.55 25.10
C ARG D 267 27.63 -2.98 25.45
N THR D 268 27.27 -3.19 26.71
CA THR D 268 26.67 -4.45 27.13
C THR D 268 25.17 -4.23 27.33
N CYS D 269 24.36 -5.06 26.70
CA CYS D 269 22.91 -4.94 26.78
C CYS D 269 22.27 -6.08 27.55
N ILE D 270 21.48 -5.74 28.56
CA ILE D 270 20.56 -6.70 29.15
C ILE D 270 19.12 -6.24 28.95
N SER D 271 18.35 -7.04 28.23
CA SER D 271 17.03 -6.64 27.77
C SER D 271 15.91 -7.48 28.36
N ASN D 272 14.68 -7.16 27.97
CA ASN D 272 13.47 -7.85 28.40
C ASN D 272 13.28 -7.89 29.92
N ILE D 273 13.63 -6.78 30.57
CA ILE D 273 13.46 -6.65 32.01
C ILE D 273 12.03 -6.24 32.33
N HIS D 274 11.26 -7.21 32.79
CA HIS D 274 9.89 -7.02 33.29
C HIS D 274 9.45 -8.32 33.97
N GLN D 275 8.24 -8.33 34.52
CA GLN D 275 7.75 -9.47 35.29
C GLN D 275 7.59 -10.74 34.45
N GLY D 276 7.27 -10.57 33.17
CA GLY D 276 7.15 -11.69 32.24
C GLY D 276 8.45 -12.09 31.55
N GLY D 277 9.54 -11.44 31.94
CA GLY D 277 10.87 -11.75 31.43
C GLY D 277 11.82 -12.02 32.58
N THR D 278 12.89 -11.24 32.66
CA THR D 278 13.76 -11.27 33.84
C THR D 278 13.33 -10.19 34.83
N PRO D 279 12.81 -10.60 36.00
CA PRO D 279 12.23 -9.70 37.01
C PRO D 279 13.22 -8.65 37.50
N PRO D 280 12.75 -7.41 37.74
CA PRO D 280 13.56 -6.26 38.18
C PRO D 280 14.47 -6.53 39.39
N VAL D 281 13.99 -7.26 40.39
CA VAL D 281 14.81 -7.60 41.57
C VAL D 281 16.01 -8.47 41.16
N GLU D 282 15.75 -9.46 40.31
CA GLU D 282 16.79 -10.35 39.79
C GLU D 282 17.72 -9.59 38.84
N ALA D 283 17.15 -8.66 38.08
CA ALA D 283 17.88 -7.90 37.07
C ALA D 283 18.75 -6.81 37.67
N ALA D 284 18.41 -6.37 38.89
CA ALA D 284 19.22 -5.38 39.60
C ALA D 284 20.52 -6.01 40.07
N ALA D 285 20.43 -7.26 40.54
CA ALA D 285 21.58 -8.01 41.04
C ALA D 285 22.52 -8.45 39.92
N VAL D 286 21.97 -8.58 38.71
CA VAL D 286 22.76 -8.97 37.56
C VAL D 286 23.47 -7.76 36.94
N ILE D 287 22.96 -6.56 37.21
CA ILE D 287 23.61 -5.32 36.77
C ILE D 287 24.83 -4.99 37.65
N VAL D 288 24.67 -5.10 38.97
CA VAL D 288 25.77 -4.82 39.91
C VAL D 288 26.91 -5.83 39.75
N ASP D 289 26.57 -7.07 39.37
CA ASP D 289 27.57 -8.10 39.10
C ASP D 289 28.30 -7.79 37.80
N LEU D 290 27.56 -7.30 36.81
CA LEU D 290 28.13 -6.86 35.54
C LEU D 290 29.01 -5.63 35.73
N ALA D 291 28.56 -4.71 36.60
CA ALA D 291 29.31 -3.50 36.91
C ALA D 291 30.63 -3.81 37.63
N LYS D 292 30.60 -4.81 38.52
CA LYS D 292 31.78 -5.27 39.24
C LYS D 292 32.80 -5.90 38.29
N ARG D 293 32.31 -6.69 37.34
CA ARG D 293 33.15 -7.35 36.35
C ARG D 293 33.66 -6.37 35.29
N MET D 294 32.94 -5.26 35.14
CA MET D 294 33.26 -4.23 34.15
C MET D 294 34.47 -3.40 34.55
N LEU D 295 34.53 -2.99 35.81
CA LEU D 295 35.59 -2.12 36.32
C LEU D 295 36.93 -2.84 36.47
N GLU D 296 36.89 -4.11 36.86
CA GLU D 296 38.12 -4.89 37.04
C GLU D 296 38.73 -5.39 35.73
N GLN D 297 37.91 -5.46 34.68
CA GLN D 297 38.40 -5.86 33.36
C GLN D 297 38.80 -4.65 32.51
N LYS D 298 38.36 -3.46 32.93
CA LYS D 298 38.59 -2.19 32.22
C LYS D 298 38.02 -2.19 30.79
N ALA D 299 36.92 -2.92 30.60
CA ALA D 299 36.29 -3.06 29.29
C ALA D 299 34.79 -3.37 29.40
N SER D 300 34.08 -3.14 28.29
CA SER D 300 32.65 -3.44 28.22
C SER D 300 32.24 -4.00 26.85
N GLY D 301 31.08 -4.66 26.80
CA GLY D 301 30.55 -5.19 25.55
C GLY D 301 31.26 -6.42 25.03
N ILE D 302 31.64 -6.39 23.76
CA ILE D 302 32.34 -7.49 23.11
C ILE D 302 33.80 -7.58 23.57
N ASN D 303 34.26 -6.53 24.27
CA ASN D 303 35.62 -6.46 24.77
C ASN D 303 35.80 -7.18 26.11
N MET D 304 34.69 -7.57 26.74
CA MET D 304 34.72 -8.31 28.00
C MET D 304 35.06 -9.79 27.75
N THR D 305 35.50 -10.46 28.80
CA THR D 305 35.86 -11.88 28.72
C THR D 305 34.63 -12.77 28.87
N ARG D 306 34.63 -13.88 28.11
CA ARG D 306 33.59 -14.91 28.15
C ARG D 306 32.19 -14.36 27.90
#